data_5OQK
#
_entry.id   5OQK
#
_entity_poly.entity_id   1
_entity_poly.type   'polypeptide(L)'
_entity_poly.pdbx_seq_one_letter_code
;SHMRAPLDFRGMLRKLFSSHRFQVIIICLVVLDALLVLAELILDLKIIQPDKNNYAAMVFHYMSITILVFFMMEIIFKLF
VFRLEFFHHKFEILDAVVVVVSFILDIVLLFQEHQFEALGLLILLRLWRVARIINGIIISVKTRSER
;
_entity_poly.pdbx_strand_id   A
#
# COMPACT_ATOMS: atom_id res chain seq x y z
N SER A 1 -2.86 11.05 -22.21
CA SER A 1 -3.93 11.31 -23.16
C SER A 1 -5.20 10.55 -22.79
N HIS A 2 -6.35 11.16 -23.06
CA HIS A 2 -7.63 10.55 -22.76
C HIS A 2 -8.43 10.30 -24.04
N MET A 3 -9.30 9.29 -24.01
CA MET A 3 -10.13 8.95 -25.16
C MET A 3 -9.27 8.73 -26.39
N ARG A 4 -8.14 8.04 -26.20
CA ARG A 4 -7.23 7.75 -27.30
C ARG A 4 -6.09 6.84 -26.84
N ALA A 5 -6.45 5.64 -26.40
CA ALA A 5 -5.48 4.67 -25.94
C ALA A 5 -6.13 3.33 -25.62
N PRO A 6 -5.32 2.26 -25.59
CA PRO A 6 -5.80 0.91 -25.29
C PRO A 6 -6.23 0.75 -23.84
N LEU A 7 -6.86 -0.38 -23.53
CA LEU A 7 -7.32 -0.66 -22.18
C LEU A 7 -7.50 -2.16 -21.96
N ASP A 8 -8.01 -2.84 -22.99
CA ASP A 8 -8.24 -4.28 -22.91
C ASP A 8 -6.98 -5.04 -23.27
N PHE A 9 -6.21 -4.51 -24.22
CA PHE A 9 -4.98 -5.15 -24.66
C PHE A 9 -3.90 -5.03 -23.59
N ARG A 10 -3.57 -3.80 -23.22
CA ARG A 10 -2.55 -3.55 -22.21
C ARG A 10 -2.84 -4.34 -20.94
N GLY A 11 -4.11 -4.44 -20.58
CA GLY A 11 -4.51 -5.17 -19.39
C GLY A 11 -4.19 -6.65 -19.49
N MET A 12 -4.42 -7.23 -20.66
CA MET A 12 -4.15 -8.64 -20.88
C MET A 12 -2.65 -8.93 -20.83
N LEU A 13 -1.86 -8.02 -21.39
CA LEU A 13 -0.41 -8.18 -21.41
C LEU A 13 0.16 -8.13 -20.00
N ARG A 14 -0.17 -7.07 -19.27
CA ARG A 14 0.31 -6.90 -17.90
C ARG A 14 -0.16 -8.05 -17.02
N LYS A 15 -1.43 -8.42 -17.15
CA LYS A 15 -2.00 -9.51 -16.36
C LYS A 15 -1.38 -10.84 -16.74
N LEU A 16 -1.07 -11.00 -18.03
CA LEU A 16 -0.46 -12.22 -18.52
C LEU A 16 0.92 -12.44 -17.91
N PHE A 17 1.80 -11.44 -18.08
CA PHE A 17 3.15 -11.52 -17.55
C PHE A 17 3.13 -11.63 -16.03
N SER A 18 2.43 -10.71 -15.39
CA SER A 18 2.33 -10.70 -13.92
C SER A 18 1.89 -12.07 -13.41
N SER A 19 0.78 -12.57 -13.96
CA SER A 19 0.25 -13.86 -13.55
C SER A 19 1.29 -14.96 -13.71
N HIS A 20 1.90 -15.02 -14.89
CA HIS A 20 2.93 -16.03 -15.16
C HIS A 20 4.10 -15.89 -14.19
N ARG A 21 4.43 -14.66 -13.83
CA ARG A 21 5.52 -14.40 -12.91
C ARG A 21 5.01 -14.25 -11.47
N PHE A 22 4.04 -15.08 -11.12
CA PHE A 22 3.46 -15.05 -9.78
C PHE A 22 4.56 -15.06 -8.71
N GLN A 23 5.47 -16.02 -8.83
CA GLN A 23 6.57 -16.14 -7.88
C GLN A 23 7.39 -14.86 -7.83
N VAL A 24 7.66 -14.28 -8.98
CA VAL A 24 8.43 -13.06 -9.08
C VAL A 24 7.74 -11.91 -8.35
N ILE A 25 6.41 -11.90 -8.41
CA ILE A 25 5.62 -10.86 -7.75
C ILE A 25 5.67 -11.02 -6.23
N ILE A 26 5.23 -12.17 -5.74
CA ILE A 26 5.23 -12.44 -4.31
C ILE A 26 6.61 -12.20 -3.70
N ILE A 27 7.65 -12.64 -4.40
CA ILE A 27 9.01 -12.46 -3.92
C ILE A 27 9.43 -11.00 -3.97
N CYS A 28 9.14 -10.34 -5.09
CA CYS A 28 9.48 -8.94 -5.27
C CYS A 28 8.81 -8.08 -4.21
N LEU A 29 7.59 -8.45 -3.84
CA LEU A 29 6.83 -7.72 -2.83
C LEU A 29 7.42 -7.94 -1.44
N VAL A 30 7.60 -9.20 -1.07
CA VAL A 30 8.16 -9.55 0.23
C VAL A 30 9.52 -8.88 0.43
N VAL A 31 10.31 -8.80 -0.63
CA VAL A 31 11.63 -8.19 -0.56
C VAL A 31 11.52 -6.68 -0.44
N LEU A 32 10.77 -6.06 -1.35
CA LEU A 32 10.59 -4.62 -1.34
C LEU A 32 10.10 -4.13 0.01
N ASP A 33 9.10 -4.83 0.56
CA ASP A 33 8.55 -4.47 1.87
C ASP A 33 9.56 -4.74 2.98
N ALA A 34 10.08 -5.96 3.02
CA ALA A 34 11.05 -6.34 4.04
C ALA A 34 12.21 -5.36 4.09
N LEU A 35 12.69 -4.97 2.91
CA LEU A 35 13.80 -4.02 2.82
C LEU A 35 13.39 -2.64 3.30
N LEU A 36 12.26 -2.15 2.79
CA LEU A 36 11.75 -0.84 3.17
C LEU A 36 11.58 -0.74 4.68
N VAL A 37 10.85 -1.70 5.26
CA VAL A 37 10.62 -1.72 6.69
C VAL A 37 11.93 -1.79 7.46
N LEU A 38 12.73 -2.82 7.17
CA LEU A 38 14.01 -3.01 7.83
C LEU A 38 14.85 -1.74 7.77
N ALA A 39 15.07 -1.23 6.55
CA ALA A 39 15.85 -0.01 6.36
C ALA A 39 15.33 1.11 7.24
N GLU A 40 14.01 1.30 7.23
CA GLU A 40 13.39 2.36 8.03
C GLU A 40 13.65 2.14 9.51
N LEU A 41 13.70 0.88 9.92
CA LEU A 41 13.94 0.54 11.32
C LEU A 41 15.36 0.93 11.74
N ILE A 42 16.35 0.43 11.03
CA ILE A 42 17.74 0.73 11.32
C ILE A 42 18.01 2.23 11.23
N LEU A 43 17.32 2.88 10.30
CA LEU A 43 17.48 4.32 10.11
C LEU A 43 16.78 5.10 11.21
N ASP A 44 15.64 4.59 11.67
CA ASP A 44 14.87 5.24 12.72
C ASP A 44 15.59 5.12 14.06
N LEU A 45 16.25 3.98 14.28
CA LEU A 45 16.97 3.75 15.52
C LEU A 45 17.97 4.87 15.80
N LYS A 46 18.61 5.35 14.74
CA LYS A 46 19.57 6.43 14.87
C LYS A 46 18.97 7.64 15.58
N ILE A 47 17.67 7.85 15.36
CA ILE A 47 16.97 8.96 15.98
C ILE A 47 16.65 8.67 17.43
N ILE A 48 16.48 7.39 17.75
CA ILE A 48 16.17 6.97 19.12
C ILE A 48 14.74 7.32 19.49
N GLN A 49 14.43 8.62 19.48
CA GLN A 49 13.08 9.09 19.81
C GLN A 49 12.68 10.26 18.92
N PRO A 50 11.37 10.48 18.81
CA PRO A 50 10.81 11.57 17.99
C PRO A 50 11.10 12.94 18.59
N ASP A 51 12.04 13.66 17.99
CA ASP A 51 12.42 14.99 18.47
C ASP A 51 12.26 16.02 17.35
N LYS A 52 11.21 15.87 16.55
CA LYS A 52 10.94 16.79 15.46
C LYS A 52 9.44 17.03 15.29
N ASN A 53 8.74 16.01 14.79
CA ASN A 53 7.30 16.10 14.59
C ASN A 53 6.94 17.35 13.79
N ASN A 54 7.27 17.33 12.50
CA ASN A 54 6.98 18.47 11.63
C ASN A 54 7.45 18.19 10.21
N TYR A 55 8.76 18.32 9.99
CA TYR A 55 9.35 18.08 8.68
C TYR A 55 9.46 16.59 8.40
N ALA A 56 10.23 15.90 9.24
CA ALA A 56 10.42 14.46 9.08
C ALA A 56 9.09 13.73 9.00
N ALA A 57 8.22 13.99 9.97
CA ALA A 57 6.90 13.35 10.01
C ALA A 57 6.10 13.68 8.75
N MET A 58 6.27 14.90 8.26
CA MET A 58 5.55 15.34 7.05
C MET A 58 5.95 14.49 5.86
N VAL A 59 7.25 14.43 5.58
CA VAL A 59 7.75 13.66 4.46
C VAL A 59 7.55 12.16 4.68
N PHE A 60 7.56 11.75 5.94
CA PHE A 60 7.38 10.34 6.29
C PHE A 60 5.95 9.89 5.96
N HIS A 61 4.97 10.65 6.44
CA HIS A 61 3.57 10.33 6.21
C HIS A 61 3.22 10.45 4.73
N TYR A 62 3.61 11.57 4.12
CA TYR A 62 3.34 11.81 2.71
C TYR A 62 3.92 10.69 1.85
N MET A 63 5.20 10.42 2.05
CA MET A 63 5.89 9.37 1.30
C MET A 63 5.30 8.00 1.60
N SER A 64 4.83 7.82 2.83
CA SER A 64 4.25 6.55 3.26
C SER A 64 2.92 6.30 2.54
N ILE A 65 1.95 7.16 2.82
CA ILE A 65 0.63 7.05 2.20
C ILE A 65 0.73 6.93 0.69
N THR A 66 1.63 7.72 0.11
CA THR A 66 1.84 7.71 -1.34
C THR A 66 2.28 6.33 -1.82
N ILE A 67 3.42 5.87 -1.32
CA ILE A 67 3.96 4.57 -1.70
C ILE A 67 2.96 3.46 -1.39
N LEU A 68 2.22 3.62 -0.30
CA LEU A 68 1.24 2.63 0.12
C LEU A 68 0.16 2.46 -0.95
N VAL A 69 -0.62 3.52 -1.17
CA VAL A 69 -1.68 3.49 -2.17
C VAL A 69 -1.12 3.21 -3.56
N PHE A 70 -0.07 3.94 -3.92
CA PHE A 70 0.56 3.78 -5.23
C PHE A 70 0.88 2.31 -5.49
N PHE A 71 1.69 1.72 -4.62
CA PHE A 71 2.08 0.32 -4.76
C PHE A 71 0.86 -0.60 -4.74
N MET A 72 -0.13 -0.23 -3.93
CA MET A 72 -1.35 -1.01 -3.81
C MET A 72 -2.02 -1.18 -5.18
N MET A 73 -2.36 -0.06 -5.82
CA MET A 73 -2.99 -0.10 -7.13
C MET A 73 -2.07 -0.71 -8.18
N GLU A 74 -0.77 -0.44 -8.03
CA GLU A 74 0.22 -0.96 -8.97
C GLU A 74 0.15 -2.48 -9.03
N ILE A 75 0.12 -3.13 -7.88
CA ILE A 75 0.06 -4.58 -7.81
C ILE A 75 -1.33 -5.09 -8.20
N ILE A 76 -2.35 -4.56 -7.54
CA ILE A 76 -3.73 -4.95 -7.81
C ILE A 76 -4.04 -4.85 -9.30
N PHE A 77 -3.47 -3.84 -9.96
CA PHE A 77 -3.68 -3.62 -11.38
C PHE A 77 -2.84 -4.59 -12.20
N LYS A 78 -1.54 -4.64 -11.91
CA LYS A 78 -0.62 -5.53 -12.62
C LYS A 78 -1.12 -6.96 -12.59
N LEU A 79 -1.72 -7.36 -11.47
CA LEU A 79 -2.24 -8.71 -11.32
C LEU A 79 -3.53 -8.71 -10.49
N PHE A 80 -4.65 -8.87 -11.17
CA PHE A 80 -5.95 -8.89 -10.50
C PHE A 80 -6.43 -10.32 -10.29
N VAL A 81 -7.47 -10.48 -9.47
CA VAL A 81 -8.03 -11.80 -9.18
C VAL A 81 -9.42 -11.94 -9.79
N PHE A 82 -10.39 -11.20 -9.25
CA PHE A 82 -11.76 -11.26 -9.75
C PHE A 82 -12.25 -9.87 -10.11
N ARG A 83 -12.49 -9.04 -9.10
CA ARG A 83 -12.97 -7.68 -9.32
C ARG A 83 -14.34 -7.70 -9.98
N LEU A 84 -15.39 -7.63 -9.16
CA LEU A 84 -16.75 -7.64 -9.67
C LEU A 84 -16.99 -6.47 -10.62
N GLU A 85 -17.17 -6.78 -11.89
CA GLU A 85 -17.40 -5.75 -12.90
C GLU A 85 -16.30 -4.70 -12.88
N PHE A 86 -16.50 -3.62 -13.62
CA PHE A 86 -15.52 -2.54 -13.69
C PHE A 86 -15.75 -1.53 -12.56
N PHE A 87 -17.01 -1.18 -12.33
CA PHE A 87 -17.37 -0.23 -11.29
C PHE A 87 -16.76 -0.63 -9.95
N HIS A 88 -16.81 0.27 -8.98
CA HIS A 88 -16.27 0.01 -7.66
C HIS A 88 -17.38 -0.32 -6.67
N HIS A 89 -17.10 -1.26 -5.77
CA HIS A 89 -18.09 -1.67 -4.76
C HIS A 89 -17.89 -0.90 -3.46
N LYS A 90 -18.67 -1.24 -2.46
CA LYS A 90 -18.59 -0.59 -1.16
C LYS A 90 -17.25 -0.87 -0.50
N PHE A 91 -16.74 -2.08 -0.68
CA PHE A 91 -15.46 -2.48 -0.11
C PHE A 91 -14.31 -1.71 -0.74
N GLU A 92 -14.42 -1.46 -2.04
CA GLU A 92 -13.39 -0.73 -2.77
C GLU A 92 -13.33 0.73 -2.31
N ILE A 93 -14.46 1.40 -2.34
CA ILE A 93 -14.54 2.80 -1.92
C ILE A 93 -14.18 2.95 -0.45
N LEU A 94 -14.56 1.97 0.35
CA LEU A 94 -14.26 2.00 1.79
C LEU A 94 -12.78 2.23 2.04
N ASP A 95 -11.94 1.45 1.35
CA ASP A 95 -10.50 1.57 1.49
C ASP A 95 -10.05 3.02 1.34
N ALA A 96 -10.54 3.67 0.28
CA ALA A 96 -10.19 5.06 0.01
C ALA A 96 -10.56 5.95 1.19
N VAL A 97 -11.82 5.92 1.59
CA VAL A 97 -12.30 6.72 2.71
C VAL A 97 -11.49 6.46 3.97
N VAL A 98 -11.36 5.18 4.32
CA VAL A 98 -10.60 4.79 5.50
C VAL A 98 -9.21 5.43 5.50
N VAL A 99 -8.50 5.32 4.39
CA VAL A 99 -7.17 5.89 4.27
C VAL A 99 -7.21 7.41 4.43
N VAL A 100 -8.25 8.03 3.88
CA VAL A 100 -8.41 9.48 3.96
C VAL A 100 -8.47 9.94 5.41
N VAL A 101 -9.34 9.31 6.18
CA VAL A 101 -9.51 9.65 7.59
C VAL A 101 -8.23 9.40 8.37
N SER A 102 -7.62 8.24 8.13
CA SER A 102 -6.38 7.87 8.81
C SER A 102 -5.27 8.87 8.50
N PHE A 103 -5.03 9.10 7.21
CA PHE A 103 -3.99 10.03 6.79
C PHE A 103 -4.21 11.42 7.40
N ILE A 104 -5.37 12.00 7.13
CA ILE A 104 -5.71 13.32 7.65
C ILE A 104 -5.50 13.38 9.16
N LEU A 105 -6.04 12.38 9.86
CA LEU A 105 -5.91 12.31 11.32
C LEU A 105 -4.44 12.28 11.73
N ASP A 106 -3.63 11.58 10.96
CA ASP A 106 -2.20 11.47 11.25
C ASP A 106 -1.53 12.84 11.19
N ILE A 107 -1.63 13.49 10.04
CA ILE A 107 -1.03 14.81 9.86
C ILE A 107 -1.60 15.81 10.85
N VAL A 108 -2.92 15.81 11.00
CA VAL A 108 -3.59 16.72 11.92
C VAL A 108 -3.06 16.55 13.34
N LEU A 109 -2.83 15.30 13.73
CA LEU A 109 -2.31 15.01 15.07
C LEU A 109 -0.83 15.33 15.17
N LEU A 110 -0.14 15.30 14.04
CA LEU A 110 1.28 15.59 14.00
C LEU A 110 1.54 17.05 14.32
N PHE A 111 0.83 17.94 13.63
CA PHE A 111 0.98 19.38 13.84
C PHE A 111 0.03 19.87 14.93
N GLN A 112 -0.54 18.94 15.68
CA GLN A 112 -1.46 19.27 16.74
C GLN A 112 -0.71 19.56 18.04
N GLU A 113 -1.46 19.67 19.14
CA GLU A 113 -0.87 19.95 20.44
C GLU A 113 -0.76 18.67 21.27
N HIS A 114 0.34 17.95 21.10
CA HIS A 114 0.56 16.71 21.83
C HIS A 114 1.92 16.10 21.46
N GLN A 115 2.16 15.96 20.15
CA GLN A 115 3.40 15.39 19.67
C GLN A 115 3.56 13.94 20.12
N PHE A 116 4.43 13.20 19.45
CA PHE A 116 4.66 11.80 19.78
C PHE A 116 3.35 11.03 19.84
N GLU A 117 2.73 10.83 18.68
CA GLU A 117 1.47 10.11 18.60
C GLU A 117 0.98 10.02 17.16
N ALA A 118 1.24 11.07 16.38
CA ALA A 118 0.84 11.12 14.99
C ALA A 118 1.35 9.90 14.22
N LEU A 119 2.62 9.58 14.45
CA LEU A 119 3.24 8.44 13.77
C LEU A 119 2.37 7.20 13.89
N GLY A 120 1.71 7.05 15.04
CA GLY A 120 0.85 5.90 15.26
C GLY A 120 -0.12 5.68 14.11
N LEU A 121 -0.77 6.74 13.68
CA LEU A 121 -1.74 6.66 12.59
C LEU A 121 -1.10 6.04 11.34
N LEU A 122 0.16 6.39 11.09
CA LEU A 122 0.88 5.87 9.94
C LEU A 122 1.15 4.37 10.10
N ILE A 123 1.64 3.99 11.27
CA ILE A 123 1.93 2.59 11.55
C ILE A 123 0.72 1.71 11.31
N LEU A 124 -0.40 2.05 11.95
CA LEU A 124 -1.64 1.29 11.80
C LEU A 124 -2.13 1.34 10.36
N LEU A 125 -1.96 2.49 9.72
CA LEU A 125 -2.38 2.67 8.34
C LEU A 125 -1.76 1.61 7.43
N ARG A 126 -0.44 1.61 7.37
CA ARG A 126 0.29 0.65 6.54
C ARG A 126 0.07 -0.78 7.04
N LEU A 127 -0.09 -0.92 8.36
CA LEU A 127 -0.30 -2.23 8.97
C LEU A 127 -1.52 -2.92 8.35
N TRP A 128 -2.70 -2.37 8.61
CA TRP A 128 -3.93 -2.93 8.09
C TRP A 128 -3.93 -2.92 6.55
N ARG A 129 -3.40 -1.84 5.98
CA ARG A 129 -3.33 -1.71 4.53
C ARG A 129 -2.54 -2.86 3.91
N VAL A 130 -1.22 -2.85 4.11
CA VAL A 130 -0.36 -3.88 3.58
C VAL A 130 -0.88 -5.28 3.93
N ALA A 131 -1.12 -5.51 5.22
CA ALA A 131 -1.62 -6.79 5.69
C ALA A 131 -2.84 -7.22 4.89
N ARG A 132 -3.80 -6.32 4.73
CA ARG A 132 -5.02 -6.61 3.98
C ARG A 132 -4.68 -7.05 2.56
N ILE A 133 -3.84 -6.28 1.89
CA ILE A 133 -3.44 -6.58 0.52
C ILE A 133 -2.90 -8.00 0.41
N ILE A 134 -1.77 -8.26 1.08
CA ILE A 134 -1.15 -9.57 1.06
C ILE A 134 -2.12 -10.65 1.50
N ASN A 135 -2.63 -10.50 2.72
CA ASN A 135 -3.59 -11.47 3.28
C ASN A 135 -4.72 -11.72 2.29
N GLY A 136 -5.04 -10.73 1.48
CA GLY A 136 -6.10 -10.87 0.50
C GLY A 136 -5.70 -11.75 -0.67
N ILE A 137 -4.55 -11.46 -1.26
CA ILE A 137 -4.06 -12.24 -2.39
C ILE A 137 -3.71 -13.67 -1.97
N ILE A 138 -3.21 -13.82 -0.75
CA ILE A 138 -2.84 -15.14 -0.24
C ILE A 138 -4.08 -15.97 0.06
N ILE A 139 -5.02 -15.39 0.81
CA ILE A 139 -6.25 -16.08 1.17
C ILE A 139 -7.09 -16.38 -0.07
N SER A 140 -6.99 -15.50 -1.07
CA SER A 140 -7.74 -15.67 -2.31
C SER A 140 -7.11 -16.73 -3.20
N VAL A 141 -5.77 -16.81 -3.16
CA VAL A 141 -5.04 -17.78 -3.96
C VAL A 141 -5.10 -19.17 -3.32
N LYS A 142 -4.90 -19.21 -2.01
CA LYS A 142 -4.94 -20.48 -1.27
C LYS A 142 -6.33 -21.09 -1.30
N THR A 143 -7.35 -20.23 -1.19
CA THR A 143 -8.74 -20.68 -1.21
C THR A 143 -9.16 -21.12 -2.60
N ARG A 144 -8.57 -20.51 -3.62
CA ARG A 144 -8.89 -20.83 -5.00
C ARG A 144 -8.16 -22.10 -5.44
N SER A 145 -6.87 -22.16 -5.14
CA SER A 145 -6.05 -23.31 -5.52
C SER A 145 -6.63 -24.60 -4.94
N GLU A 146 -5.99 -25.72 -5.25
CA GLU A 146 -6.45 -27.02 -4.77
C GLU A 146 -6.59 -27.01 -3.24
N ARG A 147 -5.71 -26.28 -2.58
CA ARG A 147 -5.74 -26.18 -1.12
C ARG A 147 -6.74 -25.14 -0.66
N SER A 1 -7.67 -0.78 -39.28
CA SER A 1 -6.84 -1.92 -38.90
C SER A 1 -5.56 -1.95 -39.73
N HIS A 2 -4.71 -0.95 -39.53
CA HIS A 2 -3.45 -0.87 -40.27
C HIS A 2 -2.53 0.18 -39.63
N MET A 3 -1.28 -0.21 -39.41
CA MET A 3 -0.29 0.69 -38.81
C MET A 3 -0.82 1.27 -37.51
N ARG A 4 -0.94 0.43 -36.50
CA ARG A 4 -1.44 0.86 -35.19
C ARG A 4 -1.35 -0.27 -34.17
N ALA A 5 -0.13 -0.68 -33.87
CA ALA A 5 0.09 -1.76 -32.90
C ALA A 5 -0.65 -1.49 -31.60
N PRO A 6 -0.87 -2.54 -30.81
CA PRO A 6 -1.57 -2.45 -29.52
C PRO A 6 -0.75 -1.71 -28.47
N LEU A 7 -1.32 -1.55 -27.29
CA LEU A 7 -0.65 -0.85 -26.19
C LEU A 7 -1.41 -1.01 -24.88
N ASP A 8 -2.74 -0.98 -24.98
CA ASP A 8 -3.60 -1.12 -23.80
C ASP A 8 -3.80 -2.59 -23.46
N PHE A 9 -3.89 -3.43 -24.49
CA PHE A 9 -4.09 -4.86 -24.29
C PHE A 9 -2.83 -5.52 -23.75
N ARG A 10 -1.72 -5.30 -24.45
CA ARG A 10 -0.44 -5.87 -24.05
C ARG A 10 -0.12 -5.53 -22.60
N GLY A 11 -0.44 -4.31 -22.20
CA GLY A 11 -0.18 -3.89 -20.84
C GLY A 11 -0.97 -4.68 -19.82
N MET A 12 -2.23 -4.96 -20.13
CA MET A 12 -3.10 -5.73 -19.24
C MET A 12 -2.60 -7.15 -19.10
N LEU A 13 -2.14 -7.73 -20.20
CA LEU A 13 -1.63 -9.10 -20.20
C LEU A 13 -0.38 -9.21 -19.34
N ARG A 14 0.60 -8.36 -19.61
CA ARG A 14 1.85 -8.36 -18.86
C ARG A 14 1.59 -8.12 -17.37
N LYS A 15 0.72 -7.16 -17.08
CA LYS A 15 0.39 -6.82 -15.69
C LYS A 15 -0.33 -7.99 -15.02
N LEU A 16 -1.15 -8.70 -15.78
CA LEU A 16 -1.88 -9.84 -15.25
C LEU A 16 -0.95 -10.99 -14.91
N PHE A 17 -0.13 -11.38 -15.88
CA PHE A 17 0.83 -12.47 -15.68
C PHE A 17 1.80 -12.15 -14.54
N SER A 18 2.23 -10.89 -14.49
CA SER A 18 3.17 -10.45 -13.45
C SER A 18 2.48 -10.39 -12.10
N SER A 19 1.42 -9.59 -12.00
CA SER A 19 0.68 -9.44 -10.75
C SER A 19 0.29 -10.81 -10.19
N HIS A 20 -0.03 -11.74 -11.09
CA HIS A 20 -0.43 -13.08 -10.68
C HIS A 20 0.80 -13.93 -10.36
N ARG A 21 1.87 -13.71 -11.10
CA ARG A 21 3.11 -14.47 -10.90
C ARG A 21 3.54 -14.42 -9.43
N PHE A 22 3.51 -15.57 -8.78
CA PHE A 22 3.89 -15.66 -7.37
C PHE A 22 5.24 -14.98 -7.13
N GLN A 23 6.15 -15.13 -8.08
CA GLN A 23 7.47 -14.54 -7.97
C GLN A 23 7.38 -13.02 -7.86
N VAL A 24 6.88 -12.39 -8.92
CA VAL A 24 6.73 -10.94 -8.93
C VAL A 24 5.99 -10.44 -7.70
N ILE A 25 5.09 -11.27 -7.19
CA ILE A 25 4.31 -10.90 -6.01
C ILE A 25 5.18 -10.87 -4.76
N ILE A 26 5.55 -12.05 -4.28
CA ILE A 26 6.40 -12.16 -3.09
C ILE A 26 7.64 -11.29 -3.22
N ILE A 27 8.17 -11.18 -4.44
CA ILE A 27 9.35 -10.38 -4.70
C ILE A 27 9.06 -8.90 -4.52
N CYS A 28 7.97 -8.43 -5.12
CA CYS A 28 7.58 -7.03 -5.04
C CYS A 28 7.32 -6.63 -3.59
N LEU A 29 6.76 -7.57 -2.82
CA LEU A 29 6.46 -7.32 -1.41
C LEU A 29 7.74 -7.21 -0.59
N VAL A 30 8.61 -8.19 -0.72
CA VAL A 30 9.88 -8.20 0.01
C VAL A 30 10.69 -6.95 -0.30
N VAL A 31 10.72 -6.57 -1.57
CA VAL A 31 11.46 -5.39 -2.00
C VAL A 31 10.87 -4.11 -1.41
N LEU A 32 9.56 -3.93 -1.62
CA LEU A 32 8.87 -2.75 -1.11
C LEU A 32 8.99 -2.67 0.40
N ASP A 33 8.61 -3.75 1.09
CA ASP A 33 8.68 -3.78 2.54
C ASP A 33 10.09 -3.49 3.03
N ALA A 34 11.05 -4.31 2.60
CA ALA A 34 12.44 -4.14 2.99
C ALA A 34 12.92 -2.73 2.67
N LEU A 35 12.45 -2.18 1.56
CA LEU A 35 12.84 -0.84 1.14
C LEU A 35 12.42 0.20 2.18
N LEU A 36 11.13 0.23 2.50
CA LEU A 36 10.60 1.17 3.47
C LEU A 36 11.19 0.90 4.86
N VAL A 37 11.16 -0.36 5.27
CA VAL A 37 11.70 -0.75 6.58
C VAL A 37 13.16 -0.33 6.71
N LEU A 38 13.99 -0.76 5.77
CA LEU A 38 15.41 -0.43 5.81
C LEU A 38 15.61 1.08 5.72
N ALA A 39 15.02 1.70 4.71
CA ALA A 39 15.13 3.15 4.52
C ALA A 39 14.76 3.90 5.79
N GLU A 40 13.59 3.60 6.34
CA GLU A 40 13.13 4.25 7.55
C GLU A 40 14.06 3.95 8.72
N LEU A 41 14.59 2.72 8.75
CA LEU A 41 15.50 2.31 9.81
C LEU A 41 16.73 3.21 9.86
N ILE A 42 17.43 3.30 8.73
CA ILE A 42 18.63 4.13 8.64
C ILE A 42 18.29 5.60 8.81
N LEU A 43 17.11 6.00 8.33
CA LEU A 43 16.67 7.39 8.43
C LEU A 43 16.51 7.79 9.90
N ASP A 44 15.81 6.97 10.66
CA ASP A 44 15.58 7.25 12.07
C ASP A 44 16.84 6.99 12.89
N LEU A 45 17.60 5.98 12.48
CA LEU A 45 18.83 5.61 13.17
C LEU A 45 19.89 6.70 12.98
N LYS A 46 19.89 7.34 11.82
CA LYS A 46 20.84 8.40 11.52
C LYS A 46 20.30 9.76 11.95
N ILE A 47 18.99 9.90 11.91
CA ILE A 47 18.35 11.15 12.30
C ILE A 47 18.80 12.31 11.40
N ILE A 48 17.96 12.65 10.42
CA ILE A 48 18.28 13.74 9.50
C ILE A 48 18.63 15.02 10.25
N GLN A 49 18.10 15.15 11.47
CA GLN A 49 18.35 16.32 12.29
C GLN A 49 17.69 16.19 13.66
N PRO A 50 18.20 16.93 14.65
CA PRO A 50 17.67 16.92 16.01
C PRO A 50 16.29 17.57 16.10
N ASP A 51 15.26 16.82 15.70
CA ASP A 51 13.90 17.33 15.75
C ASP A 51 12.91 16.26 15.27
N LYS A 52 11.97 15.91 16.13
CA LYS A 52 10.96 14.90 15.80
C LYS A 52 9.60 15.28 16.39
N ASN A 53 8.67 14.34 16.36
CA ASN A 53 7.33 14.56 16.89
C ASN A 53 6.66 15.73 16.17
N ASN A 54 6.94 15.87 14.88
CA ASN A 54 6.37 16.95 14.09
C ASN A 54 6.86 16.90 12.65
N TYR A 55 8.15 17.21 12.46
CA TYR A 55 8.75 17.19 11.13
C TYR A 55 9.04 15.77 10.68
N ALA A 56 9.88 15.08 11.44
CA ALA A 56 10.24 13.70 11.13
C ALA A 56 9.01 12.83 10.99
N ALA A 57 8.15 12.87 12.00
CA ALA A 57 6.92 12.07 11.99
C ALA A 57 6.06 12.40 10.77
N MET A 58 6.03 13.67 10.41
CA MET A 58 5.25 14.12 9.26
C MET A 58 5.73 13.45 7.98
N VAL A 59 7.03 13.58 7.71
CA VAL A 59 7.62 12.98 6.51
C VAL A 59 7.54 11.46 6.56
N PHE A 60 7.94 10.89 7.69
CA PHE A 60 7.92 9.44 7.87
C PHE A 60 6.52 8.89 7.66
N HIS A 61 5.55 9.49 8.34
CA HIS A 61 4.16 9.06 8.22
C HIS A 61 3.67 9.15 6.79
N TYR A 62 3.85 10.32 6.18
CA TYR A 62 3.44 10.55 4.80
C TYR A 62 3.94 9.44 3.89
N MET A 63 5.26 9.23 3.91
CA MET A 63 5.87 8.19 3.09
C MET A 63 5.22 6.84 3.33
N SER A 64 5.20 6.41 4.59
CA SER A 64 4.60 5.13 4.95
C SER A 64 3.19 5.02 4.39
N ILE A 65 2.33 5.95 4.78
CA ILE A 65 0.95 5.95 4.32
C ILE A 65 0.88 5.91 2.79
N THR A 66 1.69 6.74 2.15
CA THR A 66 1.72 6.80 0.70
C THR A 66 1.90 5.41 0.09
N ILE A 67 2.93 4.70 0.53
CA ILE A 67 3.21 3.36 0.03
C ILE A 67 2.06 2.40 0.36
N LEU A 68 1.48 2.58 1.55
CA LEU A 68 0.38 1.73 1.99
C LEU A 68 -0.80 1.83 1.02
N VAL A 69 -1.41 3.01 0.97
CA VAL A 69 -2.54 3.26 0.09
C VAL A 69 -2.21 2.89 -1.35
N PHE A 70 -1.03 3.29 -1.79
CA PHE A 70 -0.58 3.01 -3.16
C PHE A 70 -0.72 1.52 -3.48
N PHE A 71 -0.05 0.69 -2.69
CA PHE A 71 -0.09 -0.75 -2.89
C PHE A 71 -1.53 -1.26 -2.86
N MET A 72 -2.29 -0.84 -1.84
CA MET A 72 -3.68 -1.25 -1.70
C MET A 72 -4.46 -0.99 -2.99
N MET A 73 -4.41 0.25 -3.46
CA MET A 73 -5.11 0.64 -4.67
C MET A 73 -4.67 -0.22 -5.85
N GLU A 74 -3.36 -0.48 -5.93
CA GLU A 74 -2.81 -1.29 -7.01
C GLU A 74 -3.42 -2.69 -7.01
N ILE A 75 -3.49 -3.30 -5.83
CA ILE A 75 -4.05 -4.63 -5.69
C ILE A 75 -5.52 -4.65 -6.06
N ILE A 76 -6.33 -3.90 -5.31
CA ILE A 76 -7.76 -3.83 -5.57
C ILE A 76 -8.05 -3.50 -7.03
N PHE A 77 -7.17 -2.70 -7.64
CA PHE A 77 -7.32 -2.31 -9.03
C PHE A 77 -7.15 -3.51 -9.95
N LYS A 78 -5.99 -4.15 -9.85
CA LYS A 78 -5.69 -5.32 -10.68
C LYS A 78 -6.76 -6.39 -10.52
N LEU A 79 -7.28 -6.52 -9.30
CA LEU A 79 -8.31 -7.51 -9.02
C LEU A 79 -9.71 -6.93 -9.26
N PHE A 80 -9.89 -6.34 -10.44
CA PHE A 80 -11.17 -5.75 -10.81
C PHE A 80 -11.11 -5.14 -12.21
N VAL A 81 -12.28 -4.89 -12.79
CA VAL A 81 -12.37 -4.31 -14.12
C VAL A 81 -11.52 -3.05 -14.23
N PHE A 82 -10.78 -2.95 -15.34
CA PHE A 82 -9.92 -1.79 -15.57
C PHE A 82 -10.71 -0.49 -15.40
N ARG A 83 -11.55 -0.18 -16.38
CA ARG A 83 -12.35 1.04 -16.35
C ARG A 83 -11.47 2.27 -16.25
N LEU A 84 -12.10 3.44 -16.27
CA LEU A 84 -11.36 4.71 -16.18
C LEU A 84 -11.87 5.54 -15.01
N GLU A 85 -13.18 5.49 -14.76
CA GLU A 85 -13.78 6.24 -13.67
C GLU A 85 -13.07 5.96 -12.36
N PHE A 86 -13.40 6.72 -11.32
CA PHE A 86 -12.80 6.57 -10.01
C PHE A 86 -13.66 5.69 -9.11
N PHE A 87 -14.98 5.83 -9.24
CA PHE A 87 -15.92 5.07 -8.44
C PHE A 87 -15.61 3.57 -8.51
N HIS A 88 -16.01 2.84 -7.49
CA HIS A 88 -15.77 1.40 -7.44
C HIS A 88 -16.99 0.67 -6.88
N HIS A 89 -16.89 -0.65 -6.77
CA HIS A 89 -17.97 -1.47 -6.26
C HIS A 89 -18.40 -0.98 -4.88
N LYS A 90 -19.48 -1.58 -4.35
CA LYS A 90 -19.99 -1.20 -3.04
C LYS A 90 -19.01 -1.60 -1.95
N PHE A 91 -18.65 -2.88 -1.90
CA PHE A 91 -17.72 -3.38 -0.91
C PHE A 91 -16.44 -2.55 -0.88
N GLU A 92 -15.94 -2.21 -2.07
CA GLU A 92 -14.72 -1.43 -2.19
C GLU A 92 -14.81 -0.16 -1.37
N ILE A 93 -16.01 0.43 -1.30
CA ILE A 93 -16.23 1.65 -0.54
C ILE A 93 -15.70 1.51 0.89
N LEU A 94 -16.06 0.40 1.54
CA LEU A 94 -15.62 0.13 2.90
C LEU A 94 -14.11 0.30 3.03
N ASP A 95 -13.37 -0.42 2.19
CA ASP A 95 -11.91 -0.36 2.21
C ASP A 95 -11.43 1.10 2.14
N ALA A 96 -11.92 1.83 1.16
CA ALA A 96 -11.55 3.22 0.97
C ALA A 96 -11.84 4.04 2.23
N VAL A 97 -12.94 3.71 2.90
CA VAL A 97 -13.33 4.41 4.12
C VAL A 97 -12.30 4.21 5.22
N VAL A 98 -12.09 2.95 5.59
CA VAL A 98 -11.14 2.62 6.64
C VAL A 98 -9.75 3.15 6.31
N VAL A 99 -9.45 3.22 5.01
CA VAL A 99 -8.15 3.72 4.57
C VAL A 99 -7.98 5.20 4.88
N VAL A 100 -8.91 6.01 4.39
CA VAL A 100 -8.86 7.45 4.62
C VAL A 100 -9.04 7.77 6.10
N VAL A 101 -9.86 6.98 6.79
CA VAL A 101 -10.11 7.17 8.21
C VAL A 101 -8.84 6.96 9.03
N SER A 102 -8.15 5.86 8.74
CA SER A 102 -6.92 5.54 9.45
C SER A 102 -5.83 6.57 9.15
N PHE A 103 -5.68 6.92 7.88
CA PHE A 103 -4.68 7.89 7.47
C PHE A 103 -4.86 9.21 8.21
N ILE A 104 -6.04 9.81 8.06
CA ILE A 104 -6.33 11.07 8.73
C ILE A 104 -6.22 10.95 10.24
N LEU A 105 -6.60 9.79 10.76
CA LEU A 105 -6.53 9.53 12.20
C LEU A 105 -5.09 9.55 12.69
N ASP A 106 -4.22 8.83 11.99
CA ASP A 106 -2.81 8.77 12.36
C ASP A 106 -2.18 10.17 12.32
N ILE A 107 -2.27 10.81 11.16
CA ILE A 107 -1.71 12.15 10.99
C ILE A 107 -2.30 13.12 12.00
N VAL A 108 -3.56 12.91 12.35
CA VAL A 108 -4.24 13.78 13.31
C VAL A 108 -3.70 13.56 14.72
N LEU A 109 -3.68 12.30 15.16
CA LEU A 109 -3.19 11.97 16.49
C LEU A 109 -1.73 12.38 16.64
N LEU A 110 -0.99 12.40 15.54
CA LEU A 110 0.41 12.77 15.55
C LEU A 110 0.57 14.29 15.62
N PHE A 111 -0.26 14.99 14.86
CA PHE A 111 -0.21 16.45 14.83
C PHE A 111 -1.18 17.05 15.86
N GLN A 112 -1.65 16.20 16.77
CA GLN A 112 -2.59 16.65 17.80
C GLN A 112 -2.47 15.78 19.05
N GLU A 113 -3.28 16.07 20.05
CA GLU A 113 -3.26 15.32 21.30
C GLU A 113 -1.90 15.43 21.98
N HIS A 114 -1.67 14.56 22.97
CA HIS A 114 -0.41 14.55 23.69
C HIS A 114 0.77 14.50 22.74
N GLN A 115 0.53 13.95 21.55
CA GLN A 115 1.58 13.83 20.54
C GLN A 115 2.76 13.02 21.07
N PHE A 116 3.79 12.86 20.25
CA PHE A 116 4.97 12.10 20.62
C PHE A 116 4.68 10.60 20.61
N GLU A 117 3.73 10.19 21.46
CA GLU A 117 3.36 8.78 21.55
C GLU A 117 2.21 8.45 20.60
N ALA A 118 2.22 9.09 19.43
CA ALA A 118 1.18 8.87 18.43
C ALA A 118 1.67 7.95 17.32
N LEU A 119 2.98 7.86 17.18
CA LEU A 119 3.59 7.01 16.16
C LEU A 119 2.91 5.64 16.12
N GLY A 120 2.51 5.15 17.28
CA GLY A 120 1.86 3.86 17.37
C GLY A 120 0.73 3.72 16.36
N LEU A 121 -0.05 4.77 16.21
CA LEU A 121 -1.18 4.76 15.27
C LEU A 121 -0.71 4.40 13.86
N LEU A 122 0.42 4.96 13.46
CA LEU A 122 0.98 4.69 12.13
C LEU A 122 1.42 3.24 12.02
N ILE A 123 2.08 2.74 13.06
CA ILE A 123 2.55 1.36 13.08
C ILE A 123 1.41 0.38 12.86
N LEU A 124 0.43 0.41 13.75
CA LEU A 124 -0.73 -0.47 13.65
C LEU A 124 -1.42 -0.32 12.30
N LEU A 125 -1.58 0.93 11.85
CA LEU A 125 -2.22 1.19 10.56
C LEU A 125 -1.57 0.38 9.45
N ARG A 126 -0.28 0.59 9.24
CA ARG A 126 0.45 -0.13 8.21
C ARG A 126 0.34 -1.64 8.41
N LEU A 127 0.51 -2.09 9.65
CA LEU A 127 0.43 -3.50 9.97
C LEU A 127 -0.90 -4.09 9.53
N TRP A 128 -1.98 -3.35 9.78
CA TRP A 128 -3.31 -3.78 9.40
C TRP A 128 -3.44 -3.91 7.88
N ARG A 129 -3.20 -2.81 7.18
CA ARG A 129 -3.28 -2.80 5.73
C ARG A 129 -2.38 -3.86 5.12
N VAL A 130 -1.09 -3.77 5.41
CA VAL A 130 -0.12 -4.73 4.90
C VAL A 130 -0.59 -6.16 5.14
N ALA A 131 -0.80 -6.51 6.40
CA ALA A 131 -1.25 -7.84 6.76
C ALA A 131 -2.44 -8.27 5.92
N ARG A 132 -3.37 -7.34 5.70
CA ARG A 132 -4.56 -7.62 4.92
C ARG A 132 -4.20 -8.00 3.49
N ILE A 133 -3.31 -7.22 2.88
CA ILE A 133 -2.88 -7.48 1.52
C ILE A 133 -2.24 -8.86 1.39
N ILE A 134 -1.14 -9.07 2.11
CA ILE A 134 -0.45 -10.35 2.09
C ILE A 134 -1.40 -11.50 2.39
N ASN A 135 -2.04 -11.45 3.55
CA ASN A 135 -2.98 -12.49 3.96
C ASN A 135 -3.99 -12.77 2.85
N GLY A 136 -4.43 -11.71 2.18
CA GLY A 136 -5.39 -11.87 1.11
C GLY A 136 -4.83 -12.65 -0.07
N ILE A 137 -3.59 -12.35 -0.43
CA ILE A 137 -2.93 -13.02 -1.55
C ILE A 137 -2.70 -14.50 -1.24
N ILE A 138 -2.44 -14.80 0.03
CA ILE A 138 -2.20 -16.16 0.46
C ILE A 138 -3.49 -16.99 0.41
N ILE A 139 -4.57 -16.41 0.95
CA ILE A 139 -5.86 -17.09 0.97
C ILE A 139 -6.42 -17.24 -0.44
N SER A 140 -6.12 -16.27 -1.30
CA SER A 140 -6.59 -16.30 -2.68
C SER A 140 -5.81 -17.31 -3.51
N VAL A 141 -4.52 -17.44 -3.20
CA VAL A 141 -3.66 -18.37 -3.93
C VAL A 141 -3.91 -19.81 -3.48
N LYS A 142 -4.15 -19.99 -2.19
CA LYS A 142 -4.41 -21.31 -1.65
C LYS A 142 -5.81 -21.79 -2.01
N THR A 143 -6.77 -20.87 -2.03
CA THR A 143 -8.15 -21.19 -2.36
C THR A 143 -8.29 -21.46 -3.86
N ARG A 144 -7.47 -20.79 -4.66
CA ARG A 144 -7.52 -20.95 -6.11
C ARG A 144 -6.78 -22.21 -6.53
N SER A 145 -5.69 -22.51 -5.84
CA SER A 145 -4.88 -23.68 -6.16
C SER A 145 -5.75 -24.94 -6.20
N GLU A 146 -5.20 -26.02 -6.77
CA GLU A 146 -5.92 -27.27 -6.86
C GLU A 146 -6.31 -27.79 -5.49
N ARG A 147 -5.44 -27.57 -4.51
CA ARG A 147 -5.70 -28.01 -3.15
C ARG A 147 -6.70 -27.10 -2.45
N SER A 1 26.30 -3.54 -37.95
CA SER A 1 24.97 -4.02 -37.60
C SER A 1 24.14 -2.90 -36.98
N HIS A 2 22.97 -2.64 -37.56
CA HIS A 2 22.08 -1.60 -37.06
C HIS A 2 21.81 -1.78 -35.56
N MET A 3 21.33 -2.96 -35.20
CA MET A 3 21.04 -3.27 -33.80
C MET A 3 20.58 -4.71 -33.63
N ARG A 4 19.79 -5.18 -34.60
CA ARG A 4 19.29 -6.54 -34.56
C ARG A 4 18.44 -6.78 -33.31
N ALA A 5 17.66 -5.77 -32.94
CA ALA A 5 16.80 -5.86 -31.77
C ALA A 5 15.91 -7.10 -31.83
N PRO A 6 15.39 -7.52 -30.67
CA PRO A 6 14.51 -8.69 -30.57
C PRO A 6 13.15 -8.47 -31.22
N LEU A 7 12.28 -9.46 -31.12
CA LEU A 7 10.94 -9.37 -31.69
C LEU A 7 10.07 -10.52 -31.22
N ASP A 8 10.66 -11.70 -31.12
CA ASP A 8 9.93 -12.89 -30.67
C ASP A 8 9.87 -12.95 -29.15
N PHE A 9 10.95 -12.53 -28.50
CA PHE A 9 11.02 -12.55 -27.04
C PHE A 9 10.12 -11.45 -26.45
N ARG A 10 10.32 -10.22 -26.91
CA ARG A 10 9.54 -9.09 -26.43
C ARG A 10 8.05 -9.37 -26.53
N GLY A 11 7.64 -10.02 -27.62
CA GLY A 11 6.24 -10.34 -27.82
C GLY A 11 5.72 -11.31 -26.78
N MET A 12 6.54 -12.27 -26.39
CA MET A 12 6.15 -13.26 -25.39
C MET A 12 6.00 -12.62 -24.03
N LEU A 13 6.90 -11.69 -23.71
CA LEU A 13 6.87 -10.99 -22.43
C LEU A 13 5.61 -10.13 -22.31
N ARG A 14 5.39 -9.28 -23.31
CA ARG A 14 4.23 -8.40 -23.32
C ARG A 14 2.93 -9.20 -23.31
N LYS A 15 2.88 -10.24 -24.13
CA LYS A 15 1.70 -11.10 -24.20
C LYS A 15 1.50 -11.87 -22.91
N LEU A 16 2.60 -12.28 -22.30
CA LEU A 16 2.55 -13.03 -21.05
C LEU A 16 1.94 -12.19 -19.93
N PHE A 17 2.48 -11.00 -19.74
CA PHE A 17 1.99 -10.09 -18.70
C PHE A 17 0.55 -9.67 -18.99
N SER A 18 0.29 -9.30 -20.24
CA SER A 18 -1.04 -8.86 -20.65
C SER A 18 -2.07 -9.95 -20.38
N SER A 19 -1.73 -11.19 -20.73
CA SER A 19 -2.63 -12.32 -20.51
C SER A 19 -2.74 -12.66 -19.04
N HIS A 20 -1.63 -12.56 -18.32
CA HIS A 20 -1.60 -12.86 -16.90
C HIS A 20 -2.45 -11.86 -16.12
N ARG A 21 -2.09 -10.58 -16.22
CA ARG A 21 -2.81 -9.52 -15.53
C ARG A 21 -2.60 -9.61 -14.02
N PHE A 22 -3.25 -10.57 -13.38
CA PHE A 22 -3.12 -10.76 -11.94
C PHE A 22 -1.66 -10.85 -11.54
N GLN A 23 -0.93 -11.79 -12.14
CA GLN A 23 0.49 -11.98 -11.83
C GLN A 23 1.24 -10.67 -11.95
N VAL A 24 0.94 -9.90 -12.99
CA VAL A 24 1.60 -8.62 -13.22
C VAL A 24 1.36 -7.67 -12.05
N ILE A 25 0.11 -7.56 -11.63
CA ILE A 25 -0.25 -6.68 -10.52
C ILE A 25 0.44 -7.13 -9.22
N ILE A 26 0.57 -8.44 -9.07
CA ILE A 26 1.21 -8.99 -7.87
C ILE A 26 2.69 -8.61 -7.81
N ILE A 27 3.44 -9.05 -8.81
CA ILE A 27 4.87 -8.76 -8.88
C ILE A 27 5.12 -7.26 -8.86
N CYS A 28 4.23 -6.50 -9.49
CA CYS A 28 4.36 -5.05 -9.54
C CYS A 28 4.21 -4.44 -8.15
N LEU A 29 3.17 -4.85 -7.43
CA LEU A 29 2.91 -4.34 -6.09
C LEU A 29 4.02 -4.77 -5.13
N VAL A 30 4.44 -6.03 -5.23
CA VAL A 30 5.49 -6.56 -4.38
C VAL A 30 6.79 -5.76 -4.54
N VAL A 31 7.26 -5.66 -5.79
CA VAL A 31 8.48 -4.93 -6.08
C VAL A 31 8.35 -3.46 -5.71
N LEU A 32 7.31 -2.81 -6.22
CA LEU A 32 7.06 -1.41 -5.94
C LEU A 32 7.01 -1.15 -4.44
N ASP A 33 6.04 -1.77 -3.78
CA ASP A 33 5.89 -1.60 -2.34
C ASP A 33 7.19 -1.89 -1.61
N ALA A 34 7.89 -2.93 -2.05
CA ALA A 34 9.17 -3.30 -1.45
C ALA A 34 10.16 -2.13 -1.47
N LEU A 35 10.29 -1.51 -2.63
CA LEU A 35 11.20 -0.38 -2.80
C LEU A 35 10.77 0.80 -1.92
N LEU A 36 9.52 1.20 -2.06
CA LEU A 36 8.98 2.31 -1.28
C LEU A 36 9.16 2.06 0.22
N VAL A 37 8.58 0.97 0.71
CA VAL A 37 8.68 0.62 2.12
C VAL A 37 10.14 0.56 2.57
N LEU A 38 11.00 0.03 1.71
CA LEU A 38 12.42 -0.08 2.02
C LEU A 38 13.03 1.29 2.29
N ALA A 39 12.86 2.20 1.34
CA ALA A 39 13.40 3.55 1.48
C ALA A 39 12.86 4.21 2.75
N GLU A 40 11.55 4.12 2.96
CA GLU A 40 10.93 4.72 4.13
C GLU A 40 11.45 4.08 5.41
N LEU A 41 11.73 2.78 5.35
CA LEU A 41 12.23 2.05 6.51
C LEU A 41 13.60 2.57 6.92
N ILE A 42 14.53 2.57 5.97
CA ILE A 42 15.88 3.05 6.24
C ILE A 42 15.89 4.52 6.61
N LEU A 43 14.98 5.29 6.01
CA LEU A 43 14.87 6.72 6.29
C LEU A 43 14.31 6.96 7.68
N ASP A 44 13.31 6.17 8.06
CA ASP A 44 12.69 6.30 9.37
C ASP A 44 13.59 5.75 10.46
N LEU A 45 14.33 4.69 10.14
CA LEU A 45 15.23 4.07 11.10
C LEU A 45 16.44 4.96 11.37
N LYS A 46 16.88 5.68 10.33
CA LYS A 46 18.02 6.57 10.45
C LYS A 46 17.58 7.95 10.95
N ILE A 47 16.38 8.36 10.56
CA ILE A 47 15.84 9.64 10.97
C ILE A 47 16.71 10.79 10.45
N ILE A 48 16.32 11.36 9.32
CA ILE A 48 17.06 12.47 8.73
C ILE A 48 17.23 13.61 9.72
N GLN A 49 16.27 13.74 10.64
CA GLN A 49 16.32 14.79 11.64
C GLN A 49 15.71 14.31 12.96
N PRO A 50 16.52 14.32 14.02
CA PRO A 50 16.10 13.90 15.35
C PRO A 50 15.10 14.86 15.99
N ASP A 51 13.81 14.65 15.72
CA ASP A 51 12.77 15.50 16.27
C ASP A 51 11.45 14.74 16.37
N LYS A 52 10.36 15.47 16.62
CA LYS A 52 9.05 14.87 16.74
C LYS A 52 7.96 15.93 16.77
N ASN A 53 6.84 15.66 16.10
CA ASN A 53 5.74 16.61 16.05
C ASN A 53 6.17 17.94 15.44
N ASN A 54 6.14 18.01 14.11
CA ASN A 54 6.54 19.23 13.42
C ASN A 54 6.40 19.07 11.91
N TYR A 55 6.93 20.02 11.16
CA TYR A 55 6.86 19.98 9.70
C TYR A 55 7.38 18.65 9.17
N ALA A 56 8.43 18.13 9.80
CA ALA A 56 9.01 16.86 9.39
C ALA A 56 8.02 15.71 9.59
N ALA A 57 7.48 15.61 10.80
CA ALA A 57 6.52 14.56 11.11
C ALA A 57 5.25 14.70 10.28
N MET A 58 4.66 15.89 10.30
CA MET A 58 3.44 16.15 9.54
C MET A 58 3.62 15.72 8.08
N VAL A 59 4.67 16.23 7.44
CA VAL A 59 4.95 15.91 6.05
C VAL A 59 5.13 14.41 5.86
N PHE A 60 6.02 13.82 6.65
CA PHE A 60 6.29 12.39 6.57
C PHE A 60 5.00 11.59 6.65
N HIS A 61 4.20 11.88 7.67
CA HIS A 61 2.92 11.18 7.86
C HIS A 61 1.98 11.44 6.69
N TYR A 62 1.81 12.71 6.35
CA TYR A 62 0.93 13.09 5.25
C TYR A 62 1.27 12.30 3.98
N MET A 63 2.55 12.23 3.66
CA MET A 63 3.00 11.51 2.48
C MET A 63 2.66 10.02 2.58
N SER A 64 3.06 9.41 3.70
CA SER A 64 2.80 7.99 3.92
C SER A 64 1.32 7.68 3.72
N ILE A 65 0.46 8.40 4.42
CA ILE A 65 -0.99 8.20 4.31
C ILE A 65 -1.46 8.35 2.87
N THR A 66 -0.98 9.39 2.21
CA THR A 66 -1.35 9.66 0.83
C THR A 66 -1.07 8.45 -0.05
N ILE A 67 0.10 7.87 0.11
CA ILE A 67 0.49 6.70 -0.68
C ILE A 67 -0.40 5.50 -0.35
N LEU A 68 -0.64 5.28 0.93
CA LEU A 68 -1.48 4.17 1.38
C LEU A 68 -2.85 4.22 0.71
N VAL A 69 -3.59 5.31 0.95
CA VAL A 69 -4.91 5.48 0.36
C VAL A 69 -4.85 5.42 -1.16
N PHE A 70 -3.86 6.09 -1.74
CA PHE A 70 -3.69 6.12 -3.18
C PHE A 70 -3.68 4.71 -3.76
N PHE A 71 -2.78 3.87 -3.25
CA PHE A 71 -2.68 2.49 -3.70
C PHE A 71 -3.97 1.73 -3.45
N MET A 72 -4.58 1.95 -2.29
CA MET A 72 -5.82 1.29 -1.93
C MET A 72 -6.87 1.47 -3.02
N MET A 73 -7.20 2.72 -3.33
CA MET A 73 -8.19 3.02 -4.35
C MET A 73 -7.73 2.52 -5.72
N GLU A 74 -6.44 2.68 -6.00
CA GLU A 74 -5.87 2.25 -7.27
C GLU A 74 -6.21 0.79 -7.54
N ILE A 75 -6.05 -0.06 -6.52
CA ILE A 75 -6.35 -1.47 -6.66
C ILE A 75 -7.85 -1.73 -6.72
N ILE A 76 -8.58 -1.14 -5.78
CA ILE A 76 -10.02 -1.29 -5.72
C ILE A 76 -10.66 -0.97 -7.07
N PHE A 77 -10.12 0.04 -7.75
CA PHE A 77 -10.64 0.45 -9.05
C PHE A 77 -10.07 -0.43 -10.16
N LYS A 78 -8.75 -0.67 -10.11
CA LYS A 78 -8.10 -1.48 -11.12
C LYS A 78 -8.79 -2.84 -11.26
N LEU A 79 -8.96 -3.53 -10.14
CA LEU A 79 -9.62 -4.83 -10.14
C LEU A 79 -11.11 -4.69 -9.83
N PHE A 80 -11.84 -5.79 -10.01
CA PHE A 80 -13.28 -5.79 -9.75
C PHE A 80 -13.57 -5.51 -8.28
N VAL A 81 -14.84 -5.27 -7.97
CA VAL A 81 -15.25 -4.99 -6.60
C VAL A 81 -15.85 -6.23 -5.95
N PHE A 82 -16.28 -6.09 -4.69
CA PHE A 82 -16.87 -7.19 -3.96
C PHE A 82 -18.38 -7.04 -3.88
N ARG A 83 -18.83 -5.96 -3.25
CA ARG A 83 -20.27 -5.71 -3.11
C ARG A 83 -20.62 -4.33 -3.65
N LEU A 84 -21.84 -4.21 -4.19
CA LEU A 84 -22.30 -2.94 -4.75
C LEU A 84 -23.66 -2.57 -4.19
N GLU A 85 -23.69 -2.17 -2.92
CA GLU A 85 -24.92 -1.79 -2.26
C GLU A 85 -24.69 -0.68 -1.25
N PHE A 86 -25.74 -0.28 -0.54
CA PHE A 86 -25.63 0.77 0.46
C PHE A 86 -24.59 0.43 1.51
N PHE A 87 -24.61 -0.82 1.97
CA PHE A 87 -23.66 -1.28 2.98
C PHE A 87 -22.72 -2.33 2.40
N HIS A 88 -21.42 -2.08 2.50
CA HIS A 88 -20.42 -3.01 1.99
C HIS A 88 -20.11 -4.09 3.01
N HIS A 89 -19.27 -5.05 2.63
CA HIS A 89 -18.90 -6.14 3.51
C HIS A 89 -18.38 -5.62 4.85
N LYS A 90 -18.62 -6.38 5.91
CA LYS A 90 -18.17 -5.98 7.24
C LYS A 90 -16.69 -5.67 7.25
N PHE A 91 -15.92 -6.46 6.51
CA PHE A 91 -14.47 -6.27 6.43
C PHE A 91 -14.13 -5.10 5.52
N GLU A 92 -14.86 -4.98 4.40
CA GLU A 92 -14.63 -3.90 3.45
C GLU A 92 -14.81 -2.54 4.12
N ILE A 93 -15.96 -2.35 4.76
CA ILE A 93 -16.25 -1.09 5.44
C ILE A 93 -15.34 -0.88 6.64
N LEU A 94 -15.01 -1.98 7.31
CA LEU A 94 -14.14 -1.92 8.49
C LEU A 94 -12.82 -1.22 8.15
N ASP A 95 -12.17 -1.69 7.10
CA ASP A 95 -10.89 -1.10 6.67
C ASP A 95 -11.01 0.41 6.53
N ALA A 96 -12.03 0.85 5.81
CA ALA A 96 -12.25 2.28 5.59
C ALA A 96 -12.34 3.02 6.92
N VAL A 97 -13.16 2.51 7.83
CA VAL A 97 -13.34 3.11 9.14
C VAL A 97 -12.03 3.09 9.94
N VAL A 98 -11.26 2.03 9.77
CA VAL A 98 -9.98 1.89 10.47
C VAL A 98 -8.94 2.84 9.90
N VAL A 99 -9.02 3.10 8.60
CA VAL A 99 -8.08 4.00 7.93
C VAL A 99 -8.36 5.45 8.31
N VAL A 100 -9.63 5.82 8.31
CA VAL A 100 -10.03 7.18 8.64
C VAL A 100 -9.77 7.48 10.11
N VAL A 101 -10.12 6.53 10.98
CA VAL A 101 -9.92 6.69 12.41
C VAL A 101 -8.43 6.69 12.76
N SER A 102 -7.67 5.86 12.08
CA SER A 102 -6.23 5.77 12.33
C SER A 102 -5.51 7.02 11.82
N PHE A 103 -5.93 7.51 10.65
CA PHE A 103 -5.34 8.70 10.05
C PHE A 103 -5.57 9.92 10.93
N ILE A 104 -6.83 10.16 11.27
CA ILE A 104 -7.20 11.31 12.10
C ILE A 104 -6.56 11.20 13.48
N LEU A 105 -6.58 10.00 14.04
CA LEU A 105 -6.00 9.76 15.36
C LEU A 105 -4.49 9.90 15.33
N ASP A 106 -3.90 9.61 14.18
CA ASP A 106 -2.45 9.71 14.02
C ASP A 106 -2.00 11.16 13.98
N ILE A 107 -2.65 11.95 13.13
CA ILE A 107 -2.32 13.36 12.99
C ILE A 107 -2.53 14.11 14.31
N VAL A 108 -3.67 13.84 14.95
CA VAL A 108 -3.99 14.48 16.22
C VAL A 108 -3.02 14.05 17.32
N LEU A 109 -2.63 12.78 17.29
CA LEU A 109 -1.70 12.23 18.28
C LEU A 109 -0.29 12.74 18.04
N LEU A 110 0.03 12.99 16.78
CA LEU A 110 1.36 13.48 16.40
C LEU A 110 1.56 14.91 16.87
N PHE A 111 0.58 15.76 16.57
CA PHE A 111 0.63 17.17 16.95
C PHE A 111 0.65 17.31 18.48
N GLN A 112 -0.17 16.52 19.15
CA GLN A 112 -0.27 16.55 20.61
C GLN A 112 1.09 16.24 21.24
N GLU A 113 1.10 16.15 22.57
CA GLU A 113 2.33 15.88 23.29
C GLU A 113 2.36 14.42 23.77
N HIS A 114 1.81 13.53 22.96
CA HIS A 114 1.77 12.11 23.29
C HIS A 114 3.18 11.55 23.44
N GLN A 115 4.11 12.05 22.64
CA GLN A 115 5.49 11.60 22.67
C GLN A 115 5.60 10.15 22.22
N PHE A 116 6.45 9.91 21.22
CA PHE A 116 6.64 8.56 20.69
C PHE A 116 5.44 8.14 19.84
N GLU A 117 4.27 8.10 20.45
CA GLU A 117 3.05 7.71 19.76
C GLU A 117 2.90 8.47 18.45
N ALA A 118 3.47 9.67 18.41
CA ALA A 118 3.40 10.51 17.22
C ALA A 118 3.72 9.70 15.96
N LEU A 119 4.96 9.22 15.88
CA LEU A 119 5.39 8.43 14.73
C LEU A 119 4.82 7.02 14.79
N GLY A 120 4.71 6.47 15.99
CA GLY A 120 4.19 5.14 16.16
C GLY A 120 2.87 4.95 15.43
N LEU A 121 1.97 5.92 15.57
CA LEU A 121 0.67 5.85 14.93
C LEU A 121 0.82 5.60 13.42
N LEU A 122 1.80 6.25 12.82
CA LEU A 122 2.05 6.10 11.39
C LEU A 122 2.57 4.70 11.07
N ILE A 123 3.51 4.24 11.88
CA ILE A 123 4.09 2.91 11.68
C ILE A 123 3.00 1.84 11.65
N LEU A 124 2.22 1.76 12.72
CA LEU A 124 1.14 0.77 12.81
C LEU A 124 0.16 0.93 11.65
N LEU A 125 -0.19 2.18 11.35
CA LEU A 125 -1.12 2.46 10.26
C LEU A 125 -0.68 1.76 8.98
N ARG A 126 0.51 2.11 8.49
CA ARG A 126 1.04 1.51 7.27
C ARG A 126 1.23 0.00 7.44
N LEU A 127 1.59 -0.41 8.65
CA LEU A 127 1.80 -1.83 8.94
C LEU A 127 0.55 -2.64 8.61
N TRP A 128 -0.49 -2.47 9.41
CA TRP A 128 -1.74 -3.19 9.20
C TRP A 128 -2.31 -2.91 7.81
N ARG A 129 -2.04 -1.70 7.30
CA ARG A 129 -2.52 -1.31 5.99
C ARG A 129 -1.94 -2.20 4.90
N VAL A 130 -0.66 -1.97 4.59
CA VAL A 130 0.03 -2.75 3.58
C VAL A 130 -0.14 -4.24 3.81
N ALA A 131 -0.17 -4.63 5.09
CA ALA A 131 -0.33 -6.03 5.46
C ALA A 131 -1.65 -6.59 4.93
N ARG A 132 -2.75 -5.99 5.35
CA ARG A 132 -4.07 -6.43 4.93
C ARG A 132 -4.19 -6.44 3.41
N ILE A 133 -3.57 -5.45 2.76
CA ILE A 133 -3.59 -5.35 1.31
C ILE A 133 -2.98 -6.58 0.67
N ILE A 134 -1.67 -6.73 0.82
CA ILE A 134 -0.96 -7.87 0.25
C ILE A 134 -1.52 -9.19 0.78
N ASN A 135 -1.49 -9.36 2.09
CA ASN A 135 -1.99 -10.57 2.72
C ASN A 135 -3.41 -10.88 2.24
N GLY A 136 -4.17 -9.84 1.95
CA GLY A 136 -5.53 -10.03 1.47
C GLY A 136 -5.59 -10.60 0.07
N ILE A 137 -4.77 -10.04 -0.82
CA ILE A 137 -4.73 -10.51 -2.20
C ILE A 137 -4.22 -11.94 -2.29
N ILE A 138 -3.30 -12.30 -1.39
CA ILE A 138 -2.75 -13.65 -1.37
C ILE A 138 -3.77 -14.66 -0.86
N ILE A 139 -4.37 -14.35 0.28
CA ILE A 139 -5.38 -15.24 0.86
C ILE A 139 -6.59 -15.37 -0.05
N SER A 140 -6.89 -14.30 -0.78
CA SER A 140 -8.04 -14.30 -1.69
C SER A 140 -7.72 -15.08 -2.96
N VAL A 141 -6.47 -15.00 -3.39
CA VAL A 141 -6.04 -15.70 -4.60
C VAL A 141 -5.82 -17.18 -4.33
N LYS A 142 -5.21 -17.49 -3.19
CA LYS A 142 -4.94 -18.87 -2.81
C LYS A 142 -6.24 -19.60 -2.48
N THR A 143 -7.17 -18.90 -1.85
CA THR A 143 -8.45 -19.48 -1.47
C THR A 143 -9.35 -19.66 -2.70
N ARG A 144 -9.18 -18.79 -3.69
CA ARG A 144 -9.97 -18.85 -4.91
C ARG A 144 -9.13 -18.45 -6.11
N SER A 145 -8.84 -19.42 -6.98
CA SER A 145 -8.03 -19.17 -8.17
C SER A 145 -8.27 -20.26 -9.22
N GLU A 146 -9.02 -19.92 -10.25
CA GLU A 146 -9.31 -20.87 -11.32
C GLU A 146 -8.23 -20.82 -12.41
N ARG A 147 -7.70 -19.63 -12.65
CA ARG A 147 -6.65 -19.45 -13.66
C ARG A 147 -7.14 -19.90 -15.03
N SER A 1 1.72 8.54 -20.85
CA SER A 1 0.47 8.27 -21.55
C SER A 1 -0.45 7.40 -20.69
N HIS A 2 -1.42 8.06 -20.05
CA HIS A 2 -2.37 7.35 -19.19
C HIS A 2 -3.61 6.95 -19.98
N MET A 3 -4.02 7.81 -20.91
CA MET A 3 -5.19 7.55 -21.73
C MET A 3 -5.01 8.10 -23.14
N ARG A 4 -3.90 7.76 -23.77
CA ARG A 4 -3.60 8.22 -25.12
C ARG A 4 -3.32 7.05 -26.05
N ALA A 5 -4.03 5.94 -25.85
CA ALA A 5 -3.86 4.76 -26.67
C ALA A 5 -2.42 4.27 -26.63
N PRO A 6 -2.05 3.63 -25.50
CA PRO A 6 -0.70 3.10 -25.31
C PRO A 6 -0.42 1.89 -26.19
N LEU A 7 0.84 1.46 -26.23
CA LEU A 7 1.25 0.31 -27.03
C LEU A 7 2.41 -0.43 -26.39
N ASP A 8 3.35 0.32 -25.82
CA ASP A 8 4.51 -0.27 -25.17
C ASP A 8 4.23 -0.52 -23.69
N PHE A 9 3.52 0.41 -23.06
CA PHE A 9 3.18 0.29 -21.64
C PHE A 9 2.12 -0.80 -21.43
N ARG A 10 0.97 -0.64 -22.08
CA ARG A 10 -0.11 -1.60 -21.95
C ARG A 10 0.38 -3.01 -22.25
N GLY A 11 1.25 -3.14 -23.25
CA GLY A 11 1.78 -4.44 -23.61
C GLY A 11 2.60 -5.06 -22.50
N MET A 12 3.41 -4.25 -21.83
CA MET A 12 4.25 -4.73 -20.74
C MET A 12 3.40 -5.20 -19.57
N LEU A 13 2.34 -4.45 -19.28
CA LEU A 13 1.45 -4.78 -18.18
C LEU A 13 0.74 -6.11 -18.43
N ARG A 14 0.08 -6.21 -19.58
CA ARG A 14 -0.63 -7.43 -19.95
C ARG A 14 0.31 -8.63 -19.99
N LYS A 15 1.49 -8.42 -20.56
CA LYS A 15 2.49 -9.48 -20.67
C LYS A 15 3.02 -9.86 -19.29
N LEU A 16 3.23 -8.87 -18.43
CA LEU A 16 3.73 -9.11 -17.09
C LEU A 16 2.77 -9.98 -16.30
N PHE A 17 1.50 -9.57 -16.24
CA PHE A 17 0.49 -10.32 -15.52
C PHE A 17 0.29 -11.70 -16.13
N SER A 18 0.00 -11.74 -17.43
CA SER A 18 -0.22 -12.99 -18.13
C SER A 18 0.96 -13.95 -17.91
N SER A 19 2.16 -13.40 -17.84
CA SER A 19 3.36 -14.20 -17.63
C SER A 19 3.39 -14.77 -16.22
N HIS A 20 3.53 -13.90 -15.22
CA HIS A 20 3.57 -14.32 -13.83
C HIS A 20 3.05 -13.22 -12.91
N ARG A 21 1.77 -12.89 -13.06
CA ARG A 21 1.15 -11.86 -12.24
C ARG A 21 1.40 -12.10 -10.76
N PHE A 22 1.01 -13.30 -10.29
CA PHE A 22 1.19 -13.66 -8.89
C PHE A 22 2.63 -13.41 -8.44
N GLN A 23 3.58 -13.75 -9.31
CA GLN A 23 4.99 -13.56 -9.01
C GLN A 23 5.31 -12.09 -8.75
N VAL A 24 4.87 -11.23 -9.67
CA VAL A 24 5.10 -9.80 -9.55
C VAL A 24 4.45 -9.24 -8.29
N ILE A 25 3.31 -9.82 -7.91
CA ILE A 25 2.59 -9.39 -6.72
C ILE A 25 3.38 -9.67 -5.46
N ILE A 26 3.69 -10.94 -5.23
CA ILE A 26 4.45 -11.34 -4.06
C ILE A 26 5.79 -10.63 -3.99
N ILE A 27 6.43 -10.47 -5.15
CA ILE A 27 7.72 -9.80 -5.23
C ILE A 27 7.57 -8.30 -4.94
N CYS A 28 6.55 -7.69 -5.52
CA CYS A 28 6.29 -6.27 -5.32
C CYS A 28 6.00 -5.97 -3.86
N LEU A 29 5.31 -6.89 -3.19
CA LEU A 29 4.96 -6.71 -1.79
C LEU A 29 6.19 -6.86 -0.90
N VAL A 30 6.92 -7.96 -1.08
CA VAL A 30 8.11 -8.22 -0.30
C VAL A 30 9.11 -7.08 -0.43
N VAL A 31 9.31 -6.61 -1.65
CA VAL A 31 10.25 -5.52 -1.92
C VAL A 31 9.72 -4.21 -1.35
N LEU A 32 8.44 -3.94 -1.58
CA LEU A 32 7.81 -2.71 -1.08
C LEU A 32 8.01 -2.56 0.42
N ASP A 33 7.59 -3.58 1.17
CA ASP A 33 7.72 -3.56 2.62
C ASP A 33 9.19 -3.54 3.03
N ALA A 34 9.97 -4.45 2.46
CA ALA A 34 11.39 -4.54 2.76
C ALA A 34 12.08 -3.18 2.61
N LEU A 35 11.81 -2.50 1.49
CA LEU A 35 12.39 -1.20 1.23
C LEU A 35 11.88 -0.16 2.23
N LEU A 36 10.58 -0.20 2.48
CA LEU A 36 9.96 0.74 3.41
C LEU A 36 10.59 0.63 4.80
N VAL A 37 10.50 -0.57 5.38
CA VAL A 37 11.06 -0.81 6.71
C VAL A 37 12.57 -0.51 6.73
N LEU A 38 13.31 -1.14 5.82
CA LEU A 38 14.75 -0.94 5.74
C LEU A 38 15.09 0.55 5.66
N ALA A 39 14.50 1.23 4.68
CA ALA A 39 14.74 2.66 4.50
C ALA A 39 14.49 3.43 5.80
N GLU A 40 13.38 3.11 6.46
CA GLU A 40 13.02 3.76 7.71
C GLU A 40 14.08 3.51 8.79
N LEU A 41 14.65 2.32 8.78
CA LEU A 41 15.67 1.95 9.74
C LEU A 41 16.95 2.77 9.53
N ILE A 42 17.49 2.71 8.32
CA ILE A 42 18.70 3.44 7.98
C ILE A 42 18.50 4.95 8.18
N LEU A 43 17.29 5.41 7.91
CA LEU A 43 16.97 6.83 8.07
C LEU A 43 16.94 7.23 9.53
N ASP A 44 16.11 6.54 10.31
CA ASP A 44 15.99 6.82 11.74
C ASP A 44 17.36 6.81 12.40
N LEU A 45 18.11 5.73 12.21
CA LEU A 45 19.44 5.60 12.80
C LEU A 45 20.33 6.76 12.37
N LYS A 46 20.13 7.23 11.14
CA LYS A 46 20.93 8.34 10.62
C LYS A 46 20.87 9.54 11.55
N ILE A 47 19.66 9.93 11.93
CA ILE A 47 19.47 11.08 12.82
C ILE A 47 18.87 10.63 14.15
N ILE A 48 19.28 9.45 14.61
CA ILE A 48 18.79 8.92 15.88
C ILE A 48 17.33 8.50 15.76
N GLN A 49 16.45 9.50 15.66
CA GLN A 49 15.02 9.24 15.54
C GLN A 49 14.25 10.52 15.26
N PRO A 50 13.07 10.39 14.63
CA PRO A 50 12.22 11.53 14.29
C PRO A 50 11.60 12.18 15.53
N ASP A 51 12.13 13.33 15.92
CA ASP A 51 11.62 14.05 17.08
C ASP A 51 10.98 15.37 16.67
N LYS A 52 11.61 16.05 15.72
CA LYS A 52 11.11 17.33 15.22
C LYS A 52 9.64 17.22 14.81
N ASN A 53 9.27 16.07 14.26
CA ASN A 53 7.91 15.83 13.82
C ASN A 53 7.41 16.96 12.93
N ASN A 54 7.69 16.86 11.64
CA ASN A 54 7.28 17.88 10.68
C ASN A 54 7.73 17.52 9.26
N TYR A 55 9.02 17.72 9.00
CA TYR A 55 9.58 17.42 7.69
C TYR A 55 9.79 15.91 7.52
N ALA A 56 10.62 15.34 8.38
CA ALA A 56 10.91 13.91 8.34
C ALA A 56 9.63 13.09 8.47
N ALA A 57 8.87 13.37 9.52
CA ALA A 57 7.62 12.66 9.78
C ALA A 57 6.70 12.71 8.56
N MET A 58 6.59 13.88 7.96
CA MET A 58 5.74 14.06 6.78
C MET A 58 6.20 13.15 5.64
N VAL A 59 7.47 13.25 5.29
CA VAL A 59 8.04 12.42 4.22
C VAL A 59 7.72 10.96 4.43
N PHE A 60 8.10 10.43 5.59
CA PHE A 60 7.86 9.03 5.91
C PHE A 60 6.38 8.68 5.75
N HIS A 61 5.52 9.49 6.35
CA HIS A 61 4.08 9.26 6.27
C HIS A 61 3.61 9.25 4.81
N TYR A 62 4.10 10.21 4.03
CA TYR A 62 3.73 10.32 2.62
C TYR A 62 4.04 9.02 1.89
N MET A 63 5.25 8.52 2.06
CA MET A 63 5.68 7.29 1.41
C MET A 63 4.81 6.12 1.85
N SER A 64 4.45 6.10 3.14
CA SER A 64 3.64 5.04 3.70
C SER A 64 2.28 4.97 2.99
N ILE A 65 1.54 6.07 3.05
CA ILE A 65 0.23 6.14 2.42
C ILE A 65 0.32 5.88 0.92
N THR A 66 1.41 6.34 0.32
CA THR A 66 1.63 6.16 -1.12
C THR A 66 1.65 4.68 -1.48
N ILE A 67 2.54 3.93 -0.83
CA ILE A 67 2.67 2.50 -1.09
C ILE A 67 1.41 1.75 -0.65
N LEU A 68 0.80 2.22 0.43
CA LEU A 68 -0.41 1.60 0.94
C LEU A 68 -1.54 1.64 -0.09
N VAL A 69 -1.96 2.85 -0.44
CA VAL A 69 -3.03 3.03 -1.41
C VAL A 69 -2.65 2.42 -2.76
N PHE A 70 -1.46 2.75 -3.23
CA PHE A 70 -0.96 2.24 -4.51
C PHE A 70 -1.08 0.72 -4.57
N PHE A 71 -0.42 0.05 -3.62
CA PHE A 71 -0.45 -1.41 -3.57
C PHE A 71 -1.89 -1.93 -3.56
N MET A 72 -2.70 -1.38 -2.67
CA MET A 72 -4.10 -1.78 -2.55
C MET A 72 -4.79 -1.73 -3.91
N MET A 73 -4.63 -0.61 -4.60
CA MET A 73 -5.24 -0.42 -5.92
C MET A 73 -4.76 -1.49 -6.89
N GLU A 74 -3.47 -1.78 -6.85
CA GLU A 74 -2.88 -2.78 -7.73
C GLU A 74 -3.51 -4.15 -7.51
N ILE A 75 -3.72 -4.49 -6.24
CA ILE A 75 -4.33 -5.77 -5.88
C ILE A 75 -5.77 -5.85 -6.36
N ILE A 76 -6.61 -4.95 -5.84
CA ILE A 76 -8.02 -4.91 -6.22
C ILE A 76 -8.18 -4.83 -7.72
N PHE A 77 -7.23 -4.17 -8.39
CA PHE A 77 -7.28 -4.03 -9.84
C PHE A 77 -7.06 -5.37 -10.53
N LYS A 78 -5.91 -5.99 -10.25
CA LYS A 78 -5.58 -7.28 -10.84
C LYS A 78 -6.68 -8.31 -10.56
N LEU A 79 -7.08 -8.42 -9.31
CA LEU A 79 -8.13 -9.36 -8.91
C LEU A 79 -7.70 -10.80 -9.19
N PHE A 80 -8.43 -11.75 -8.62
CA PHE A 80 -8.13 -13.16 -8.81
C PHE A 80 -9.28 -13.88 -9.50
N VAL A 81 -10.50 -13.60 -9.04
CA VAL A 81 -11.69 -14.22 -9.60
C VAL A 81 -11.91 -13.77 -11.05
N PHE A 82 -13.00 -14.23 -11.65
CA PHE A 82 -13.33 -13.87 -13.02
C PHE A 82 -14.55 -12.95 -13.07
N ARG A 83 -14.32 -11.66 -12.85
CA ARG A 83 -15.40 -10.68 -12.86
C ARG A 83 -14.89 -9.33 -13.37
N LEU A 84 -14.05 -9.36 -14.39
CA LEU A 84 -13.50 -8.14 -14.96
C LEU A 84 -12.76 -7.32 -13.90
N GLU A 85 -12.38 -6.10 -14.24
CA GLU A 85 -11.66 -5.23 -13.33
C GLU A 85 -11.50 -3.83 -13.92
N PHE A 86 -12.57 -3.33 -14.53
CA PHE A 86 -12.53 -2.00 -15.15
C PHE A 86 -13.20 -0.97 -14.23
N PHE A 87 -14.36 -1.32 -13.70
CA PHE A 87 -15.11 -0.43 -12.81
C PHE A 87 -14.88 -0.81 -11.35
N HIS A 88 -15.51 -0.06 -10.45
CA HIS A 88 -15.37 -0.30 -9.02
C HIS A 88 -16.67 -0.85 -8.43
N HIS A 89 -16.66 -1.11 -7.13
CA HIS A 89 -17.84 -1.64 -6.46
C HIS A 89 -18.28 -0.72 -5.32
N LYS A 90 -19.35 -1.10 -4.64
CA LYS A 90 -19.87 -0.31 -3.52
C LYS A 90 -18.97 -0.44 -2.30
N PHE A 91 -18.50 -1.65 -2.04
CA PHE A 91 -17.63 -1.91 -0.90
C PHE A 91 -16.43 -0.96 -0.91
N GLU A 92 -15.94 -0.65 -2.11
CA GLU A 92 -14.80 0.25 -2.25
C GLU A 92 -15.02 1.54 -1.48
N ILE A 93 -16.26 2.00 -1.47
CA ILE A 93 -16.61 3.24 -0.78
C ILE A 93 -16.12 3.22 0.67
N LEU A 94 -16.52 2.20 1.42
CA LEU A 94 -16.11 2.06 2.81
C LEU A 94 -14.59 2.14 2.94
N ASP A 95 -13.90 1.26 2.23
CA ASP A 95 -12.44 1.24 2.26
C ASP A 95 -11.86 2.62 1.98
N ALA A 96 -12.31 3.23 0.89
CA ALA A 96 -11.84 4.55 0.52
C ALA A 96 -12.03 5.55 1.65
N VAL A 97 -13.15 5.42 2.36
CA VAL A 97 -13.46 6.31 3.47
C VAL A 97 -12.56 6.01 4.67
N VAL A 98 -12.18 4.75 4.82
CA VAL A 98 -11.31 4.35 5.92
C VAL A 98 -9.87 4.76 5.68
N VAL A 99 -9.43 4.64 4.44
CA VAL A 99 -8.06 5.01 4.07
C VAL A 99 -7.86 6.53 4.12
N VAL A 100 -8.89 7.26 3.69
CA VAL A 100 -8.83 8.71 3.68
C VAL A 100 -8.93 9.28 5.10
N VAL A 101 -9.86 8.72 5.88
CA VAL A 101 -10.05 9.17 7.25
C VAL A 101 -8.87 8.79 8.13
N SER A 102 -8.31 7.60 7.88
CA SER A 102 -7.17 7.13 8.65
C SER A 102 -5.92 7.96 8.35
N PHE A 103 -5.61 8.10 7.07
CA PHE A 103 -4.44 8.87 6.65
C PHE A 103 -4.51 10.30 7.17
N ILE A 104 -5.67 10.93 6.99
CA ILE A 104 -5.87 12.30 7.44
C ILE A 104 -5.64 12.43 8.94
N LEU A 105 -6.28 11.56 9.71
CA LEU A 105 -6.13 11.57 11.16
C LEU A 105 -4.68 11.40 11.56
N ASP A 106 -3.96 10.55 10.83
CA ASP A 106 -2.55 10.30 11.11
C ASP A 106 -1.74 11.57 10.95
N ILE A 107 -1.80 12.17 9.77
CA ILE A 107 -1.05 13.39 9.49
C ILE A 107 -1.51 14.53 10.40
N VAL A 108 -2.82 14.61 10.62
CA VAL A 108 -3.38 15.66 11.47
C VAL A 108 -2.75 15.63 12.86
N LEU A 109 -2.70 14.44 13.46
CA LEU A 109 -2.11 14.27 14.78
C LEU A 109 -0.60 14.41 14.73
N LEU A 110 -0.01 14.01 13.61
CA LEU A 110 1.44 14.10 13.44
C LEU A 110 1.93 15.53 13.60
N PHE A 111 1.29 16.45 12.89
CA PHE A 111 1.66 17.86 12.96
C PHE A 111 1.07 18.52 14.21
N GLN A 112 0.00 17.95 14.72
CA GLN A 112 -0.66 18.47 15.91
C GLN A 112 0.36 18.82 16.99
N GLU A 113 1.38 17.98 17.12
CA GLU A 113 2.43 18.19 18.11
C GLU A 113 3.66 17.35 17.80
N HIS A 114 4.76 17.63 18.51
CA HIS A 114 6.00 16.89 18.30
C HIS A 114 6.07 15.68 19.23
N GLN A 115 4.97 14.94 19.31
CA GLN A 115 4.91 13.75 20.17
C GLN A 115 5.17 12.49 19.35
N PHE A 116 6.20 11.74 19.74
CA PHE A 116 6.55 10.50 19.05
C PHE A 116 5.33 9.61 18.88
N GLU A 117 4.43 9.64 19.86
CA GLU A 117 3.22 8.83 19.81
C GLU A 117 2.47 9.04 18.50
N ALA A 118 2.56 10.25 17.96
CA ALA A 118 1.89 10.58 16.71
C ALA A 118 2.25 9.58 15.62
N LEU A 119 3.54 9.29 15.48
CA LEU A 119 4.02 8.35 14.48
C LEU A 119 3.23 7.05 14.54
N GLY A 120 2.85 6.65 15.75
CA GLY A 120 2.10 5.42 15.93
C GLY A 120 0.90 5.33 14.98
N LEU A 121 0.20 6.44 14.81
CA LEU A 121 -0.95 6.48 13.93
C LEU A 121 -0.61 5.94 12.54
N LEU A 122 0.55 6.37 12.03
CA LEU A 122 1.01 5.93 10.71
C LEU A 122 1.33 4.44 10.71
N ILE A 123 1.99 3.98 11.77
CA ILE A 123 2.35 2.58 11.91
C ILE A 123 1.13 1.68 11.84
N LEU A 124 0.18 1.91 12.75
CA LEU A 124 -1.04 1.12 12.80
C LEU A 124 -1.79 1.20 11.48
N LEU A 125 -1.87 2.41 10.92
CA LEU A 125 -2.57 2.62 9.65
C LEU A 125 -2.05 1.65 8.59
N ARG A 126 -0.77 1.74 8.27
CA ARG A 126 -0.15 0.88 7.28
C ARG A 126 -0.28 -0.59 7.68
N LEU A 127 -0.24 -0.85 8.98
CA LEU A 127 -0.35 -2.21 9.50
C LEU A 127 -1.72 -2.80 9.18
N TRP A 128 -2.76 -2.03 9.44
CA TRP A 128 -4.13 -2.48 9.17
C TRP A 128 -4.34 -2.73 7.69
N ARG A 129 -4.03 -1.73 6.87
CA ARG A 129 -4.18 -1.85 5.42
C ARG A 129 -3.42 -3.07 4.89
N VAL A 130 -2.11 -3.06 5.07
CA VAL A 130 -1.27 -4.15 4.60
C VAL A 130 -1.79 -5.49 5.11
N ALA A 131 -1.80 -5.67 6.42
CA ALA A 131 -2.28 -6.91 7.02
C ALA A 131 -3.62 -7.33 6.44
N ARG A 132 -4.52 -6.35 6.30
CA ARG A 132 -5.85 -6.62 5.74
C ARG A 132 -5.75 -7.24 4.36
N ILE A 133 -5.01 -6.59 3.48
CA ILE A 133 -4.82 -7.09 2.11
C ILE A 133 -4.27 -8.51 2.11
N ILE A 134 -3.06 -8.66 2.64
CA ILE A 134 -2.41 -9.97 2.70
C ILE A 134 -3.34 -11.01 3.33
N ASN A 135 -3.76 -10.75 4.56
CA ASN A 135 -4.64 -11.66 5.28
C ASN A 135 -5.85 -12.03 4.43
N GLY A 136 -6.29 -11.07 3.61
CA GLY A 136 -7.45 -11.31 2.76
C GLY A 136 -7.14 -12.29 1.64
N ILE A 137 -6.00 -12.11 0.99
CA ILE A 137 -5.60 -13.00 -0.10
C ILE A 137 -5.36 -14.42 0.41
N ILE A 138 -4.85 -14.52 1.63
CA ILE A 138 -4.57 -15.83 2.23
C ILE A 138 -5.86 -16.55 2.61
N ILE A 139 -6.71 -15.87 3.37
CA ILE A 139 -7.97 -16.44 3.79
C ILE A 139 -8.86 -16.78 2.60
N SER A 140 -8.73 -15.99 1.53
CA SER A 140 -9.52 -16.20 0.33
C SER A 140 -8.97 -17.38 -0.48
N VAL A 141 -7.64 -17.53 -0.48
CA VAL A 141 -7.01 -18.61 -1.21
C VAL A 141 -7.21 -19.95 -0.50
N LYS A 142 -7.34 -19.90 0.82
CA LYS A 142 -7.54 -21.10 1.62
C LYS A 142 -8.73 -21.89 1.12
N THR A 143 -9.74 -21.18 0.62
CA THR A 143 -10.95 -21.82 0.10
C THR A 143 -10.67 -22.51 -1.24
N ARG A 144 -9.65 -22.03 -1.94
CA ARG A 144 -9.29 -22.59 -3.24
C ARG A 144 -7.86 -23.13 -3.21
N SER A 145 -6.89 -22.25 -3.43
CA SER A 145 -5.48 -22.65 -3.44
C SER A 145 -5.20 -23.62 -4.56
N GLU A 146 -3.92 -23.74 -4.93
CA GLU A 146 -3.52 -24.64 -6.01
C GLU A 146 -2.80 -25.86 -5.44
N ARG A 147 -2.05 -25.65 -4.37
CA ARG A 147 -1.31 -26.74 -3.73
C ARG A 147 -2.23 -27.88 -3.35
N SER A 1 4.13 -12.15 -40.73
CA SER A 1 4.09 -12.45 -42.17
C SER A 1 2.84 -13.26 -42.51
N HIS A 2 2.63 -14.35 -41.77
CA HIS A 2 1.48 -15.21 -42.00
C HIS A 2 0.49 -15.11 -40.85
N MET A 3 -0.39 -14.11 -40.90
CA MET A 3 -1.39 -13.91 -39.87
C MET A 3 -2.77 -14.29 -40.36
N ARG A 4 -3.65 -14.64 -39.42
CA ARG A 4 -5.02 -15.03 -39.77
C ARG A 4 -5.92 -14.99 -38.54
N ALA A 5 -5.85 -13.89 -37.80
CA ALA A 5 -6.67 -13.73 -36.60
C ALA A 5 -6.40 -14.84 -35.59
N PRO A 6 -5.24 -14.76 -34.91
CA PRO A 6 -4.83 -15.75 -33.91
C PRO A 6 -5.70 -15.70 -32.66
N LEU A 7 -5.47 -16.64 -31.75
CA LEU A 7 -6.23 -16.70 -30.51
C LEU A 7 -5.47 -17.48 -29.44
N ASP A 8 -4.82 -18.56 -29.87
CA ASP A 8 -4.05 -19.40 -28.95
C ASP A 8 -2.64 -18.83 -28.75
N PHE A 9 -2.09 -18.26 -29.82
CA PHE A 9 -0.74 -17.69 -29.76
C PHE A 9 -0.74 -16.41 -28.94
N ARG A 10 -1.54 -15.43 -29.37
CA ARG A 10 -1.62 -14.15 -28.67
C ARG A 10 -1.91 -14.36 -27.18
N GLY A 11 -2.74 -15.35 -26.88
CA GLY A 11 -3.09 -15.63 -25.50
C GLY A 11 -1.90 -16.10 -24.69
N MET A 12 -1.09 -16.97 -25.27
CA MET A 12 0.10 -17.49 -24.59
C MET A 12 1.12 -16.39 -24.35
N LEU A 13 1.26 -15.49 -25.32
CA LEU A 13 2.19 -14.39 -25.21
C LEU A 13 1.79 -13.43 -24.09
N ARG A 14 0.55 -12.95 -24.16
CA ARG A 14 0.04 -12.03 -23.15
C ARG A 14 0.06 -12.67 -21.77
N LYS A 15 -0.31 -13.93 -21.70
CA LYS A 15 -0.33 -14.66 -20.43
C LYS A 15 1.08 -14.88 -19.91
N LEU A 16 2.02 -15.11 -20.83
CA LEU A 16 3.42 -15.34 -20.46
C LEU A 16 4.02 -14.08 -19.84
N PHE A 17 3.94 -12.97 -20.55
CA PHE A 17 4.46 -11.70 -20.06
C PHE A 17 3.76 -11.27 -18.79
N SER A 18 2.43 -11.34 -18.80
CA SER A 18 1.64 -10.95 -17.64
C SER A 18 1.98 -11.81 -16.42
N SER A 19 2.22 -13.09 -16.67
CA SER A 19 2.55 -14.02 -15.60
C SER A 19 3.91 -13.68 -14.98
N HIS A 20 4.93 -13.65 -15.81
CA HIS A 20 6.28 -13.33 -15.35
C HIS A 20 6.32 -11.95 -14.71
N ARG A 21 5.57 -11.01 -15.27
CA ARG A 21 5.52 -9.65 -14.74
C ARG A 21 4.82 -9.62 -13.39
N PHE A 22 3.79 -10.45 -13.23
CA PHE A 22 3.04 -10.52 -11.99
C PHE A 22 3.97 -10.71 -10.80
N GLN A 23 4.76 -11.78 -10.83
CA GLN A 23 5.70 -12.07 -9.75
C GLN A 23 6.57 -10.86 -9.44
N VAL A 24 7.00 -10.16 -10.49
CA VAL A 24 7.84 -8.98 -10.33
C VAL A 24 7.11 -7.90 -9.54
N ILE A 25 5.87 -7.62 -9.92
CA ILE A 25 5.06 -6.61 -9.24
C ILE A 25 4.88 -6.96 -7.76
N ILE A 26 4.33 -8.14 -7.50
CA ILE A 26 4.10 -8.58 -6.14
C ILE A 26 5.37 -8.46 -5.29
N ILE A 27 6.44 -9.11 -5.75
CA ILE A 27 7.71 -9.08 -5.04
C ILE A 27 8.21 -7.64 -4.88
N CYS A 28 8.03 -6.84 -5.92
CA CYS A 28 8.46 -5.44 -5.90
C CYS A 28 7.67 -4.65 -4.87
N LEU A 29 6.40 -5.02 -4.69
CA LEU A 29 5.53 -4.33 -3.73
C LEU A 29 5.94 -4.66 -2.30
N VAL A 30 6.05 -5.96 -2.01
CA VAL A 30 6.42 -6.42 -0.67
C VAL A 30 7.81 -5.90 -0.30
N VAL A 31 8.71 -5.88 -1.26
CA VAL A 31 10.07 -5.41 -1.02
C VAL A 31 10.10 -3.89 -0.87
N LEU A 32 9.40 -3.20 -1.76
CA LEU A 32 9.35 -1.74 -1.72
C LEU A 32 8.86 -1.24 -0.36
N ASP A 33 7.75 -1.80 0.10
CA ASP A 33 7.18 -1.42 1.38
C ASP A 33 8.07 -1.88 2.53
N ALA A 34 8.48 -3.14 2.49
CA ALA A 34 9.35 -3.70 3.52
C ALA A 34 10.60 -2.85 3.70
N LEU A 35 11.23 -2.47 2.60
CA LEU A 35 12.45 -1.67 2.64
C LEU A 35 12.13 -0.25 3.10
N LEU A 36 11.02 0.30 2.62
CA LEU A 36 10.61 1.65 2.98
C LEU A 36 10.44 1.78 4.49
N VAL A 37 9.60 0.91 5.05
CA VAL A 37 9.34 0.92 6.49
C VAL A 37 10.60 0.58 7.27
N LEU A 38 11.21 -0.55 6.93
CA LEU A 38 12.43 -0.99 7.61
C LEU A 38 13.47 0.11 7.63
N ALA A 39 13.81 0.62 6.45
CA ALA A 39 14.79 1.70 6.33
C ALA A 39 14.41 2.90 7.17
N GLU A 40 13.15 3.33 7.04
CA GLU A 40 12.65 4.48 7.79
C GLU A 40 12.80 4.25 9.29
N LEU A 41 12.62 3.01 9.72
CA LEU A 41 12.73 2.66 11.13
C LEU A 41 14.17 2.76 11.60
N ILE A 42 15.07 2.04 10.94
CA ILE A 42 16.48 2.06 11.29
C ILE A 42 17.06 3.46 11.16
N LEU A 43 16.56 4.23 10.20
CA LEU A 43 17.03 5.59 9.97
C LEU A 43 16.60 6.50 11.12
N ASP A 44 15.30 6.48 11.43
CA ASP A 44 14.76 7.29 12.51
C ASP A 44 15.47 7.00 13.83
N LEU A 45 15.66 5.72 14.12
CA LEU A 45 16.33 5.30 15.35
C LEU A 45 17.82 5.61 15.29
N LYS A 46 18.40 5.47 14.11
CA LYS A 46 19.83 5.75 13.93
C LYS A 46 20.18 7.15 14.40
N ILE A 47 19.26 8.09 14.19
CA ILE A 47 19.47 9.47 14.59
C ILE A 47 19.91 9.55 16.06
N ILE A 48 18.95 9.36 16.96
CA ILE A 48 19.23 9.40 18.39
C ILE A 48 18.53 8.28 19.13
N GLN A 49 17.29 8.01 18.74
CA GLN A 49 16.50 6.95 19.37
C GLN A 49 15.16 6.78 18.67
N PRO A 50 14.55 5.60 18.84
CA PRO A 50 13.25 5.29 18.23
C PRO A 50 12.10 6.08 18.86
N ASP A 51 12.02 7.37 18.52
CA ASP A 51 10.98 8.23 19.05
C ASP A 51 11.13 9.65 18.51
N LYS A 52 10.50 9.91 17.36
CA LYS A 52 10.57 11.23 16.75
C LYS A 52 9.76 12.25 17.55
N ASN A 53 8.43 12.17 17.44
CA ASN A 53 7.55 13.08 18.15
C ASN A 53 7.96 14.53 17.92
N ASN A 54 7.89 14.96 16.66
CA ASN A 54 8.25 16.33 16.30
C ASN A 54 8.09 16.56 14.80
N TYR A 55 8.66 17.66 14.31
CA TYR A 55 8.59 17.99 12.90
C TYR A 55 8.90 16.77 12.03
N ALA A 56 9.97 16.07 12.37
CA ALA A 56 10.37 14.89 11.62
C ALA A 56 9.23 13.88 11.54
N ALA A 57 8.53 13.69 12.65
CA ALA A 57 7.42 12.75 12.71
C ALA A 57 6.27 13.21 11.81
N MET A 58 5.87 14.47 11.96
CA MET A 58 4.79 15.02 11.16
C MET A 58 5.03 14.79 9.68
N VAL A 59 6.20 15.21 9.20
CA VAL A 59 6.56 15.05 7.79
C VAL A 59 6.58 13.58 7.40
N PHE A 60 7.19 12.75 8.25
CA PHE A 60 7.29 11.32 7.99
C PHE A 60 5.90 10.71 7.82
N HIS A 61 5.00 11.02 8.74
CA HIS A 61 3.63 10.50 8.69
C HIS A 61 2.92 10.97 7.43
N TYR A 62 2.96 12.28 7.18
CA TYR A 62 2.32 12.86 6.02
C TYR A 62 2.74 12.13 4.74
N MET A 63 4.05 11.91 4.61
CA MET A 63 4.59 11.21 3.43
C MET A 63 4.10 9.78 3.38
N SER A 64 4.09 9.11 4.53
CA SER A 64 3.63 7.72 4.62
C SER A 64 2.18 7.59 4.16
N ILE A 65 1.32 8.42 4.74
CA ILE A 65 -0.09 8.40 4.40
C ILE A 65 -0.32 8.70 2.92
N THR A 66 0.26 9.80 2.45
CA THR A 66 0.14 10.20 1.06
C THR A 66 0.51 9.06 0.12
N ILE A 67 1.68 8.47 0.35
CA ILE A 67 2.15 7.36 -0.48
C ILE A 67 1.23 6.15 -0.34
N LEU A 68 0.69 5.96 0.85
CA LEU A 68 -0.21 4.84 1.11
C LEU A 68 -1.44 4.91 0.21
N VAL A 69 -2.22 5.97 0.37
CA VAL A 69 -3.43 6.16 -0.43
C VAL A 69 -3.09 6.25 -1.92
N PHE A 70 -1.95 6.87 -2.22
CA PHE A 70 -1.52 7.02 -3.60
C PHE A 70 -1.25 5.67 -4.25
N PHE A 71 -0.45 4.84 -3.57
CA PHE A 71 -0.11 3.52 -4.08
C PHE A 71 -1.37 2.66 -4.23
N MET A 72 -2.21 2.67 -3.20
CA MET A 72 -3.44 1.89 -3.22
C MET A 72 -4.31 2.27 -4.42
N MET A 73 -4.68 3.53 -4.50
CA MET A 73 -5.51 4.02 -5.59
C MET A 73 -4.85 3.73 -6.94
N GLU A 74 -3.52 3.84 -6.97
CA GLU A 74 -2.77 3.59 -8.20
C GLU A 74 -3.01 2.17 -8.70
N ILE A 75 -2.78 1.19 -7.83
CA ILE A 75 -2.97 -0.20 -8.19
C ILE A 75 -4.42 -0.49 -8.55
N ILE A 76 -5.33 -0.17 -7.64
CA ILE A 76 -6.76 -0.38 -7.87
C ILE A 76 -7.21 0.24 -9.18
N PHE A 77 -6.67 1.42 -9.47
CA PHE A 77 -7.01 2.13 -10.71
C PHE A 77 -6.44 1.42 -11.93
N LYS A 78 -5.12 1.21 -11.91
CA LYS A 78 -4.45 0.54 -13.02
C LYS A 78 -5.12 -0.79 -13.35
N LEU A 79 -5.50 -1.52 -12.31
CA LEU A 79 -6.16 -2.81 -12.49
C LEU A 79 -7.37 -2.69 -13.40
N PHE A 80 -8.08 -1.56 -13.28
CA PHE A 80 -9.26 -1.32 -14.11
C PHE A 80 -10.30 -2.42 -13.91
N VAL A 81 -11.15 -2.24 -12.90
CA VAL A 81 -12.20 -3.22 -12.61
C VAL A 81 -13.48 -2.53 -12.15
N PHE A 82 -14.60 -2.92 -12.75
CA PHE A 82 -15.90 -2.34 -12.40
C PHE A 82 -15.90 -0.84 -12.66
N ARG A 83 -16.98 -0.18 -12.22
CA ARG A 83 -17.11 1.26 -12.41
C ARG A 83 -17.25 1.97 -11.06
N LEU A 84 -16.92 3.26 -11.04
CA LEU A 84 -17.03 4.05 -9.81
C LEU A 84 -17.85 5.32 -10.05
N GLU A 85 -19.16 5.16 -10.11
CA GLU A 85 -20.06 6.29 -10.33
C GLU A 85 -19.97 7.28 -9.18
N PHE A 86 -20.79 8.32 -9.25
CA PHE A 86 -20.80 9.36 -8.20
C PHE A 86 -21.11 8.75 -6.84
N PHE A 87 -22.05 7.81 -6.82
CA PHE A 87 -22.44 7.14 -5.57
C PHE A 87 -21.35 6.19 -5.10
N HIS A 88 -21.07 6.22 -3.80
CA HIS A 88 -20.05 5.36 -3.22
C HIS A 88 -20.67 4.36 -2.25
N HIS A 89 -20.08 3.17 -2.17
CA HIS A 89 -20.57 2.12 -1.28
C HIS A 89 -20.28 2.47 0.17
N LYS A 90 -21.02 1.83 1.08
CA LYS A 90 -20.84 2.07 2.50
C LYS A 90 -19.42 1.71 2.95
N PHE A 91 -18.88 0.63 2.38
CA PHE A 91 -17.54 0.18 2.72
C PHE A 91 -16.50 1.20 2.23
N GLU A 92 -16.69 1.69 1.01
CA GLU A 92 -15.77 2.66 0.43
C GLU A 92 -15.55 3.84 1.37
N ILE A 93 -16.62 4.24 2.06
CA ILE A 93 -16.57 5.36 2.99
C ILE A 93 -15.93 4.93 4.32
N LEU A 94 -16.20 3.71 4.73
CA LEU A 94 -15.67 3.18 5.98
C LEU A 94 -14.15 3.34 6.03
N ASP A 95 -13.47 2.78 5.04
CA ASP A 95 -12.02 2.85 4.96
C ASP A 95 -11.54 4.29 5.13
N ALA A 96 -12.21 5.22 4.43
CA ALA A 96 -11.86 6.63 4.51
C ALA A 96 -11.79 7.11 5.95
N VAL A 97 -12.89 6.92 6.68
CA VAL A 97 -12.96 7.34 8.08
C VAL A 97 -11.85 6.67 8.90
N VAL A 98 -11.61 5.39 8.63
CA VAL A 98 -10.59 4.64 9.34
C VAL A 98 -9.23 5.32 9.22
N VAL A 99 -8.71 5.39 8.01
CA VAL A 99 -7.42 6.02 7.76
C VAL A 99 -7.38 7.44 8.31
N VAL A 100 -8.53 8.12 8.26
CA VAL A 100 -8.63 9.49 8.75
C VAL A 100 -8.44 9.55 10.26
N VAL A 101 -9.08 8.62 10.96
CA VAL A 101 -8.99 8.56 12.42
C VAL A 101 -7.56 8.25 12.86
N SER A 102 -6.93 7.29 12.20
CA SER A 102 -5.57 6.90 12.53
C SER A 102 -4.60 8.06 12.31
N PHE A 103 -4.65 8.65 11.11
CA PHE A 103 -3.77 9.77 10.78
C PHE A 103 -3.96 10.91 11.77
N ILE A 104 -5.19 11.41 11.86
CA ILE A 104 -5.49 12.51 12.77
C ILE A 104 -5.04 12.19 14.19
N LEU A 105 -5.42 11.02 14.69
CA LEU A 105 -5.05 10.60 16.03
C LEU A 105 -3.53 10.61 16.20
N ASP A 106 -2.82 10.27 15.14
CA ASP A 106 -1.36 10.25 15.16
C ASP A 106 -0.80 11.65 15.38
N ILE A 107 -1.15 12.56 14.47
CA ILE A 107 -0.68 13.94 14.55
C ILE A 107 -1.16 14.61 15.83
N VAL A 108 -2.40 14.34 16.21
CA VAL A 108 -2.97 14.91 17.42
C VAL A 108 -2.17 14.52 18.65
N LEU A 109 -1.97 13.22 18.85
CA LEU A 109 -1.21 12.71 19.98
C LEU A 109 0.23 13.22 19.94
N LEU A 110 0.76 13.37 18.74
CA LEU A 110 2.13 13.84 18.55
C LEU A 110 2.29 15.26 19.10
N PHE A 111 1.35 16.13 18.76
CA PHE A 111 1.39 17.52 19.22
C PHE A 111 0.61 17.68 20.52
N GLN A 112 0.28 16.56 21.15
CA GLN A 112 -0.47 16.57 22.41
C GLN A 112 0.41 16.12 23.57
N GLU A 113 0.68 14.83 23.64
CA GLU A 113 1.50 14.27 24.71
C GLU A 113 2.98 14.30 24.33
N HIS A 114 3.25 14.27 23.02
CA HIS A 114 4.61 14.30 22.52
C HIS A 114 5.37 13.04 22.94
N GLN A 115 4.66 11.92 23.00
CA GLN A 115 5.26 10.65 23.39
C GLN A 115 5.14 9.62 22.26
N PHE A 116 5.74 8.46 22.47
CA PHE A 116 5.70 7.40 21.47
C PHE A 116 4.27 7.06 21.07
N GLU A 117 3.33 7.34 21.98
CA GLU A 117 1.93 7.06 21.72
C GLU A 117 1.51 7.57 20.34
N ALA A 118 2.10 8.70 19.94
CA ALA A 118 1.79 9.28 18.64
C ALA A 118 2.27 8.39 17.50
N LEU A 119 3.53 7.96 17.59
CA LEU A 119 4.12 7.10 16.58
C LEU A 119 3.34 5.80 16.44
N GLY A 120 2.83 5.30 17.57
CA GLY A 120 2.06 4.07 17.56
C GLY A 120 1.00 4.05 16.47
N LEU A 121 0.39 5.21 16.23
CA LEU A 121 -0.65 5.32 15.21
C LEU A 121 -0.09 4.97 13.83
N LEU A 122 1.08 5.51 13.52
CA LEU A 122 1.72 5.25 12.23
C LEU A 122 2.10 3.79 12.10
N ILE A 123 2.50 3.17 13.20
CA ILE A 123 2.90 1.76 13.20
C ILE A 123 1.70 0.87 12.86
N LEU A 124 0.66 0.96 13.68
CA LEU A 124 -0.54 0.16 13.47
C LEU A 124 -1.11 0.38 12.07
N LEU A 125 -0.99 1.61 11.58
CA LEU A 125 -1.49 1.94 10.24
C LEU A 125 -0.71 1.19 9.17
N ARG A 126 0.60 1.32 9.18
CA ARG A 126 1.46 0.65 8.21
C ARG A 126 1.27 -0.86 8.28
N LEU A 127 1.12 -1.38 9.48
CA LEU A 127 0.93 -2.82 9.67
C LEU A 127 -0.46 -3.25 9.22
N TRP A 128 -1.44 -2.38 9.43
CA TRP A 128 -2.81 -2.68 9.03
C TRP A 128 -2.96 -2.62 7.53
N ARG A 129 -2.52 -1.52 6.93
CA ARG A 129 -2.61 -1.35 5.48
C ARG A 129 -1.83 -2.43 4.75
N VAL A 130 -0.60 -2.68 5.20
CA VAL A 130 0.25 -3.70 4.59
C VAL A 130 -0.34 -5.09 4.79
N ALA A 131 -0.95 -5.32 5.94
CA ALA A 131 -1.56 -6.61 6.23
C ALA A 131 -2.68 -6.93 5.25
N ARG A 132 -3.66 -6.04 5.17
CA ARG A 132 -4.79 -6.23 4.27
C ARG A 132 -4.34 -6.23 2.82
N ILE A 133 -3.59 -5.21 2.43
CA ILE A 133 -3.08 -5.10 1.07
C ILE A 133 -2.37 -6.38 0.64
N ILE A 134 -1.23 -6.65 1.25
CA ILE A 134 -0.45 -7.85 0.92
C ILE A 134 -1.34 -9.09 0.96
N ASN A 135 -2.25 -9.15 1.92
CA ASN A 135 -3.15 -10.28 2.06
C ASN A 135 -4.07 -10.39 0.85
N GLY A 136 -4.50 -9.24 0.33
CA GLY A 136 -5.38 -9.22 -0.82
C GLY A 136 -4.68 -9.67 -2.09
N ILE A 137 -3.47 -9.16 -2.31
CA ILE A 137 -2.70 -9.52 -3.50
C ILE A 137 -2.26 -10.97 -3.44
N ILE A 138 -1.93 -11.45 -2.25
CA ILE A 138 -1.49 -12.82 -2.07
C ILE A 138 -2.63 -13.80 -2.31
N ILE A 139 -3.77 -13.53 -1.70
CA ILE A 139 -4.95 -14.38 -1.86
C ILE A 139 -5.47 -14.35 -3.28
N SER A 140 -5.34 -13.20 -3.93
CA SER A 140 -5.80 -13.03 -5.31
C SER A 140 -4.83 -13.67 -6.28
N VAL A 141 -3.54 -13.65 -5.93
CA VAL A 141 -2.51 -14.23 -6.78
C VAL A 141 -2.47 -15.74 -6.63
N LYS A 142 -2.64 -16.23 -5.41
CA LYS A 142 -2.63 -17.66 -5.13
C LYS A 142 -3.89 -18.33 -5.66
N THR A 143 -5.02 -17.62 -5.59
CA THR A 143 -6.29 -18.14 -6.07
C THR A 143 -6.33 -18.18 -7.59
N ARG A 144 -5.61 -17.26 -8.22
CA ARG A 144 -5.57 -17.19 -9.67
C ARG A 144 -4.36 -17.93 -10.22
N SER A 145 -3.92 -18.95 -9.49
CA SER A 145 -2.76 -19.75 -9.90
C SER A 145 -2.96 -21.21 -9.52
N GLU A 146 -1.89 -22.00 -9.66
CA GLU A 146 -1.95 -23.42 -9.34
C GLU A 146 -1.93 -23.64 -7.83
N ARG A 147 -1.22 -22.77 -7.11
CA ARG A 147 -1.11 -22.87 -5.67
C ARG A 147 -2.50 -22.83 -5.02
N SER A 1 26.85 3.83 -32.50
CA SER A 1 25.65 4.64 -32.39
C SER A 1 24.40 3.75 -32.35
N HIS A 2 23.35 4.27 -31.72
CA HIS A 2 22.09 3.53 -31.61
C HIS A 2 21.45 3.33 -32.99
N MET A 3 20.42 2.50 -33.04
CA MET A 3 19.72 2.23 -34.29
C MET A 3 18.34 2.89 -34.30
N ARG A 4 17.41 2.32 -33.55
CA ARG A 4 16.05 2.84 -33.47
C ARG A 4 15.22 2.06 -32.46
N ALA A 5 15.79 1.82 -31.29
CA ALA A 5 15.10 1.06 -30.24
C ALA A 5 14.81 -0.37 -30.68
N PRO A 6 14.56 -1.25 -29.70
CA PRO A 6 14.28 -2.66 -29.97
C PRO A 6 12.91 -2.86 -30.63
N LEU A 7 12.64 -4.09 -31.05
CA LEU A 7 11.37 -4.42 -31.70
C LEU A 7 10.94 -5.84 -31.38
N ASP A 8 11.92 -6.75 -31.37
CA ASP A 8 11.64 -8.16 -31.08
C ASP A 8 11.76 -8.43 -29.58
N PHE A 9 12.76 -7.81 -28.96
CA PHE A 9 12.99 -7.99 -27.53
C PHE A 9 11.90 -7.29 -26.70
N ARG A 10 11.77 -5.99 -26.90
CA ARG A 10 10.77 -5.20 -26.18
C ARG A 10 9.38 -5.83 -26.32
N GLY A 11 9.08 -6.31 -27.52
CA GLY A 11 7.78 -6.93 -27.77
C GLY A 11 7.57 -8.17 -26.92
N MET A 12 8.61 -8.98 -26.78
CA MET A 12 8.53 -10.20 -25.99
C MET A 12 8.32 -9.88 -24.51
N LEU A 13 9.01 -8.85 -24.03
CA LEU A 13 8.91 -8.44 -22.63
C LEU A 13 7.49 -7.97 -22.31
N ARG A 14 6.99 -7.02 -23.10
CA ARG A 14 5.65 -6.48 -22.91
C ARG A 14 4.60 -7.58 -23.03
N LYS A 15 4.74 -8.41 -24.06
CA LYS A 15 3.80 -9.50 -24.28
C LYS A 15 3.88 -10.52 -23.16
N LEU A 16 5.08 -10.75 -22.64
CA LEU A 16 5.28 -11.71 -21.56
C LEU A 16 4.56 -11.25 -20.29
N PHE A 17 4.89 -10.06 -19.83
CA PHE A 17 4.28 -9.51 -18.62
C PHE A 17 2.76 -9.42 -18.77
N SER A 18 2.33 -8.81 -19.88
CA SER A 18 0.90 -8.64 -20.15
C SER A 18 0.19 -9.99 -20.16
N SER A 19 0.83 -10.98 -20.79
CA SER A 19 0.24 -12.32 -20.87
C SER A 19 0.07 -12.92 -19.48
N HIS A 20 1.11 -12.82 -18.66
CA HIS A 20 1.06 -13.35 -17.31
C HIS A 20 -0.02 -12.66 -16.49
N ARG A 21 0.17 -11.37 -16.24
CA ARG A 21 -0.80 -10.60 -15.47
C ARG A 21 -0.72 -10.96 -13.99
N PHE A 22 -1.16 -12.18 -13.67
CA PHE A 22 -1.14 -12.66 -12.29
C PHE A 22 0.23 -12.48 -11.66
N GLN A 23 1.23 -13.14 -12.25
CA GLN A 23 2.60 -13.05 -11.75
C GLN A 23 3.03 -11.61 -11.59
N VAL A 24 2.76 -10.79 -12.61
CA VAL A 24 3.12 -9.38 -12.58
C VAL A 24 2.60 -8.70 -11.32
N ILE A 25 1.32 -8.94 -11.02
CA ILE A 25 0.70 -8.35 -9.84
C ILE A 25 1.35 -8.85 -8.57
N ILE A 26 1.59 -10.16 -8.51
CA ILE A 26 2.23 -10.76 -7.34
C ILE A 26 3.56 -10.10 -7.02
N ILE A 27 4.51 -10.21 -7.95
CA ILE A 27 5.83 -9.62 -7.77
C ILE A 27 5.73 -8.11 -7.56
N CYS A 28 4.77 -7.48 -8.24
CA CYS A 28 4.58 -6.05 -8.12
C CYS A 28 4.34 -5.64 -6.66
N LEU A 29 3.32 -6.24 -6.05
CA LEU A 29 2.99 -5.94 -4.66
C LEU A 29 4.13 -6.34 -3.73
N VAL A 30 4.64 -7.55 -3.91
CA VAL A 30 5.73 -8.05 -3.08
C VAL A 30 6.90 -7.07 -3.08
N VAL A 31 7.40 -6.75 -4.27
CA VAL A 31 8.51 -5.82 -4.40
C VAL A 31 8.17 -4.45 -3.83
N LEU A 32 6.92 -4.02 -4.05
CA LEU A 32 6.46 -2.73 -3.57
C LEU A 32 6.53 -2.66 -2.05
N ASP A 33 5.95 -3.65 -1.39
CA ASP A 33 5.96 -3.71 0.07
C ASP A 33 7.37 -3.77 0.61
N ALA A 34 8.14 -4.74 0.14
CA ALA A 34 9.53 -4.91 0.58
C ALA A 34 10.31 -3.61 0.38
N LEU A 35 10.22 -3.05 -0.82
CA LEU A 35 10.93 -1.81 -1.13
C LEU A 35 10.43 -0.67 -0.26
N LEU A 36 9.14 -0.67 0.04
CA LEU A 36 8.54 0.37 0.87
C LEU A 36 9.17 0.38 2.26
N VAL A 37 9.05 -0.74 2.97
CA VAL A 37 9.61 -0.86 4.30
C VAL A 37 11.12 -0.64 4.30
N LEU A 38 11.78 -1.15 3.27
CA LEU A 38 13.22 -1.01 3.14
C LEU A 38 13.61 0.46 3.00
N ALA A 39 13.04 1.12 2.00
CA ALA A 39 13.33 2.53 1.75
C ALA A 39 13.04 3.37 2.99
N GLU A 40 11.93 3.07 3.66
CA GLU A 40 11.56 3.82 4.86
C GLU A 40 12.62 3.67 5.94
N LEU A 41 13.00 2.43 6.23
CA LEU A 41 14.01 2.15 7.25
C LEU A 41 15.30 2.90 6.95
N ILE A 42 15.85 2.66 5.76
CA ILE A 42 17.09 3.31 5.35
C ILE A 42 16.93 4.83 5.33
N LEU A 43 15.72 5.28 5.07
CA LEU A 43 15.43 6.72 5.03
C LEU A 43 15.52 7.34 6.42
N ASP A 44 14.73 6.80 7.35
CA ASP A 44 14.73 7.30 8.73
C ASP A 44 16.12 7.18 9.35
N LEU A 45 16.84 6.12 9.00
CA LEU A 45 18.18 5.89 9.53
C LEU A 45 19.06 7.12 9.32
N LYS A 46 18.79 7.86 8.26
CA LYS A 46 19.56 9.07 7.94
C LYS A 46 19.20 10.20 8.89
N ILE A 47 17.92 10.26 9.27
CA ILE A 47 17.45 11.29 10.19
C ILE A 47 16.86 10.69 11.46
N ILE A 48 17.58 9.72 12.02
CA ILE A 48 17.13 9.05 13.24
C ILE A 48 16.75 10.07 14.31
N GLN A 49 17.47 11.19 14.34
CA GLN A 49 17.22 12.24 15.31
C GLN A 49 15.75 12.66 15.29
N PRO A 50 15.26 13.17 16.43
CA PRO A 50 13.88 13.62 16.57
C PRO A 50 13.60 14.88 15.77
N ASP A 51 12.41 15.44 15.97
CA ASP A 51 12.01 16.65 15.27
C ASP A 51 10.65 17.16 15.77
N LYS A 52 9.71 16.23 15.93
CA LYS A 52 8.38 16.58 16.41
C LYS A 52 7.69 17.53 15.43
N ASN A 53 6.76 16.98 14.66
CA ASN A 53 6.02 17.77 13.68
C ASN A 53 6.97 18.50 12.74
N ASN A 54 7.29 17.86 11.61
CA ASN A 54 8.19 18.46 10.63
C ASN A 54 7.97 17.84 9.25
N TYR A 55 8.83 18.22 8.30
CA TYR A 55 8.73 17.70 6.95
C TYR A 55 8.86 16.17 6.93
N ALA A 56 9.70 15.65 7.82
CA ALA A 56 9.91 14.21 7.91
C ALA A 56 8.61 13.48 8.26
N ALA A 57 7.97 13.91 9.34
CA ALA A 57 6.72 13.30 9.77
C ALA A 57 5.60 13.59 8.78
N MET A 58 5.63 14.78 8.18
CA MET A 58 4.62 15.18 7.21
C MET A 58 4.66 14.27 5.99
N VAL A 59 5.83 14.14 5.39
CA VAL A 59 6.01 13.31 4.21
C VAL A 59 5.80 11.83 4.54
N PHE A 60 6.17 11.44 5.76
CA PHE A 60 6.03 10.07 6.20
C PHE A 60 4.56 9.65 6.24
N HIS A 61 3.75 10.46 6.91
CA HIS A 61 2.31 10.18 7.03
C HIS A 61 1.63 10.33 5.67
N TYR A 62 1.98 11.38 4.93
CA TYR A 62 1.40 11.62 3.63
C TYR A 62 1.73 10.50 2.65
N MET A 63 2.99 10.09 2.65
CA MET A 63 3.45 9.01 1.77
C MET A 63 2.81 7.68 2.17
N SER A 64 2.65 7.48 3.47
CA SER A 64 2.06 6.24 3.98
C SER A 64 0.60 6.12 3.57
N ILE A 65 -0.20 7.13 3.94
CA ILE A 65 -1.61 7.14 3.61
C ILE A 65 -1.82 7.16 2.10
N THR A 66 -0.93 7.83 1.40
CA THR A 66 -1.03 7.93 -0.06
C THR A 66 -0.82 6.56 -0.71
N ILE A 67 0.39 6.02 -0.57
CA ILE A 67 0.71 4.73 -1.15
C ILE A 67 -0.27 3.66 -0.67
N LEU A 68 -0.74 3.80 0.57
CA LEU A 68 -1.68 2.84 1.15
C LEU A 68 -3.00 2.86 0.39
N VAL A 69 -3.70 3.99 0.45
CA VAL A 69 -4.98 4.14 -0.23
C VAL A 69 -4.83 3.91 -1.74
N PHE A 70 -3.81 4.52 -2.32
CA PHE A 70 -3.56 4.39 -3.75
C PHE A 70 -3.48 2.92 -4.15
N PHE A 71 -2.63 2.16 -3.47
CA PHE A 71 -2.46 0.74 -3.76
C PHE A 71 -3.79 0.00 -3.61
N MET A 72 -4.41 0.13 -2.44
CA MET A 72 -5.68 -0.53 -2.17
C MET A 72 -6.70 -0.22 -3.26
N MET A 73 -6.97 1.07 -3.45
CA MET A 73 -7.93 1.50 -4.47
C MET A 73 -7.59 0.89 -5.83
N GLU A 74 -6.30 0.83 -6.14
CA GLU A 74 -5.85 0.27 -7.41
C GLU A 74 -6.25 -1.20 -7.53
N ILE A 75 -5.97 -1.97 -6.49
CA ILE A 75 -6.30 -3.39 -6.48
C ILE A 75 -7.81 -3.60 -6.63
N ILE A 76 -8.57 -3.05 -5.70
CA ILE A 76 -10.03 -3.18 -5.73
C ILE A 76 -10.58 -2.70 -7.06
N PHE A 77 -9.96 -1.67 -7.63
CA PHE A 77 -10.40 -1.11 -8.90
C PHE A 77 -10.23 -2.13 -10.03
N LYS A 78 -9.01 -2.59 -10.23
CA LYS A 78 -8.72 -3.57 -11.27
C LYS A 78 -9.59 -4.82 -11.11
N LEU A 79 -9.82 -5.22 -9.86
CA LEU A 79 -10.64 -6.39 -9.57
C LEU A 79 -11.61 -6.10 -8.43
N PHE A 80 -12.90 -6.18 -8.72
CA PHE A 80 -13.93 -5.93 -7.72
C PHE A 80 -14.03 -7.10 -6.75
N VAL A 81 -14.88 -6.94 -5.73
CA VAL A 81 -15.07 -7.98 -4.72
C VAL A 81 -16.46 -7.90 -4.11
N PHE A 82 -17.48 -7.73 -4.96
CA PHE A 82 -18.85 -7.63 -4.50
C PHE A 82 -19.24 -8.87 -3.69
N ARG A 83 -20.31 -8.75 -2.92
CA ARG A 83 -20.79 -9.85 -2.09
C ARG A 83 -22.21 -10.24 -2.47
N LEU A 84 -23.16 -9.35 -2.19
CA LEU A 84 -24.56 -9.59 -2.51
C LEU A 84 -25.43 -8.40 -2.11
N GLU A 85 -25.07 -7.76 -1.00
CA GLU A 85 -25.82 -6.61 -0.52
C GLU A 85 -25.98 -5.56 -1.61
N PHE A 86 -27.22 -5.28 -1.98
CA PHE A 86 -27.52 -4.30 -3.02
C PHE A 86 -26.81 -2.98 -2.73
N PHE A 87 -26.74 -2.62 -1.45
CA PHE A 87 -26.09 -1.38 -1.05
C PHE A 87 -24.73 -1.64 -0.43
N HIS A 88 -24.73 -2.21 0.76
CA HIS A 88 -23.49 -2.53 1.46
C HIS A 88 -23.77 -3.22 2.80
N HIS A 89 -22.72 -3.73 3.42
CA HIS A 89 -22.86 -4.42 4.71
C HIS A 89 -21.96 -3.77 5.76
N LYS A 90 -22.40 -3.83 7.02
CA LYS A 90 -21.63 -3.26 8.11
C LYS A 90 -20.21 -3.81 8.14
N PHE A 91 -20.08 -5.09 7.79
CA PHE A 91 -18.77 -5.75 7.78
C PHE A 91 -17.79 -4.98 6.89
N GLU A 92 -18.21 -4.71 5.65
CA GLU A 92 -17.37 -3.99 4.70
C GLU A 92 -17.26 -2.52 5.08
N ILE A 93 -18.40 -1.89 5.31
CA ILE A 93 -18.44 -0.48 5.68
C ILE A 93 -17.52 -0.20 6.87
N LEU A 94 -17.43 -1.16 7.78
CA LEU A 94 -16.59 -1.03 8.96
C LEU A 94 -15.17 -0.64 8.57
N ASP A 95 -14.61 -1.36 7.61
CA ASP A 95 -13.26 -1.09 7.14
C ASP A 95 -13.07 0.39 6.81
N ALA A 96 -13.97 0.92 5.99
CA ALA A 96 -13.92 2.32 5.60
C ALA A 96 -13.78 3.22 6.82
N VAL A 97 -14.69 3.05 7.78
CA VAL A 97 -14.66 3.86 8.99
C VAL A 97 -13.31 3.77 9.69
N VAL A 98 -12.92 2.54 10.03
CA VAL A 98 -11.65 2.31 10.70
C VAL A 98 -10.50 3.00 9.97
N VAL A 99 -10.57 3.01 8.65
CA VAL A 99 -9.54 3.64 7.82
C VAL A 99 -9.49 5.15 8.07
N VAL A 100 -10.58 5.83 7.74
CA VAL A 100 -10.67 7.27 7.92
C VAL A 100 -10.39 7.66 9.37
N VAL A 101 -10.90 6.86 10.30
CA VAL A 101 -10.70 7.11 11.72
C VAL A 101 -9.21 7.10 12.08
N SER A 102 -8.50 6.08 11.60
CA SER A 102 -7.08 5.94 11.88
C SER A 102 -6.29 7.04 11.17
N PHE A 103 -6.66 7.33 9.93
CA PHE A 103 -5.98 8.35 9.14
C PHE A 103 -5.97 9.68 9.88
N ILE A 104 -7.16 10.20 10.16
CA ILE A 104 -7.30 11.48 10.87
C ILE A 104 -6.64 11.42 12.24
N LEU A 105 -6.90 10.33 12.96
CA LEU A 105 -6.33 10.15 14.30
C LEU A 105 -4.80 10.17 14.24
N ASP A 106 -4.24 9.56 13.21
CA ASP A 106 -2.79 9.52 13.04
C ASP A 106 -2.22 10.92 12.84
N ILE A 107 -2.72 11.62 11.83
CA ILE A 107 -2.27 12.97 11.55
C ILE A 107 -2.53 13.91 12.72
N VAL A 108 -3.69 13.75 13.34
CA VAL A 108 -4.07 14.58 14.48
C VAL A 108 -3.05 14.46 15.61
N LEU A 109 -2.78 13.23 16.03
CA LEU A 109 -1.82 12.97 17.10
C LEU A 109 -0.41 13.34 16.66
N LEU A 110 -0.13 13.22 15.37
CA LEU A 110 1.17 13.55 14.83
C LEU A 110 1.50 15.01 15.06
N PHE A 111 0.58 15.89 14.71
CA PHE A 111 0.76 17.32 14.87
C PHE A 111 0.48 17.75 16.31
N GLN A 112 -0.52 17.13 16.92
CA GLN A 112 -0.90 17.43 18.29
C GLN A 112 0.31 17.37 19.22
N GLU A 113 0.79 18.53 19.65
CA GLU A 113 1.94 18.59 20.54
C GLU A 113 3.16 17.95 19.89
N HIS A 114 4.32 18.10 20.54
CA HIS A 114 5.56 17.53 20.02
C HIS A 114 5.76 16.10 20.54
N GLN A 115 4.71 15.29 20.41
CA GLN A 115 4.76 13.90 20.86
C GLN A 115 5.14 12.97 19.71
N PHE A 116 6.44 12.76 19.53
CA PHE A 116 6.93 11.89 18.47
C PHE A 116 6.23 10.54 18.50
N GLU A 117 5.85 10.10 19.70
CA GLU A 117 5.17 8.83 19.88
C GLU A 117 4.01 8.69 18.90
N ALA A 118 3.39 9.82 18.57
CA ALA A 118 2.26 9.83 17.65
C ALA A 118 2.57 9.03 16.38
N LEU A 119 3.83 9.04 15.98
CA LEU A 119 4.26 8.32 14.79
C LEU A 119 3.74 6.89 14.81
N GLY A 120 3.66 6.30 16.00
CA GLY A 120 3.17 4.94 16.13
C GLY A 120 1.85 4.72 15.41
N LEU A 121 0.99 5.74 15.43
CA LEU A 121 -0.30 5.66 14.78
C LEU A 121 -0.14 5.34 13.29
N LEU A 122 0.79 6.02 12.64
CA LEU A 122 1.06 5.81 11.22
C LEU A 122 1.63 4.42 10.97
N ILE A 123 2.57 4.01 11.81
CA ILE A 123 3.20 2.71 11.68
C ILE A 123 2.16 1.60 11.68
N LEU A 124 1.38 1.53 12.75
CA LEU A 124 0.34 0.51 12.89
C LEU A 124 -0.66 0.61 11.73
N LEU A 125 -1.04 1.83 11.38
CA LEU A 125 -1.99 2.06 10.30
C LEU A 125 -1.57 1.30 9.04
N ARG A 126 -0.39 1.60 8.53
CA ARG A 126 0.12 0.94 7.33
C ARG A 126 0.32 -0.55 7.59
N LEU A 127 0.66 -0.90 8.82
CA LEU A 127 0.88 -2.30 9.19
C LEU A 127 -0.36 -3.14 8.88
N TRP A 128 -1.43 -2.90 9.61
CA TRP A 128 -2.67 -3.63 9.41
C TRP A 128 -3.24 -3.38 8.02
N ARG A 129 -3.02 -2.18 7.51
CA ARG A 129 -3.52 -1.80 6.20
C ARG A 129 -2.89 -2.68 5.11
N VAL A 130 -1.58 -2.49 4.90
CA VAL A 130 -0.85 -3.26 3.90
C VAL A 130 -1.00 -4.76 4.15
N ALA A 131 -1.05 -5.14 5.42
CA ALA A 131 -1.19 -6.54 5.79
C ALA A 131 -2.56 -7.09 5.37
N ARG A 132 -3.58 -6.25 5.47
CA ARG A 132 -4.93 -6.65 5.10
C ARG A 132 -5.06 -6.82 3.59
N ILE A 133 -4.71 -5.77 2.87
CA ILE A 133 -4.79 -5.81 1.40
C ILE A 133 -3.97 -6.96 0.84
N ILE A 134 -2.76 -7.13 1.36
CA ILE A 134 -1.88 -8.21 0.90
C ILE A 134 -2.47 -9.57 1.22
N ASN A 135 -2.69 -9.84 2.50
CA ASN A 135 -3.25 -11.11 2.93
C ASN A 135 -4.54 -11.42 2.18
N GLY A 136 -5.26 -10.37 1.77
CA GLY A 136 -6.49 -10.57 1.03
C GLY A 136 -6.26 -11.08 -0.37
N ILE A 137 -5.43 -10.38 -1.13
CA ILE A 137 -5.12 -10.77 -2.50
C ILE A 137 -4.50 -12.17 -2.54
N ILE A 138 -3.73 -12.49 -1.52
CA ILE A 138 -3.07 -13.80 -1.44
C ILE A 138 -4.09 -14.91 -1.22
N ILE A 139 -4.87 -14.79 -0.15
CA ILE A 139 -5.88 -15.78 0.18
C ILE A 139 -6.92 -15.89 -0.94
N SER A 140 -7.13 -14.80 -1.65
CA SER A 140 -8.09 -14.77 -2.75
C SER A 140 -7.52 -15.46 -3.99
N VAL A 141 -6.21 -15.31 -4.20
CA VAL A 141 -5.55 -15.90 -5.35
C VAL A 141 -5.31 -17.39 -5.11
N LYS A 142 -4.95 -17.75 -3.88
CA LYS A 142 -4.69 -19.14 -3.53
C LYS A 142 -5.99 -19.94 -3.49
N THR A 143 -7.07 -19.31 -3.03
CA THR A 143 -8.36 -19.96 -2.94
C THR A 143 -8.98 -20.14 -4.33
N ARG A 144 -8.65 -19.23 -5.24
CA ARG A 144 -9.17 -19.29 -6.60
C ARG A 144 -8.19 -20.00 -7.53
N SER A 145 -7.41 -20.93 -6.97
CA SER A 145 -6.44 -21.68 -7.75
C SER A 145 -6.37 -23.12 -7.27
N GLU A 146 -5.37 -23.85 -7.77
CA GLU A 146 -5.18 -25.26 -7.39
C GLU A 146 -4.95 -25.39 -5.89
N ARG A 147 -4.26 -24.41 -5.31
CA ARG A 147 -3.97 -24.42 -3.88
C ARG A 147 -5.26 -24.55 -3.07
N SER A 1 8.33 7.20 -33.28
CA SER A 1 8.29 8.25 -34.30
C SER A 1 7.73 7.71 -35.62
N HIS A 2 8.56 6.92 -36.31
CA HIS A 2 8.15 6.33 -37.59
C HIS A 2 8.12 4.82 -37.50
N MET A 3 7.36 4.29 -36.56
CA MET A 3 7.24 2.85 -36.37
C MET A 3 5.78 2.43 -36.27
N ARG A 4 5.55 1.13 -36.03
CA ARG A 4 4.21 0.60 -35.92
C ARG A 4 4.00 -0.06 -34.56
N ALA A 5 4.61 0.51 -33.52
CA ALA A 5 4.49 -0.02 -32.18
C ALA A 5 5.10 -1.42 -32.08
N PRO A 6 5.42 -1.84 -30.85
CA PRO A 6 6.02 -3.15 -30.59
C PRO A 6 5.03 -4.29 -30.85
N LEU A 7 5.57 -5.48 -31.12
CA LEU A 7 4.73 -6.65 -31.38
C LEU A 7 5.17 -7.83 -30.51
N ASP A 8 6.36 -8.35 -30.79
CA ASP A 8 6.90 -9.48 -30.04
C ASP A 8 7.30 -9.04 -28.62
N PHE A 9 7.77 -7.82 -28.51
CA PHE A 9 8.20 -7.28 -27.22
C PHE A 9 6.99 -7.01 -26.31
N ARG A 10 6.08 -6.17 -26.78
CA ARG A 10 4.89 -5.82 -26.02
C ARG A 10 4.04 -7.06 -25.76
N GLY A 11 4.18 -8.07 -26.62
CA GLY A 11 3.42 -9.30 -26.47
C GLY A 11 3.92 -10.14 -25.31
N MET A 12 5.24 -10.28 -25.21
CA MET A 12 5.86 -11.07 -24.15
C MET A 12 5.69 -10.38 -22.80
N LEU A 13 5.83 -9.06 -22.79
CA LEU A 13 5.69 -8.28 -21.56
C LEU A 13 4.25 -8.29 -21.07
N ARG A 14 3.32 -7.98 -21.97
CA ARG A 14 1.90 -7.95 -21.62
C ARG A 14 1.41 -9.34 -21.20
N LYS A 15 1.81 -10.35 -21.96
CA LYS A 15 1.41 -11.72 -21.67
C LYS A 15 2.03 -12.20 -20.36
N LEU A 16 3.27 -11.80 -20.12
CA LEU A 16 3.97 -12.19 -18.89
C LEU A 16 3.28 -11.61 -17.67
N PHE A 17 3.21 -10.29 -17.60
CA PHE A 17 2.57 -9.61 -16.49
C PHE A 17 1.14 -10.09 -16.30
N SER A 18 0.38 -10.13 -17.39
CA SER A 18 -1.00 -10.58 -17.35
C SER A 18 -1.10 -12.00 -16.83
N SER A 19 -0.31 -12.90 -17.41
CA SER A 19 -0.32 -14.29 -17.01
C SER A 19 -0.11 -14.42 -15.50
N HIS A 20 0.94 -13.80 -14.99
CA HIS A 20 1.25 -13.84 -13.57
C HIS A 20 0.18 -13.10 -12.76
N ARG A 21 0.21 -11.77 -12.84
CA ARG A 21 -0.75 -10.94 -12.12
C ARG A 21 -0.49 -11.00 -10.62
N PHE A 22 -0.88 -12.11 -10.00
CA PHE A 22 -0.69 -12.29 -8.56
C PHE A 22 0.80 -12.27 -8.21
N GLN A 23 1.57 -13.15 -8.83
CA GLN A 23 3.00 -13.23 -8.58
C GLN A 23 3.65 -11.85 -8.72
N VAL A 24 3.31 -11.14 -9.78
CA VAL A 24 3.86 -9.81 -10.02
C VAL A 24 3.54 -8.86 -8.87
N ILE A 25 2.26 -8.78 -8.51
CA ILE A 25 1.81 -7.91 -7.43
C ILE A 25 2.52 -8.26 -6.12
N ILE A 26 2.59 -9.56 -5.82
CA ILE A 26 3.25 -10.02 -4.60
C ILE A 26 4.70 -9.57 -4.56
N ILE A 27 5.50 -10.06 -5.49
CA ILE A 27 6.92 -9.71 -5.56
C ILE A 27 7.10 -8.20 -5.55
N CYS A 28 6.46 -7.52 -6.49
CA CYS A 28 6.55 -6.07 -6.60
C CYS A 28 6.23 -5.41 -5.26
N LEU A 29 5.16 -5.86 -4.62
CA LEU A 29 4.74 -5.32 -3.34
C LEU A 29 5.81 -5.55 -2.27
N VAL A 30 6.41 -6.73 -2.30
CA VAL A 30 7.45 -7.08 -1.33
C VAL A 30 8.63 -6.12 -1.44
N VAL A 31 9.21 -6.03 -2.63
CA VAL A 31 10.34 -5.15 -2.87
C VAL A 31 9.97 -3.69 -2.68
N LEU A 32 8.75 -3.34 -3.10
CA LEU A 32 8.26 -1.98 -2.97
C LEU A 32 8.12 -1.57 -1.50
N ASP A 33 7.22 -2.26 -0.80
CA ASP A 33 6.99 -1.98 0.61
C ASP A 33 8.30 -2.03 1.39
N ALA A 34 9.09 -3.06 1.15
CA ALA A 34 10.37 -3.22 1.82
C ALA A 34 11.26 -2.01 1.62
N LEU A 35 11.40 -1.58 0.37
CA LEU A 35 12.23 -0.43 0.03
C LEU A 35 11.73 0.81 0.75
N LEU A 36 10.42 1.08 0.63
CA LEU A 36 9.82 2.24 1.27
C LEU A 36 10.01 2.19 2.79
N VAL A 37 9.50 1.14 3.41
CA VAL A 37 9.62 0.99 4.85
C VAL A 37 11.07 1.10 5.31
N LEU A 38 11.93 0.27 4.72
CA LEU A 38 13.35 0.28 5.07
C LEU A 38 13.93 1.67 4.91
N ALA A 39 13.70 2.29 3.74
CA ALA A 39 14.21 3.62 3.47
C ALA A 39 13.83 4.59 4.58
N GLU A 40 12.54 4.64 4.90
CA GLU A 40 12.04 5.53 5.94
C GLU A 40 12.64 5.15 7.30
N LEU A 41 12.83 3.85 7.52
CA LEU A 41 13.38 3.36 8.77
C LEU A 41 14.81 3.86 8.97
N ILE A 42 15.67 3.58 8.00
CA ILE A 42 17.06 4.01 8.07
C ILE A 42 17.18 5.52 8.07
N LEU A 43 16.25 6.18 7.37
CA LEU A 43 16.25 7.63 7.29
C LEU A 43 16.01 8.26 8.67
N ASP A 44 14.90 7.88 9.29
CA ASP A 44 14.56 8.40 10.62
C ASP A 44 15.53 7.88 11.68
N LEU A 45 15.99 6.65 11.49
CA LEU A 45 16.92 6.03 12.43
C LEU A 45 18.29 6.70 12.35
N LYS A 46 18.65 7.15 11.16
CA LYS A 46 19.93 7.82 10.95
C LYS A 46 19.84 9.31 11.26
N ILE A 47 18.66 9.89 11.01
CA ILE A 47 18.45 11.30 11.27
C ILE A 47 19.39 12.17 10.46
N ILE A 48 18.90 12.64 9.30
CA ILE A 48 19.71 13.49 8.43
C ILE A 48 19.97 14.85 9.06
N GLN A 49 19.03 15.29 9.89
CA GLN A 49 19.16 16.58 10.57
C GLN A 49 18.47 16.55 11.93
N PRO A 50 18.95 17.39 12.85
CA PRO A 50 18.39 17.48 14.21
C PRO A 50 17.00 18.11 14.22
N ASP A 51 15.99 17.32 13.87
CA ASP A 51 14.62 17.80 13.84
C ASP A 51 13.65 16.66 13.51
N LYS A 52 12.70 16.43 14.41
CA LYS A 52 11.71 15.37 14.22
C LYS A 52 10.39 15.74 14.88
N ASN A 53 9.49 14.77 14.97
CA ASN A 53 8.18 14.99 15.58
C ASN A 53 7.50 16.21 14.97
N ASN A 54 7.57 16.33 13.65
CA ASN A 54 6.96 17.46 12.95
C ASN A 54 7.18 17.34 11.45
N TYR A 55 8.41 17.65 11.02
CA TYR A 55 8.76 17.59 9.61
C TYR A 55 8.96 16.16 9.15
N ALA A 56 9.93 15.47 9.77
CA ALA A 56 10.23 14.09 9.44
C ALA A 56 9.00 13.21 9.62
N ALA A 57 8.40 13.28 10.81
CA ALA A 57 7.20 12.49 11.10
C ALA A 57 6.12 12.70 10.05
N MET A 58 5.87 13.96 9.70
CA MET A 58 4.87 14.29 8.71
C MET A 58 5.16 13.61 7.38
N VAL A 59 6.37 13.82 6.87
CA VAL A 59 6.78 13.23 5.60
C VAL A 59 6.51 11.73 5.58
N PHE A 60 7.06 11.02 6.56
CA PHE A 60 6.87 9.58 6.66
C PHE A 60 5.40 9.22 6.73
N HIS A 61 4.63 10.04 7.44
CA HIS A 61 3.19 9.81 7.59
C HIS A 61 2.49 9.94 6.24
N TYR A 62 2.69 11.07 5.58
CA TYR A 62 2.08 11.31 4.28
C TYR A 62 2.41 10.19 3.29
N MET A 63 3.65 9.72 3.35
CA MET A 63 4.09 8.65 2.46
C MET A 63 3.41 7.33 2.81
N SER A 64 3.22 7.10 4.10
CA SER A 64 2.58 5.87 4.57
C SER A 64 1.10 5.86 4.21
N ILE A 65 0.43 6.98 4.47
CA ILE A 65 -1.00 7.09 4.16
C ILE A 65 -1.25 7.04 2.66
N THR A 66 -0.32 7.60 1.89
CA THR A 66 -0.43 7.62 0.44
C THR A 66 -0.29 6.22 -0.13
N ILE A 67 0.79 5.54 0.23
CA ILE A 67 1.03 4.18 -0.26
C ILE A 67 -0.03 3.22 0.24
N LEU A 68 -0.53 3.46 1.45
CA LEU A 68 -1.56 2.61 2.03
C LEU A 68 -2.88 2.74 1.28
N VAL A 69 -3.40 3.96 1.23
CA VAL A 69 -4.66 4.22 0.53
C VAL A 69 -4.55 3.86 -0.94
N PHE A 70 -3.41 4.19 -1.54
CA PHE A 70 -3.17 3.90 -2.95
C PHE A 70 -3.27 2.40 -3.23
N PHE A 71 -2.51 1.62 -2.46
CA PHE A 71 -2.52 0.17 -2.61
C PHE A 71 -3.92 -0.40 -2.46
N MET A 72 -4.56 -0.10 -1.33
CA MET A 72 -5.90 -0.58 -1.05
C MET A 72 -6.86 -0.17 -2.17
N MET A 73 -6.91 1.12 -2.45
CA MET A 73 -7.80 1.65 -3.50
C MET A 73 -7.57 0.89 -4.81
N GLU A 74 -6.31 0.64 -5.13
CA GLU A 74 -5.96 -0.07 -6.36
C GLU A 74 -6.59 -1.46 -6.38
N ILE A 75 -6.39 -2.21 -5.31
CA ILE A 75 -6.94 -3.56 -5.20
C ILE A 75 -8.45 -3.56 -5.39
N ILE A 76 -9.15 -2.83 -4.52
CA ILE A 76 -10.60 -2.74 -4.58
C ILE A 76 -11.06 -2.22 -5.94
N PHE A 77 -10.27 -1.30 -6.51
CA PHE A 77 -10.59 -0.72 -7.81
C PHE A 77 -10.69 -1.81 -8.88
N LYS A 78 -9.58 -2.49 -9.13
CA LYS A 78 -9.54 -3.56 -10.12
C LYS A 78 -8.18 -4.23 -10.14
N LEU A 79 -7.71 -4.65 -8.98
CA LEU A 79 -6.40 -5.32 -8.87
C LEU A 79 -6.50 -6.53 -7.95
N PHE A 80 -7.64 -7.20 -7.96
CA PHE A 80 -7.86 -8.38 -7.13
C PHE A 80 -8.46 -9.52 -7.95
N VAL A 81 -8.90 -10.57 -7.26
CA VAL A 81 -9.50 -11.72 -7.92
C VAL A 81 -10.61 -11.29 -8.88
N PHE A 82 -10.76 -12.02 -9.98
CA PHE A 82 -11.79 -11.72 -10.96
C PHE A 82 -11.54 -10.35 -11.59
N ARG A 83 -12.22 -10.09 -12.71
CA ARG A 83 -12.08 -8.82 -13.40
C ARG A 83 -13.39 -8.03 -13.38
N LEU A 84 -13.75 -7.51 -12.21
CA LEU A 84 -14.97 -6.74 -12.06
C LEU A 84 -14.81 -5.66 -11.00
N GLU A 85 -14.98 -4.41 -11.41
CA GLU A 85 -14.85 -3.28 -10.50
C GLU A 85 -15.74 -3.47 -9.27
N PHE A 86 -15.12 -3.67 -8.12
CA PHE A 86 -15.86 -3.86 -6.87
C PHE A 86 -16.86 -2.74 -6.65
N PHE A 87 -16.46 -1.52 -6.97
CA PHE A 87 -17.31 -0.35 -6.81
C PHE A 87 -17.67 -0.14 -5.34
N HIS A 88 -18.61 0.77 -5.09
CA HIS A 88 -19.04 1.07 -3.72
C HIS A 88 -19.59 -0.18 -3.04
N HIS A 89 -19.18 -0.39 -1.79
CA HIS A 89 -19.63 -1.55 -1.02
C HIS A 89 -19.55 -1.27 0.48
N LYS A 90 -20.28 -2.06 1.25
CA LYS A 90 -20.29 -1.91 2.71
C LYS A 90 -18.87 -1.94 3.27
N PHE A 91 -18.09 -2.92 2.84
CA PHE A 91 -16.72 -3.07 3.30
C PHE A 91 -15.80 -2.07 2.59
N GLU A 92 -16.08 -1.82 1.31
CA GLU A 92 -15.28 -0.90 0.53
C GLU A 92 -15.24 0.49 1.17
N ILE A 93 -16.43 1.05 1.40
CA ILE A 93 -16.55 2.36 2.02
C ILE A 93 -15.95 2.38 3.42
N LEU A 94 -16.10 1.26 4.13
CA LEU A 94 -15.57 1.14 5.48
C LEU A 94 -14.06 1.36 5.50
N ASP A 95 -13.37 0.77 4.53
CA ASP A 95 -11.93 0.90 4.43
C ASP A 95 -11.51 2.37 4.52
N ALA A 96 -12.14 3.21 3.69
CA ALA A 96 -11.83 4.63 3.67
C ALA A 96 -11.99 5.24 5.05
N VAL A 97 -13.17 5.09 5.64
CA VAL A 97 -13.46 5.63 6.97
C VAL A 97 -12.40 5.17 7.97
N VAL A 98 -12.20 3.86 8.05
CA VAL A 98 -11.22 3.28 8.97
C VAL A 98 -9.87 3.97 8.84
N VAL A 99 -9.41 4.14 7.61
CA VAL A 99 -8.13 4.79 7.34
C VAL A 99 -8.16 6.25 7.79
N VAL A 100 -9.32 6.88 7.66
CA VAL A 100 -9.47 8.28 8.04
C VAL A 100 -9.32 8.45 9.55
N VAL A 101 -9.99 7.60 10.31
CA VAL A 101 -9.93 7.66 11.76
C VAL A 101 -8.54 7.28 12.28
N SER A 102 -7.96 6.25 11.66
CA SER A 102 -6.64 5.78 12.05
C SER A 102 -5.57 6.82 11.70
N PHE A 103 -5.62 7.31 10.47
CA PHE A 103 -4.66 8.30 10.01
C PHE A 103 -4.75 9.57 10.84
N ILE A 104 -5.95 10.08 11.02
CA ILE A 104 -6.18 11.30 11.80
C ILE A 104 -5.73 11.10 13.25
N LEU A 105 -6.14 9.98 13.84
CA LEU A 105 -5.78 9.68 15.22
C LEU A 105 -4.26 9.68 15.40
N ASP A 106 -3.55 9.14 14.42
CA ASP A 106 -2.10 9.08 14.47
C ASP A 106 -1.49 10.48 14.45
N ILE A 107 -1.82 11.24 13.40
CA ILE A 107 -1.31 12.61 13.25
C ILE A 107 -1.74 13.47 14.43
N VAL A 108 -2.95 13.24 14.93
CA VAL A 108 -3.47 14.02 16.05
C VAL A 108 -2.63 13.79 17.30
N LEU A 109 -2.45 12.53 17.67
CA LEU A 109 -1.66 12.19 18.85
C LEU A 109 -0.20 12.60 18.68
N LEU A 110 0.25 12.62 17.42
CA LEU A 110 1.63 12.99 17.12
C LEU A 110 1.87 14.47 17.45
N PHE A 111 0.99 15.33 16.97
CA PHE A 111 1.10 16.76 17.22
C PHE A 111 0.65 17.11 18.63
N GLN A 112 -0.35 16.40 19.11
CA GLN A 112 -0.89 16.63 20.46
C GLN A 112 -0.16 15.77 21.48
N GLU A 113 -0.73 15.69 22.68
CA GLU A 113 -0.12 14.91 23.75
C GLU A 113 1.18 15.54 24.23
N HIS A 114 2.25 15.30 23.48
CA HIS A 114 3.56 15.84 23.83
C HIS A 114 4.62 15.37 22.84
N GLN A 115 4.23 15.22 21.59
CA GLN A 115 5.14 14.77 20.54
C GLN A 115 5.74 13.41 20.88
N PHE A 116 6.50 12.85 19.95
CA PHE A 116 7.14 11.55 20.16
C PHE A 116 6.09 10.48 20.43
N GLU A 117 6.53 9.23 20.45
CA GLU A 117 5.63 8.10 20.70
C GLU A 117 4.42 8.17 19.77
N ALA A 118 4.64 8.64 18.55
CA ALA A 118 3.56 8.76 17.57
C ALA A 118 3.78 7.80 16.40
N LEU A 119 5.04 7.58 16.06
CA LEU A 119 5.38 6.68 14.95
C LEU A 119 4.65 5.35 15.09
N GLY A 120 4.48 4.90 16.33
CA GLY A 120 3.79 3.64 16.57
C GLY A 120 2.46 3.56 15.84
N LEU A 121 1.64 4.58 16.00
CA LEU A 121 0.33 4.62 15.35
C LEU A 121 0.46 4.35 13.86
N LEU A 122 1.46 4.96 13.23
CA LEU A 122 1.68 4.78 11.80
C LEU A 122 2.03 3.32 11.47
N ILE A 123 2.86 2.72 12.33
CA ILE A 123 3.26 1.33 12.14
C ILE A 123 2.06 0.40 12.16
N LEU A 124 1.38 0.36 13.31
CA LEU A 124 0.20 -0.49 13.48
C LEU A 124 -0.81 -0.25 12.36
N LEU A 125 -0.94 1.01 11.95
CA LEU A 125 -1.87 1.38 10.89
C LEU A 125 -1.53 0.64 9.59
N ARG A 126 -0.29 0.82 9.12
CA ARG A 126 0.15 0.17 7.89
C ARG A 126 0.10 -1.35 8.03
N LEU A 127 0.44 -1.85 9.22
CA LEU A 127 0.43 -3.28 9.48
C LEU A 127 -0.96 -3.86 9.24
N TRP A 128 -1.97 -3.21 9.79
CA TRP A 128 -3.35 -3.67 9.64
C TRP A 128 -3.78 -3.61 8.17
N ARG A 129 -3.62 -2.46 7.56
CA ARG A 129 -3.99 -2.27 6.16
C ARG A 129 -3.25 -3.26 5.26
N VAL A 130 -1.93 -3.16 5.25
CA VAL A 130 -1.09 -4.05 4.44
C VAL A 130 -1.50 -5.50 4.64
N ALA A 131 -1.47 -5.95 5.89
CA ALA A 131 -1.84 -7.33 6.21
C ALA A 131 -3.17 -7.72 5.57
N ARG A 132 -4.20 -6.92 5.84
CA ARG A 132 -5.53 -7.18 5.29
C ARG A 132 -5.48 -7.26 3.78
N ILE A 133 -4.79 -6.30 3.16
CA ILE A 133 -4.67 -6.28 1.70
C ILE A 133 -4.11 -7.59 1.17
N ILE A 134 -2.85 -7.85 1.45
CA ILE A 134 -2.20 -9.08 1.01
C ILE A 134 -3.01 -10.31 1.41
N ASN A 135 -3.22 -10.47 2.71
CA ASN A 135 -3.98 -11.60 3.23
C ASN A 135 -5.31 -11.74 2.50
N GLY A 136 -5.84 -10.62 2.00
CA GLY A 136 -7.10 -10.66 1.28
C GLY A 136 -6.95 -11.24 -0.12
N ILE A 137 -5.97 -10.76 -0.85
CA ILE A 137 -5.73 -11.24 -2.21
C ILE A 137 -5.24 -12.69 -2.20
N ILE A 138 -4.48 -13.05 -1.19
CA ILE A 138 -3.95 -14.40 -1.05
C ILE A 138 -5.05 -15.38 -0.67
N ILE A 139 -5.82 -15.04 0.36
CA ILE A 139 -6.91 -15.88 0.82
C ILE A 139 -7.99 -16.01 -0.24
N SER A 140 -8.18 -14.95 -1.02
CA SER A 140 -9.19 -14.95 -2.07
C SER A 140 -8.71 -15.73 -3.29
N VAL A 141 -7.40 -15.65 -3.56
CA VAL A 141 -6.81 -16.35 -4.70
C VAL A 141 -6.64 -17.84 -4.40
N LYS A 142 -6.31 -18.14 -3.15
CA LYS A 142 -6.12 -19.53 -2.73
C LYS A 142 -7.45 -20.24 -2.56
N THR A 143 -8.45 -19.50 -2.06
CA THR A 143 -9.78 -20.06 -1.84
C THR A 143 -10.50 -20.26 -3.17
N ARG A 144 -10.20 -19.41 -4.14
CA ARG A 144 -10.84 -19.51 -5.45
C ARG A 144 -9.89 -20.14 -6.46
N SER A 145 -8.90 -19.38 -6.90
CA SER A 145 -7.93 -19.86 -7.88
C SER A 145 -8.63 -20.43 -9.11
N GLU A 146 -7.86 -21.07 -9.98
CA GLU A 146 -8.41 -21.66 -11.20
C GLU A 146 -8.37 -23.19 -11.13
N ARG A 147 -7.33 -23.71 -10.49
CA ARG A 147 -7.17 -25.16 -10.35
C ARG A 147 -8.24 -25.73 -9.43
N SER A 1 -28.01 -17.78 -20.82
CA SER A 1 -26.91 -18.67 -21.16
C SER A 1 -27.40 -19.82 -22.02
N HIS A 2 -27.00 -19.81 -23.29
CA HIS A 2 -27.39 -20.85 -24.23
C HIS A 2 -26.17 -21.42 -24.96
N MET A 3 -25.64 -20.64 -25.90
CA MET A 3 -24.48 -21.07 -26.66
C MET A 3 -23.74 -19.87 -27.25
N ARG A 4 -22.82 -19.30 -26.48
CA ARG A 4 -22.04 -18.15 -26.92
C ARG A 4 -21.02 -17.74 -25.87
N ALA A 5 -20.04 -18.61 -25.64
CA ALA A 5 -18.98 -18.34 -24.67
C ALA A 5 -18.07 -17.22 -25.14
N PRO A 6 -17.34 -16.62 -24.19
CA PRO A 6 -16.41 -15.52 -24.49
C PRO A 6 -15.19 -15.99 -25.26
N LEU A 7 -14.35 -15.04 -25.67
CA LEU A 7 -13.14 -15.36 -26.43
C LEU A 7 -12.13 -14.23 -26.32
N ASP A 8 -12.62 -13.00 -26.35
CA ASP A 8 -11.75 -11.82 -26.27
C ASP A 8 -11.47 -11.47 -24.82
N PHE A 9 -12.47 -11.66 -23.96
CA PHE A 9 -12.32 -11.35 -22.53
C PHE A 9 -11.42 -12.37 -21.85
N ARG A 10 -11.80 -13.64 -21.93
CA ARG A 10 -11.02 -14.71 -21.31
C ARG A 10 -9.57 -14.66 -21.77
N GLY A 11 -9.36 -14.30 -23.02
CA GLY A 11 -8.02 -14.22 -23.57
C GLY A 11 -7.20 -13.13 -22.91
N MET A 12 -7.81 -11.96 -22.73
CA MET A 12 -7.12 -10.84 -22.11
C MET A 12 -6.77 -11.14 -20.66
N LEU A 13 -7.67 -11.83 -19.96
CA LEU A 13 -7.45 -12.19 -18.57
C LEU A 13 -6.28 -13.16 -18.44
N ARG A 14 -6.36 -14.27 -19.17
CA ARG A 14 -5.31 -15.28 -19.14
C ARG A 14 -3.96 -14.68 -19.55
N LYS A 15 -3.98 -13.84 -20.57
CA LYS A 15 -2.76 -13.20 -21.05
C LYS A 15 -2.20 -12.24 -20.02
N LEU A 16 -3.10 -11.54 -19.32
CA LEU A 16 -2.69 -10.58 -18.29
C LEU A 16 -1.99 -11.29 -17.14
N PHE A 17 -2.65 -12.31 -16.60
CA PHE A 17 -2.08 -13.06 -15.49
C PHE A 17 -0.80 -13.78 -15.91
N SER A 18 -0.79 -14.30 -17.13
CA SER A 18 0.37 -15.01 -17.66
C SER A 18 1.59 -14.11 -17.71
N SER A 19 1.43 -12.95 -18.36
CA SER A 19 2.52 -11.99 -18.48
C SER A 19 2.96 -11.49 -17.11
N HIS A 20 2.02 -10.91 -16.37
CA HIS A 20 2.31 -10.38 -15.04
C HIS A 20 2.96 -11.45 -14.16
N ARG A 21 2.52 -12.70 -14.33
CA ARG A 21 3.05 -13.80 -13.56
C ARG A 21 2.76 -13.62 -12.07
N PHE A 22 1.79 -14.38 -11.57
CA PHE A 22 1.40 -14.30 -10.16
C PHE A 22 2.63 -14.45 -9.26
N GLN A 23 3.43 -15.48 -9.52
CA GLN A 23 4.63 -15.73 -8.73
C GLN A 23 5.49 -14.48 -8.64
N VAL A 24 5.90 -13.96 -9.80
CA VAL A 24 6.72 -12.77 -9.85
C VAL A 24 6.12 -11.65 -9.02
N ILE A 25 4.84 -11.40 -9.21
CA ILE A 25 4.14 -10.35 -8.48
C ILE A 25 4.27 -10.55 -6.98
N ILE A 26 4.03 -11.78 -6.53
CA ILE A 26 4.11 -12.11 -5.11
C ILE A 26 5.50 -11.82 -4.56
N ILE A 27 6.51 -12.52 -5.09
CA ILE A 27 7.88 -12.35 -4.66
C ILE A 27 8.30 -10.89 -4.75
N CYS A 28 7.76 -10.19 -5.75
CA CYS A 28 8.07 -8.77 -5.96
C CYS A 28 7.63 -7.94 -4.77
N LEU A 29 6.33 -8.00 -4.46
CA LEU A 29 5.77 -7.25 -3.34
C LEU A 29 6.41 -7.67 -2.02
N VAL A 30 6.55 -8.98 -1.82
CA VAL A 30 7.14 -9.52 -0.61
C VAL A 30 8.51 -8.91 -0.35
N VAL A 31 9.40 -9.02 -1.34
CA VAL A 31 10.75 -8.48 -1.23
C VAL A 31 10.71 -6.96 -1.05
N LEU A 32 9.97 -6.28 -1.92
CA LEU A 32 9.85 -4.83 -1.86
C LEU A 32 9.46 -4.38 -0.46
N ASP A 33 8.33 -4.87 0.03
CA ASP A 33 7.83 -4.52 1.35
C ASP A 33 8.80 -5.00 2.43
N ALA A 34 9.47 -6.12 2.17
CA ALA A 34 10.42 -6.68 3.11
C ALA A 34 11.59 -5.73 3.35
N LEU A 35 12.22 -5.30 2.27
CA LEU A 35 13.36 -4.38 2.37
C LEU A 35 12.90 -3.00 2.82
N LEU A 36 11.69 -2.62 2.44
CA LEU A 36 11.13 -1.33 2.82
C LEU A 36 10.84 -1.27 4.31
N VAL A 37 10.03 -2.21 4.78
CA VAL A 37 9.67 -2.27 6.19
C VAL A 37 10.89 -2.51 7.07
N LEU A 38 11.75 -3.43 6.64
CA LEU A 38 12.97 -3.75 7.38
C LEU A 38 13.87 -2.53 7.48
N ALA A 39 14.19 -1.94 6.33
CA ALA A 39 15.06 -0.75 6.30
C ALA A 39 14.52 0.35 7.21
N GLU A 40 13.25 0.70 7.02
CA GLU A 40 12.62 1.73 7.82
C GLU A 40 12.59 1.35 9.29
N LEU A 41 12.39 0.06 9.55
CA LEU A 41 12.34 -0.45 10.92
C LEU A 41 13.64 -0.15 11.66
N ILE A 42 14.75 -0.61 11.10
CA ILE A 42 16.06 -0.40 11.69
C ILE A 42 16.42 1.09 11.72
N LEU A 43 15.98 1.81 10.69
CA LEU A 43 16.25 3.24 10.59
C LEU A 43 15.69 3.99 11.80
N ASP A 44 14.40 3.79 12.05
CA ASP A 44 13.74 4.44 13.18
C ASP A 44 14.15 3.79 14.50
N LEU A 45 14.33 2.47 14.48
CA LEU A 45 14.72 1.74 15.67
C LEU A 45 16.03 2.26 16.24
N LYS A 46 16.93 2.67 15.35
CA LYS A 46 18.22 3.20 15.76
C LYS A 46 18.07 4.57 16.44
N ILE A 47 17.34 5.47 15.79
CA ILE A 47 17.12 6.80 16.33
C ILE A 47 15.73 6.91 16.95
N ILE A 48 15.61 6.47 18.19
CA ILE A 48 14.33 6.52 18.90
C ILE A 48 13.91 7.96 19.17
N GLN A 49 14.86 8.88 19.05
CA GLN A 49 14.59 10.30 19.28
C GLN A 49 14.30 10.56 20.75
N PRO A 50 14.56 11.80 21.19
CA PRO A 50 14.35 12.21 22.58
C PRO A 50 12.86 12.31 22.93
N ASP A 51 12.05 12.69 21.95
CA ASP A 51 10.61 12.81 22.15
C ASP A 51 9.86 12.72 20.82
N LYS A 52 8.58 13.06 20.86
CA LYS A 52 7.75 13.03 19.66
C LYS A 52 7.08 14.39 19.42
N ASN A 53 6.11 14.40 18.51
CA ASN A 53 5.40 15.63 18.19
C ASN A 53 6.36 16.77 17.88
N ASN A 54 6.89 16.76 16.65
CA ASN A 54 7.82 17.80 16.23
C ASN A 54 8.29 17.56 14.80
N TYR A 55 9.31 18.30 14.37
CA TYR A 55 9.84 18.16 13.02
C TYR A 55 10.16 16.70 12.70
N ALA A 56 10.63 15.98 13.71
CA ALA A 56 10.98 14.57 13.54
C ALA A 56 9.74 13.73 13.23
N ALA A 57 8.71 13.87 14.07
CA ALA A 57 7.47 13.13 13.89
C ALA A 57 6.78 13.53 12.58
N MET A 58 6.74 14.83 12.31
CA MET A 58 6.11 15.34 11.10
C MET A 58 6.80 14.79 9.86
N VAL A 59 8.12 14.97 9.78
CA VAL A 59 8.90 14.50 8.65
C VAL A 59 8.80 12.99 8.51
N PHE A 60 9.14 12.27 9.58
CA PHE A 60 9.09 10.81 9.57
C PHE A 60 7.71 10.32 9.12
N HIS A 61 6.67 10.85 9.76
CA HIS A 61 5.30 10.47 9.42
C HIS A 61 5.01 10.70 7.95
N TYR A 62 5.28 11.92 7.48
CA TYR A 62 5.04 12.28 6.09
C TYR A 62 5.71 11.28 5.15
N MET A 63 6.94 10.89 5.50
CA MET A 63 7.69 9.94 4.69
C MET A 63 7.03 8.56 4.71
N SER A 64 6.49 8.19 5.86
CA SER A 64 5.83 6.90 6.00
C SER A 64 4.53 6.85 5.21
N ILE A 65 3.69 7.88 5.39
CA ILE A 65 2.42 7.96 4.69
C ILE A 65 2.63 8.06 3.18
N THR A 66 3.68 8.76 2.79
CA THR A 66 4.00 8.93 1.37
C THR A 66 4.40 7.61 0.74
N ILE A 67 5.41 6.96 1.31
CA ILE A 67 5.90 5.68 0.81
C ILE A 67 4.79 4.64 0.78
N LEU A 68 3.95 4.65 1.82
CA LEU A 68 2.84 3.70 1.91
C LEU A 68 1.84 3.93 0.79
N VAL A 69 1.32 5.15 0.70
CA VAL A 69 0.36 5.49 -0.34
C VAL A 69 0.94 5.29 -1.73
N PHE A 70 2.08 5.92 -1.99
CA PHE A 70 2.75 5.81 -3.28
C PHE A 70 2.92 4.34 -3.67
N PHE A 71 3.54 3.57 -2.78
CA PHE A 71 3.78 2.16 -3.05
C PHE A 71 2.47 1.44 -3.40
N MET A 72 1.42 1.75 -2.65
CA MET A 72 0.11 1.14 -2.88
C MET A 72 -0.36 1.39 -4.31
N MET A 73 -0.43 2.66 -4.69
CA MET A 73 -0.86 3.02 -6.04
C MET A 73 -0.02 2.31 -7.09
N GLU A 74 1.29 2.26 -6.86
CA GLU A 74 2.20 1.60 -7.79
C GLU A 74 1.82 0.14 -8.00
N ILE A 75 1.85 -0.63 -6.92
CA ILE A 75 1.51 -2.04 -6.98
C ILE A 75 0.16 -2.25 -7.66
N ILE A 76 -0.88 -1.67 -7.08
CA ILE A 76 -2.23 -1.79 -7.62
C ILE A 76 -2.26 -1.42 -9.10
N PHE A 77 -1.58 -0.34 -9.45
CA PHE A 77 -1.52 0.13 -10.83
C PHE A 77 -1.03 -0.98 -11.75
N LYS A 78 0.21 -1.42 -11.53
CA LYS A 78 0.80 -2.48 -12.34
C LYS A 78 2.22 -2.80 -11.88
N LEU A 79 2.38 -2.93 -10.57
CA LEU A 79 3.69 -3.24 -9.99
C LEU A 79 4.75 -2.26 -10.49
N PHE A 80 4.34 -1.00 -10.67
CA PHE A 80 5.25 0.03 -11.14
C PHE A 80 4.69 1.42 -10.88
N VAL A 81 5.50 2.44 -11.12
CA VAL A 81 5.07 3.82 -10.92
C VAL A 81 3.77 4.11 -11.65
N PHE A 82 2.96 5.00 -11.08
CA PHE A 82 1.69 5.36 -11.68
C PHE A 82 1.73 6.78 -12.24
N ARG A 83 1.74 6.89 -13.57
CA ARG A 83 1.79 8.18 -14.23
C ARG A 83 0.66 9.08 -13.75
N LEU A 84 1.02 10.20 -13.12
CA LEU A 84 0.03 11.14 -12.61
C LEU A 84 -0.95 11.55 -13.71
N GLU A 85 -2.16 10.99 -13.65
CA GLU A 85 -3.19 11.30 -14.64
C GLU A 85 -4.44 11.84 -13.97
N PHE A 86 -5.01 12.88 -14.56
CA PHE A 86 -6.22 13.50 -14.02
C PHE A 86 -7.31 12.46 -13.79
N PHE A 87 -7.38 11.48 -14.69
CA PHE A 87 -8.38 10.42 -14.58
C PHE A 87 -8.29 9.72 -13.22
N HIS A 88 -9.26 8.86 -12.95
CA HIS A 88 -9.30 8.12 -11.69
C HIS A 88 -10.50 7.18 -11.64
N HIS A 89 -10.36 6.08 -10.91
CA HIS A 89 -11.43 5.11 -10.78
C HIS A 89 -12.30 5.41 -9.56
N LYS A 90 -13.43 4.72 -9.46
CA LYS A 90 -14.35 4.92 -8.34
C LYS A 90 -13.77 4.36 -7.06
N PHE A 91 -13.40 3.07 -7.08
CA PHE A 91 -12.83 2.42 -5.91
C PHE A 91 -11.64 3.21 -5.38
N GLU A 92 -10.79 3.69 -6.28
CA GLU A 92 -9.61 4.46 -5.91
C GLU A 92 -10.01 5.62 -4.97
N ILE A 93 -11.16 6.20 -5.23
CA ILE A 93 -11.64 7.31 -4.42
C ILE A 93 -11.60 6.98 -2.93
N LEU A 94 -12.10 5.80 -2.58
CA LEU A 94 -12.12 5.35 -1.19
C LEU A 94 -10.71 5.39 -0.59
N ASP A 95 -9.76 4.74 -1.27
CA ASP A 95 -8.38 4.71 -0.81
C ASP A 95 -7.87 6.12 -0.51
N ALA A 96 -8.11 7.03 -1.44
CA ALA A 96 -7.67 8.41 -1.28
C ALA A 96 -8.17 8.99 0.04
N VAL A 97 -9.48 8.97 0.24
CA VAL A 97 -10.07 9.49 1.46
C VAL A 97 -9.50 8.80 2.70
N VAL A 98 -9.28 7.50 2.59
CA VAL A 98 -8.72 6.72 3.70
C VAL A 98 -7.38 7.28 4.14
N VAL A 99 -6.39 7.23 3.25
CA VAL A 99 -5.06 7.74 3.56
C VAL A 99 -5.12 9.19 4.01
N VAL A 100 -6.06 9.94 3.45
CA VAL A 100 -6.22 11.36 3.79
C VAL A 100 -6.67 11.52 5.24
N VAL A 101 -7.82 10.95 5.57
CA VAL A 101 -8.36 11.03 6.92
C VAL A 101 -7.35 10.53 7.94
N SER A 102 -6.56 9.54 7.55
CA SER A 102 -5.56 8.96 8.43
C SER A 102 -4.43 9.96 8.70
N PHE A 103 -3.88 10.52 7.63
CA PHE A 103 -2.80 11.50 7.74
C PHE A 103 -3.21 12.66 8.64
N ILE A 104 -4.35 13.25 8.34
CA ILE A 104 -4.86 14.37 9.12
C ILE A 104 -5.12 13.97 10.57
N LEU A 105 -5.68 12.77 10.75
CA LEU A 105 -5.98 12.26 12.08
C LEU A 105 -4.71 12.10 12.90
N ASP A 106 -3.74 11.38 12.34
CA ASP A 106 -2.47 11.15 13.03
C ASP A 106 -1.82 12.48 13.41
N ILE A 107 -1.60 13.33 12.43
CA ILE A 107 -0.98 14.63 12.67
C ILE A 107 -1.81 15.47 13.65
N VAL A 108 -3.13 15.32 13.57
CA VAL A 108 -4.03 16.05 14.45
C VAL A 108 -3.75 15.73 15.91
N LEU A 109 -3.75 14.44 16.24
CA LEU A 109 -3.50 14.00 17.60
C LEU A 109 -2.07 14.34 18.03
N LEU A 110 -1.16 14.30 17.08
CA LEU A 110 0.26 14.60 17.35
C LEU A 110 0.41 16.03 17.88
N PHE A 111 -0.18 16.98 17.18
CA PHE A 111 -0.12 18.38 17.58
C PHE A 111 -0.95 18.63 18.83
N GLN A 112 -2.08 17.93 18.94
CA GLN A 112 -2.97 18.07 20.08
C GLN A 112 -2.26 17.70 21.38
N GLU A 113 -3.03 17.51 22.43
CA GLU A 113 -2.48 17.14 23.73
C GLU A 113 -2.45 15.62 23.91
N HIS A 114 -2.39 14.91 22.78
CA HIS A 114 -2.37 13.45 22.81
C HIS A 114 -0.93 12.94 22.73
N GLN A 115 -0.03 13.55 23.49
CA GLN A 115 1.36 13.16 23.50
C GLN A 115 1.50 11.64 23.57
N PHE A 116 2.33 11.08 22.70
CA PHE A 116 2.56 9.64 22.68
C PHE A 116 1.27 8.91 22.30
N GLU A 117 0.48 9.51 21.42
CA GLU A 117 -0.77 8.91 20.99
C GLU A 117 -1.12 9.35 19.56
N ALA A 118 -0.09 9.61 18.76
CA ALA A 118 -0.28 10.03 17.38
C ALA A 118 0.35 9.03 16.41
N LEU A 119 1.59 8.66 16.68
CA LEU A 119 2.30 7.71 15.83
C LEU A 119 1.45 6.46 15.59
N GLY A 120 0.69 6.06 16.61
CA GLY A 120 -0.15 4.89 16.48
C GLY A 120 -0.97 4.89 15.21
N LEU A 121 -1.57 6.03 14.90
CA LEU A 121 -2.40 6.16 13.71
C LEU A 121 -1.66 5.63 12.47
N LEU A 122 -0.39 6.00 12.34
CA LEU A 122 0.42 5.56 11.22
C LEU A 122 0.69 4.06 11.29
N ILE A 123 1.00 3.57 12.49
CA ILE A 123 1.27 2.16 12.68
C ILE A 123 0.08 1.31 12.22
N LEU A 124 -1.08 1.54 12.82
CA LEU A 124 -2.28 0.80 12.46
C LEU A 124 -2.58 0.91 10.97
N LEU A 125 -2.48 2.13 10.44
CA LEU A 125 -2.74 2.37 9.03
C LEU A 125 -1.94 1.39 8.16
N ARG A 126 -0.62 1.46 8.28
CA ARG A 126 0.25 0.58 7.51
C ARG A 126 0.00 -0.89 7.85
N LEU A 127 -0.32 -1.14 9.10
CA LEU A 127 -0.60 -2.50 9.56
C LEU A 127 -1.70 -3.15 8.72
N TRP A 128 -2.92 -2.66 8.89
CA TRP A 128 -4.06 -3.20 8.16
C TRP A 128 -3.85 -3.06 6.65
N ARG A 129 -3.15 -1.99 6.25
CA ARG A 129 -2.87 -1.73 4.85
C ARG A 129 -2.05 -2.87 4.24
N VAL A 130 -0.76 -2.90 4.56
CA VAL A 130 0.13 -3.92 4.05
C VAL A 130 -0.43 -5.32 4.30
N ALA A 131 -1.14 -5.47 5.41
CA ALA A 131 -1.73 -6.75 5.78
C ALA A 131 -2.71 -7.22 4.71
N ARG A 132 -3.84 -6.53 4.59
CA ARG A 132 -4.86 -6.87 3.61
C ARG A 132 -4.25 -7.03 2.23
N ILE A 133 -3.34 -6.12 1.89
CA ILE A 133 -2.68 -6.16 0.58
C ILE A 133 -1.91 -7.46 0.39
N ILE A 134 -0.78 -7.57 1.06
CA ILE A 134 0.05 -8.78 0.97
C ILE A 134 -0.79 -10.03 1.20
N ASN A 135 -1.40 -10.13 2.37
CA ASN A 135 -2.23 -11.27 2.72
C ASN A 135 -3.24 -11.57 1.61
N GLY A 136 -3.76 -10.51 1.00
CA GLY A 136 -4.74 -10.67 -0.06
C GLY A 136 -4.15 -11.35 -1.29
N ILE A 137 -2.94 -10.94 -1.66
CA ILE A 137 -2.27 -11.52 -2.82
C ILE A 137 -1.88 -12.97 -2.57
N ILE A 138 -1.56 -13.29 -1.32
CA ILE A 138 -1.19 -14.64 -0.95
C ILE A 138 -2.39 -15.58 -0.98
N ILE A 139 -3.52 -15.09 -0.49
CA ILE A 139 -4.75 -15.88 -0.46
C ILE A 139 -5.35 -16.00 -1.85
N SER A 140 -5.10 -15.00 -2.70
CA SER A 140 -5.62 -14.99 -4.06
C SER A 140 -4.82 -15.93 -4.96
N VAL A 141 -3.52 -16.00 -4.72
CA VAL A 141 -2.63 -16.86 -5.49
C VAL A 141 -2.74 -18.32 -5.04
N LYS A 142 -2.86 -18.51 -3.74
CA LYS A 142 -2.97 -19.86 -3.18
C LYS A 142 -4.32 -20.47 -3.52
N THR A 143 -5.36 -19.65 -3.53
CA THR A 143 -6.70 -20.11 -3.84
C THR A 143 -6.86 -20.39 -5.33
N ARG A 144 -6.13 -19.63 -6.15
CA ARG A 144 -6.18 -19.79 -7.59
C ARG A 144 -5.00 -19.10 -8.26
N SER A 145 -4.39 -19.79 -9.22
CA SER A 145 -3.24 -19.24 -9.93
C SER A 145 -2.71 -20.23 -10.96
N GLU A 146 -2.01 -19.73 -11.97
CA GLU A 146 -1.46 -20.58 -13.02
C GLU A 146 -0.13 -21.18 -12.58
N ARG A 147 0.64 -20.42 -11.81
CA ARG A 147 1.94 -20.88 -11.32
C ARG A 147 2.80 -21.37 -12.48
N SER A 1 -15.40 -9.70 1.13
CA SER A 1 -16.73 -10.29 0.99
C SER A 1 -16.79 -11.20 -0.24
N HIS A 2 -17.66 -12.20 -0.19
CA HIS A 2 -17.82 -13.14 -1.29
C HIS A 2 -19.23 -13.09 -1.86
N MET A 3 -19.62 -11.92 -2.37
CA MET A 3 -20.95 -11.74 -2.94
C MET A 3 -20.87 -11.09 -4.31
N ARG A 4 -20.13 -9.99 -4.39
CA ARG A 4 -19.97 -9.27 -5.65
C ARG A 4 -18.53 -8.82 -5.85
N ALA A 5 -17.60 -9.75 -5.62
CA ALA A 5 -16.18 -9.47 -5.77
C ALA A 5 -15.71 -9.77 -7.19
N PRO A 6 -14.57 -9.19 -7.57
CA PRO A 6 -13.99 -9.39 -8.90
C PRO A 6 -13.44 -10.80 -9.09
N LEU A 7 -13.71 -11.38 -10.25
CA LEU A 7 -13.25 -12.74 -10.57
C LEU A 7 -12.38 -12.74 -11.82
N ASP A 8 -12.99 -12.50 -12.96
CA ASP A 8 -12.28 -12.48 -14.23
C ASP A 8 -11.13 -11.47 -14.18
N PHE A 9 -11.41 -10.29 -13.66
CA PHE A 9 -10.40 -9.24 -13.55
C PHE A 9 -9.18 -9.73 -12.77
N ARG A 10 -9.43 -10.36 -11.63
CA ARG A 10 -8.35 -10.87 -10.79
C ARG A 10 -7.52 -11.90 -11.55
N GLY A 11 -8.15 -12.59 -12.50
CA GLY A 11 -7.44 -13.59 -13.28
C GLY A 11 -6.55 -12.97 -14.33
N MET A 12 -7.10 -12.07 -15.12
CA MET A 12 -6.33 -11.40 -16.18
C MET A 12 -5.11 -10.69 -15.59
N LEU A 13 -5.31 -10.02 -14.46
CA LEU A 13 -4.24 -9.29 -13.81
C LEU A 13 -3.27 -10.26 -13.11
N ARG A 14 -3.82 -11.34 -12.57
CA ARG A 14 -3.01 -12.34 -11.89
C ARG A 14 -1.97 -12.94 -12.83
N LYS A 15 -2.42 -13.32 -14.02
CA LYS A 15 -1.53 -13.91 -15.01
C LYS A 15 -0.67 -12.83 -15.68
N LEU A 16 -1.25 -11.65 -15.86
CA LEU A 16 -0.53 -10.54 -16.48
C LEU A 16 0.75 -10.22 -15.73
N PHE A 17 0.64 -10.07 -14.41
CA PHE A 17 1.79 -9.76 -13.57
C PHE A 17 2.65 -11.01 -13.36
N SER A 18 2.01 -12.10 -12.97
CA SER A 18 2.71 -13.36 -12.73
C SER A 18 3.59 -13.73 -13.94
N SER A 19 3.09 -13.43 -15.13
CA SER A 19 3.83 -13.73 -16.36
C SER A 19 4.79 -12.61 -16.70
N HIS A 20 4.38 -11.37 -16.43
CA HIS A 20 5.20 -10.20 -16.72
C HIS A 20 6.55 -10.30 -16.02
N ARG A 21 6.53 -10.31 -14.69
CA ARG A 21 7.74 -10.41 -13.91
C ARG A 21 7.44 -10.82 -12.47
N PHE A 22 7.01 -12.07 -12.30
CA PHE A 22 6.67 -12.59 -10.97
C PHE A 22 7.85 -12.41 -10.02
N GLN A 23 9.04 -12.77 -10.48
CA GLN A 23 10.24 -12.66 -9.66
C GLN A 23 10.42 -11.23 -9.16
N VAL A 24 10.47 -10.28 -10.08
CA VAL A 24 10.63 -8.87 -9.72
C VAL A 24 9.62 -8.44 -8.66
N ILE A 25 8.35 -8.81 -8.89
CA ILE A 25 7.29 -8.46 -7.97
C ILE A 25 7.60 -8.96 -6.56
N ILE A 26 7.74 -10.28 -6.42
CA ILE A 26 8.05 -10.89 -5.14
C ILE A 26 9.27 -10.24 -4.50
N ILE A 27 10.40 -10.30 -5.19
CA ILE A 27 11.64 -9.72 -4.70
C ILE A 27 11.44 -8.27 -4.28
N CYS A 28 10.60 -7.56 -5.02
CA CYS A 28 10.31 -6.15 -4.71
C CYS A 28 9.50 -6.03 -3.43
N LEU A 29 8.62 -7.00 -3.19
CA LEU A 29 7.78 -6.99 -2.00
C LEU A 29 8.60 -7.29 -0.75
N VAL A 30 9.43 -8.34 -0.83
CA VAL A 30 10.26 -8.74 0.29
C VAL A 30 11.28 -7.65 0.62
N VAL A 31 11.89 -7.06 -0.41
CA VAL A 31 12.87 -6.01 -0.22
C VAL A 31 12.21 -4.73 0.27
N LEU A 32 10.98 -4.49 -0.18
CA LEU A 32 10.25 -3.30 0.22
C LEU A 32 9.92 -3.32 1.72
N ASP A 33 9.26 -4.39 2.14
CA ASP A 33 8.89 -4.54 3.55
C ASP A 33 10.13 -4.64 4.42
N ALA A 34 11.13 -5.38 3.96
CA ALA A 34 12.36 -5.55 4.70
C ALA A 34 13.06 -4.21 4.94
N LEU A 35 13.15 -3.41 3.88
CA LEU A 35 13.79 -2.10 3.98
C LEU A 35 13.02 -1.19 4.93
N LEU A 36 11.70 -1.15 4.78
CA LEU A 36 10.85 -0.31 5.63
C LEU A 36 11.02 -0.68 7.09
N VAL A 37 10.73 -1.94 7.41
CA VAL A 37 10.86 -2.42 8.79
C VAL A 37 12.25 -2.11 9.36
N LEU A 38 13.27 -2.59 8.66
CA LEU A 38 14.65 -2.37 9.09
C LEU A 38 14.92 -0.89 9.30
N ALA A 39 14.52 -0.07 8.34
CA ALA A 39 14.71 1.37 8.44
C ALA A 39 14.16 1.92 9.75
N GLU A 40 12.93 1.53 10.08
CA GLU A 40 12.29 1.98 11.31
C GLU A 40 13.06 1.51 12.53
N LEU A 41 13.49 0.26 12.51
CA LEU A 41 14.25 -0.31 13.62
C LEU A 41 15.49 0.52 13.92
N ILE A 42 16.34 0.71 12.91
CA ILE A 42 17.55 1.50 13.08
C ILE A 42 17.23 2.94 13.42
N LEU A 43 16.12 3.45 12.87
CA LEU A 43 15.70 4.82 13.12
C LEU A 43 15.51 5.07 14.61
N ASP A 44 14.68 4.24 15.24
CA ASP A 44 14.41 4.36 16.67
C ASP A 44 15.66 4.06 17.49
N LEU A 45 16.32 2.96 17.16
CA LEU A 45 17.53 2.54 17.87
C LEU A 45 18.59 3.63 17.81
N LYS A 46 18.59 4.38 16.71
CA LYS A 46 19.55 5.46 16.52
C LYS A 46 19.28 6.61 17.49
N ILE A 47 18.02 7.07 17.52
CA ILE A 47 17.64 8.16 18.40
C ILE A 47 16.35 7.82 19.14
N ILE A 48 16.50 7.31 20.36
CA ILE A 48 15.35 6.95 21.19
C ILE A 48 14.74 8.18 21.86
N GLN A 49 15.50 9.28 21.84
CA GLN A 49 15.03 10.53 22.45
C GLN A 49 13.74 11.01 21.80
N PRO A 50 12.95 11.76 22.57
CA PRO A 50 11.66 12.30 22.09
C PRO A 50 11.86 13.39 21.03
N ASP A 51 12.14 12.97 19.79
CA ASP A 51 12.34 13.90 18.69
C ASP A 51 11.49 13.51 17.49
N LYS A 52 10.17 13.51 17.67
CA LYS A 52 9.25 13.16 16.61
C LYS A 52 8.01 14.07 16.63
N ASN A 53 6.98 13.67 15.90
CA ASN A 53 5.74 14.44 15.84
C ASN A 53 5.98 15.79 15.17
N ASN A 54 6.88 15.80 14.18
CA ASN A 54 7.20 17.02 13.46
C ASN A 54 8.26 16.77 12.39
N TYR A 55 9.52 16.73 12.82
CA TYR A 55 10.62 16.49 11.89
C TYR A 55 10.73 15.00 11.54
N ALA A 56 10.95 14.17 12.56
CA ALA A 56 11.07 12.74 12.35
C ALA A 56 9.81 12.16 11.71
N ALA A 57 8.66 12.47 12.29
CA ALA A 57 7.39 11.99 11.77
C ALA A 57 7.21 12.38 10.30
N MET A 58 7.54 13.62 9.98
CA MET A 58 7.43 14.12 8.62
C MET A 58 8.26 13.28 7.65
N VAL A 59 9.54 13.13 7.98
CA VAL A 59 10.46 12.35 7.15
C VAL A 59 10.02 10.89 7.07
N PHE A 60 9.88 10.25 8.23
CA PHE A 60 9.48 8.86 8.30
C PHE A 60 8.19 8.63 7.51
N HIS A 61 7.19 9.45 7.77
CA HIS A 61 5.90 9.34 7.09
C HIS A 61 6.07 9.60 5.59
N TYR A 62 6.76 10.68 5.25
CA TYR A 62 6.99 11.04 3.85
C TYR A 62 7.57 9.86 3.08
N MET A 63 8.66 9.31 3.57
CA MET A 63 9.32 8.17 2.93
C MET A 63 8.39 6.97 2.89
N SER A 64 7.63 6.77 3.97
CA SER A 64 6.71 5.64 4.06
C SER A 64 5.60 5.77 3.01
N ILE A 65 4.74 6.76 3.17
CA ILE A 65 3.65 6.99 2.23
C ILE A 65 4.16 7.02 0.80
N THR A 66 5.35 7.59 0.61
CA THR A 66 5.94 7.69 -0.72
C THR A 66 6.16 6.30 -1.33
N ILE A 67 6.88 5.46 -0.61
CA ILE A 67 7.17 4.11 -1.08
C ILE A 67 5.89 3.27 -1.16
N LEU A 68 5.10 3.31 -0.08
CA LEU A 68 3.85 2.56 -0.03
C LEU A 68 2.96 2.91 -1.23
N VAL A 69 2.60 4.19 -1.33
CA VAL A 69 1.75 4.64 -2.41
C VAL A 69 2.38 4.37 -3.77
N PHE A 70 3.71 4.52 -3.84
CA PHE A 70 4.44 4.29 -5.08
C PHE A 70 4.16 2.89 -5.62
N PHE A 71 4.53 1.87 -4.85
CA PHE A 71 4.33 0.49 -5.25
C PHE A 71 2.85 0.21 -5.49
N MET A 72 2.00 0.73 -4.60
CA MET A 72 0.56 0.54 -4.72
C MET A 72 0.05 1.02 -6.07
N MET A 73 0.27 2.30 -6.35
CA MET A 73 -0.17 2.89 -7.62
C MET A 73 0.44 2.14 -8.81
N GLU A 74 1.69 1.71 -8.65
CA GLU A 74 2.38 0.99 -9.70
C GLU A 74 1.61 -0.27 -10.10
N ILE A 75 1.28 -1.08 -9.11
CA ILE A 75 0.54 -2.32 -9.36
C ILE A 75 -0.85 -2.02 -9.90
N ILE A 76 -1.62 -1.24 -9.16
CA ILE A 76 -2.97 -0.88 -9.57
C ILE A 76 -2.98 -0.34 -10.99
N PHE A 77 -2.27 0.76 -11.20
CA PHE A 77 -2.19 1.39 -12.52
C PHE A 77 -1.81 0.37 -13.58
N LYS A 78 -0.74 -0.38 -13.31
CA LYS A 78 -0.27 -1.40 -14.25
C LYS A 78 -1.41 -2.33 -14.67
N LEU A 79 -2.23 -2.71 -13.71
CA LEU A 79 -3.36 -3.60 -13.97
C LEU A 79 -4.61 -2.81 -14.28
N PHE A 80 -4.68 -2.24 -15.48
CA PHE A 80 -5.83 -1.45 -15.89
C PHE A 80 -7.12 -2.27 -15.80
N VAL A 81 -8.24 -1.60 -15.57
CA VAL A 81 -9.52 -2.26 -15.46
C VAL A 81 -10.09 -2.60 -16.84
N PHE A 82 -11.14 -3.41 -16.86
CA PHE A 82 -11.77 -3.81 -18.12
C PHE A 82 -12.12 -2.59 -18.97
N ARG A 83 -11.60 -2.57 -20.20
CA ARG A 83 -11.86 -1.47 -21.10
C ARG A 83 -13.34 -1.38 -21.45
N LEU A 84 -13.97 -2.54 -21.64
CA LEU A 84 -15.39 -2.58 -21.98
C LEU A 84 -16.24 -2.81 -20.73
N GLU A 85 -16.56 -1.73 -20.04
CA GLU A 85 -17.36 -1.82 -18.82
C GLU A 85 -18.41 -0.70 -18.79
N PHE A 86 -19.48 -0.92 -18.03
CA PHE A 86 -20.55 0.06 -17.92
C PHE A 86 -20.01 1.40 -17.45
N PHE A 87 -19.18 1.37 -16.41
CA PHE A 87 -18.59 2.58 -15.86
C PHE A 87 -17.22 2.30 -15.25
N HIS A 88 -16.44 3.35 -15.05
CA HIS A 88 -15.11 3.22 -14.47
C HIS A 88 -15.16 2.46 -13.15
N HIS A 89 -14.21 1.56 -12.96
CA HIS A 89 -14.15 0.76 -11.74
C HIS A 89 -14.15 1.65 -10.50
N LYS A 90 -15.01 1.32 -9.54
CA LYS A 90 -15.11 2.10 -8.31
C LYS A 90 -13.88 1.90 -7.44
N PHE A 91 -13.35 0.68 -7.44
CA PHE A 91 -12.16 0.36 -6.64
C PHE A 91 -11.00 1.26 -7.03
N GLU A 92 -10.76 1.39 -8.33
CA GLU A 92 -9.67 2.22 -8.84
C GLU A 92 -9.74 3.62 -8.25
N ILE A 93 -10.88 4.29 -8.44
CA ILE A 93 -11.08 5.63 -7.93
C ILE A 93 -11.01 5.66 -6.41
N LEU A 94 -11.53 4.62 -5.78
CA LEU A 94 -11.52 4.52 -4.32
C LEU A 94 -10.10 4.61 -3.77
N ASP A 95 -9.21 3.79 -4.31
CA ASP A 95 -7.82 3.77 -3.88
C ASP A 95 -7.24 5.18 -3.89
N ALA A 96 -7.39 5.87 -5.02
CA ALA A 96 -6.88 7.23 -5.16
C ALA A 96 -7.35 8.11 -4.00
N VAL A 97 -8.66 8.15 -3.80
CA VAL A 97 -9.24 8.97 -2.73
C VAL A 97 -8.72 8.53 -1.36
N VAL A 98 -8.57 7.22 -1.19
CA VAL A 98 -8.08 6.68 0.07
C VAL A 98 -6.62 7.06 0.31
N VAL A 99 -5.86 7.15 -0.77
CA VAL A 99 -4.45 7.51 -0.69
C VAL A 99 -4.28 8.98 -0.31
N VAL A 100 -4.94 9.86 -1.05
CA VAL A 100 -4.87 11.29 -0.80
C VAL A 100 -5.33 11.62 0.61
N VAL A 101 -6.45 11.01 1.02
CA VAL A 101 -7.00 11.23 2.35
C VAL A 101 -6.10 10.64 3.43
N SER A 102 -5.44 9.53 3.10
CA SER A 102 -4.56 8.86 4.03
C SER A 102 -3.37 9.75 4.39
N PHE A 103 -2.67 10.23 3.36
CA PHE A 103 -1.50 11.09 3.56
C PHE A 103 -1.90 12.39 4.24
N ILE A 104 -2.95 13.03 3.72
CA ILE A 104 -3.43 14.28 4.28
C ILE A 104 -3.82 14.12 5.75
N LEU A 105 -4.71 13.18 6.02
CA LEU A 105 -5.16 12.92 7.38
C LEU A 105 -3.99 12.58 8.28
N ASP A 106 -3.00 11.89 7.73
CA ASP A 106 -1.81 11.51 8.50
C ASP A 106 -1.07 12.74 9.00
N ILE A 107 -0.69 13.62 8.07
CA ILE A 107 0.03 14.83 8.43
C ILE A 107 -0.85 15.78 9.25
N VAL A 108 -2.11 15.90 8.85
CA VAL A 108 -3.05 16.75 9.54
C VAL A 108 -3.12 16.41 11.02
N LEU A 109 -3.37 15.15 11.33
CA LEU A 109 -3.47 14.69 12.70
C LEU A 109 -2.10 14.71 13.38
N LEU A 110 -1.05 14.47 12.58
CA LEU A 110 0.32 14.46 13.11
C LEU A 110 0.64 15.78 13.80
N PHE A 111 0.37 16.89 13.13
CA PHE A 111 0.63 18.21 13.68
C PHE A 111 -0.49 18.64 14.62
N GLN A 112 -1.68 18.08 14.41
CA GLN A 112 -2.83 18.40 15.24
C GLN A 112 -2.49 18.28 16.72
N GLU A 113 -2.31 17.06 17.19
CA GLU A 113 -1.98 16.81 18.58
C GLU A 113 -0.47 16.91 18.81
N HIS A 114 0.30 16.60 17.78
CA HIS A 114 1.76 16.66 17.86
C HIS A 114 2.28 15.63 18.85
N GLN A 115 1.58 14.50 18.95
CA GLN A 115 1.98 13.43 19.86
C GLN A 115 2.26 12.13 19.09
N PHE A 116 2.60 11.08 19.82
CA PHE A 116 2.88 9.79 19.22
C PHE A 116 1.75 9.36 18.29
N GLU A 117 0.55 9.84 18.57
CA GLU A 117 -0.62 9.51 17.76
C GLU A 117 -0.30 9.62 16.27
N ALA A 118 0.56 10.57 15.92
CA ALA A 118 0.96 10.79 14.53
C ALA A 118 1.42 9.48 13.90
N LEU A 119 2.39 8.83 14.53
CA LEU A 119 2.92 7.57 14.02
C LEU A 119 1.80 6.58 13.72
N GLY A 120 0.80 6.55 14.60
CA GLY A 120 -0.33 5.65 14.42
C GLY A 120 -0.94 5.77 13.03
N LEU A 121 -1.21 6.99 12.61
CA LEU A 121 -1.80 7.25 11.30
C LEU A 121 -1.02 6.53 10.20
N LEU A 122 0.30 6.55 10.30
CA LEU A 122 1.16 5.90 9.33
C LEU A 122 1.01 4.39 9.39
N ILE A 123 1.08 3.85 10.60
CA ILE A 123 0.95 2.41 10.80
C ILE A 123 -0.32 1.87 10.14
N LEU A 124 -1.46 2.40 10.55
CA LEU A 124 -2.75 1.98 10.00
C LEU A 124 -2.77 2.16 8.48
N LEU A 125 -2.28 3.30 8.02
CA LEU A 125 -2.24 3.60 6.59
C LEU A 125 -1.60 2.45 5.82
N ARG A 126 -0.33 2.18 6.13
CA ARG A 126 0.41 1.10 5.47
C ARG A 126 -0.31 -0.24 5.64
N LEU A 127 -0.91 -0.43 6.81
CA LEU A 127 -1.62 -1.66 7.12
C LEU A 127 -2.75 -1.90 6.11
N TRP A 128 -3.59 -0.90 5.93
CA TRP A 128 -4.71 -0.99 5.00
C TRP A 128 -4.21 -1.23 3.58
N ARG A 129 -3.22 -0.44 3.17
CA ARG A 129 -2.65 -0.57 1.83
C ARG A 129 -2.15 -1.98 1.58
N VAL A 130 -1.08 -2.36 2.27
CA VAL A 130 -0.50 -3.68 2.12
C VAL A 130 -1.56 -4.77 2.27
N ALA A 131 -2.56 -4.50 3.12
CA ALA A 131 -3.64 -5.45 3.35
C ALA A 131 -4.40 -5.75 2.06
N ARG A 132 -5.12 -4.76 1.56
CA ARG A 132 -5.88 -4.92 0.33
C ARG A 132 -5.00 -5.46 -0.80
N ILE A 133 -3.87 -4.80 -1.02
CA ILE A 133 -2.95 -5.20 -2.07
C ILE A 133 -2.59 -6.68 -1.94
N ILE A 134 -1.83 -7.01 -0.90
CA ILE A 134 -1.41 -8.39 -0.66
C ILE A 134 -2.61 -9.33 -0.71
N ASN A 135 -3.59 -9.09 0.16
CA ASN A 135 -4.79 -9.93 0.21
C ASN A 135 -5.39 -10.10 -1.18
N GLY A 136 -5.19 -9.11 -2.03
CA GLY A 136 -5.71 -9.17 -3.39
C GLY A 136 -4.94 -10.14 -4.26
N ILE A 137 -3.62 -10.01 -4.27
CA ILE A 137 -2.77 -10.87 -5.08
C ILE A 137 -2.81 -12.31 -4.56
N ILE A 138 -2.91 -12.46 -3.24
CA ILE A 138 -2.97 -13.79 -2.63
C ILE A 138 -4.29 -14.48 -2.93
N ILE A 139 -5.40 -13.77 -2.67
CA ILE A 139 -6.72 -14.33 -2.91
C ILE A 139 -6.94 -14.57 -4.40
N SER A 140 -6.32 -13.76 -5.23
CA SER A 140 -6.45 -13.89 -6.68
C SER A 140 -5.61 -15.05 -7.21
N VAL A 141 -4.45 -15.26 -6.58
CA VAL A 141 -3.55 -16.34 -6.97
C VAL A 141 -4.05 -17.69 -6.45
N LYS A 142 -4.47 -17.70 -5.19
CA LYS A 142 -4.97 -18.93 -4.56
C LYS A 142 -6.27 -19.38 -5.22
N THR A 143 -7.11 -18.42 -5.57
CA THR A 143 -8.39 -18.72 -6.20
C THR A 143 -8.20 -19.17 -7.66
N ARG A 144 -7.15 -18.65 -8.28
CA ARG A 144 -6.84 -18.99 -9.68
C ARG A 144 -5.42 -19.52 -9.81
N SER A 145 -5.26 -20.82 -9.67
CA SER A 145 -3.94 -21.44 -9.78
C SER A 145 -4.06 -22.96 -9.81
N GLU A 146 -4.36 -23.55 -8.66
CA GLU A 146 -4.51 -25.01 -8.56
C GLU A 146 -5.88 -25.45 -9.07
N ARG A 147 -6.89 -24.63 -8.83
CA ARG A 147 -8.24 -24.94 -9.26
C ARG A 147 -8.58 -24.24 -10.57
N SER A 1 -16.47 -37.72 -27.51
CA SER A 1 -15.56 -36.97 -28.34
C SER A 1 -16.29 -35.83 -29.07
N HIS A 2 -16.78 -34.87 -28.30
CA HIS A 2 -17.50 -33.73 -28.86
C HIS A 2 -17.51 -32.55 -27.89
N MET A 3 -16.33 -31.99 -27.66
CA MET A 3 -16.20 -30.85 -26.75
C MET A 3 -14.76 -30.36 -26.70
N ARG A 4 -14.51 -29.35 -25.86
CA ARG A 4 -13.17 -28.78 -25.72
C ARG A 4 -12.66 -28.97 -24.30
N ALA A 5 -13.17 -28.16 -23.38
CA ALA A 5 -12.77 -28.22 -21.98
C ALA A 5 -11.25 -28.16 -21.85
N PRO A 6 -10.69 -26.96 -22.04
CA PRO A 6 -9.24 -26.74 -21.94
C PRO A 6 -8.73 -26.87 -20.51
N LEU A 7 -7.43 -27.15 -20.37
CA LEU A 7 -6.82 -27.31 -19.06
C LEU A 7 -5.35 -26.90 -19.10
N ASP A 8 -4.54 -27.71 -19.77
CA ASP A 8 -3.11 -27.45 -19.89
C ASP A 8 -2.87 -26.02 -20.38
N PHE A 9 -3.72 -25.55 -21.29
CA PHE A 9 -3.58 -24.21 -21.83
C PHE A 9 -3.96 -23.16 -20.79
N ARG A 10 -5.14 -23.30 -20.21
CA ARG A 10 -5.62 -22.36 -19.20
C ARG A 10 -4.59 -22.19 -18.10
N GLY A 11 -3.92 -23.29 -17.74
CA GLY A 11 -2.91 -23.23 -16.70
C GLY A 11 -1.73 -22.36 -17.07
N MET A 12 -1.28 -22.48 -18.31
CA MET A 12 -0.15 -21.69 -18.80
C MET A 12 -0.51 -20.22 -18.86
N LEU A 13 -1.73 -19.93 -19.26
CA LEU A 13 -2.20 -18.55 -19.37
C LEU A 13 -2.26 -17.88 -17.99
N ARG A 14 -2.95 -18.53 -17.06
CA ARG A 14 -3.08 -18.00 -15.70
C ARG A 14 -1.71 -17.86 -15.05
N LYS A 15 -0.89 -18.89 -15.17
CA LYS A 15 0.46 -18.88 -14.59
C LYS A 15 1.33 -17.80 -15.24
N LEU A 16 1.13 -17.60 -16.54
CA LEU A 16 1.90 -16.61 -17.28
C LEU A 16 1.59 -15.21 -16.78
N PHE A 17 0.32 -14.81 -16.87
CA PHE A 17 -0.11 -13.49 -16.42
C PHE A 17 0.18 -13.30 -14.94
N SER A 18 -0.26 -14.25 -14.13
CA SER A 18 -0.04 -14.19 -12.69
C SER A 18 1.43 -13.97 -12.36
N SER A 19 2.29 -14.85 -12.88
CA SER A 19 3.72 -14.76 -12.65
C SER A 19 4.25 -13.38 -13.04
N HIS A 20 3.84 -12.92 -14.23
CA HIS A 20 4.28 -11.62 -14.73
C HIS A 20 3.94 -10.51 -13.73
N ARG A 21 2.64 -10.26 -13.55
CA ARG A 21 2.19 -9.22 -12.63
C ARG A 21 2.81 -9.42 -11.24
N PHE A 22 2.98 -10.68 -10.86
CA PHE A 22 3.55 -11.00 -9.56
C PHE A 22 4.89 -10.29 -9.36
N GLN A 23 5.84 -10.59 -10.24
CA GLN A 23 7.16 -9.98 -10.17
C GLN A 23 7.06 -8.46 -10.06
N VAL A 24 6.06 -7.90 -10.74
CA VAL A 24 5.85 -6.45 -10.72
C VAL A 24 5.50 -5.96 -9.32
N ILE A 25 4.36 -6.40 -8.81
CA ILE A 25 3.92 -6.01 -7.48
C ILE A 25 4.97 -6.33 -6.43
N ILE A 26 5.70 -7.43 -6.63
CA ILE A 26 6.74 -7.84 -5.71
C ILE A 26 7.94 -6.90 -5.78
N ILE A 27 8.64 -6.92 -6.91
CA ILE A 27 9.80 -6.06 -7.10
C ILE A 27 9.47 -4.61 -6.78
N CYS A 28 8.28 -4.17 -7.18
CA CYS A 28 7.85 -2.80 -6.93
C CYS A 28 7.67 -2.55 -5.43
N LEU A 29 6.95 -3.44 -4.77
CA LEU A 29 6.70 -3.32 -3.34
C LEU A 29 8.01 -3.39 -2.56
N VAL A 30 8.93 -4.22 -3.02
CA VAL A 30 10.22 -4.37 -2.36
C VAL A 30 11.05 -3.10 -2.46
N VAL A 31 11.18 -2.58 -3.69
CA VAL A 31 11.95 -1.36 -3.91
C VAL A 31 11.37 -0.19 -3.12
N LEU A 32 10.08 0.03 -3.26
CA LEU A 32 9.40 1.12 -2.55
C LEU A 32 9.54 0.96 -1.04
N ASP A 33 9.05 -0.17 -0.52
CA ASP A 33 9.13 -0.45 0.91
C ASP A 33 10.56 -0.29 1.41
N ALA A 34 11.51 -0.83 0.66
CA ALA A 34 12.92 -0.75 1.03
C ALA A 34 13.36 0.70 1.19
N LEU A 35 13.04 1.53 0.21
CA LEU A 35 13.40 2.95 0.24
C LEU A 35 12.80 3.63 1.47
N LEU A 36 11.50 3.44 1.67
CA LEU A 36 10.81 4.04 2.80
C LEU A 36 11.40 3.56 4.12
N VAL A 37 11.36 2.25 4.33
CA VAL A 37 11.89 1.65 5.55
C VAL A 37 13.32 2.10 5.80
N LEU A 38 14.16 1.97 4.79
CA LEU A 38 15.56 2.38 4.90
C LEU A 38 15.68 3.80 5.42
N ALA A 39 15.03 4.73 4.74
CA ALA A 39 15.05 6.13 5.13
C ALA A 39 14.64 6.30 6.58
N GLU A 40 13.55 5.64 6.97
CA GLU A 40 13.06 5.72 8.33
C GLU A 40 14.09 5.19 9.32
N LEU A 41 14.82 4.16 8.92
CA LEU A 41 15.84 3.55 9.76
C LEU A 41 16.99 4.53 10.02
N ILE A 42 17.59 5.02 8.95
CA ILE A 42 18.69 5.97 9.05
C ILE A 42 18.25 7.24 9.78
N LEU A 43 17.01 7.63 9.57
CA LEU A 43 16.47 8.82 10.21
C LEU A 43 16.24 8.60 11.70
N ASP A 44 15.45 7.57 12.02
CA ASP A 44 15.16 7.25 13.41
C ASP A 44 16.44 6.95 14.18
N LEU A 45 17.30 6.13 13.60
CA LEU A 45 18.57 5.77 14.23
C LEU A 45 19.34 7.00 14.66
N LYS A 46 19.39 7.99 13.77
CA LYS A 46 20.11 9.24 14.06
C LYS A 46 19.58 9.87 15.35
N ILE A 47 18.30 9.68 15.63
CA ILE A 47 17.68 10.23 16.82
C ILE A 47 18.09 9.44 18.05
N ILE A 48 18.38 8.16 17.87
CA ILE A 48 18.78 7.29 18.97
C ILE A 48 17.60 6.97 19.87
N GLN A 49 17.01 7.99 20.47
CA GLN A 49 15.87 7.81 21.35
C GLN A 49 14.72 8.74 20.96
N PRO A 50 13.49 8.32 21.29
CA PRO A 50 12.28 9.09 20.98
C PRO A 50 12.18 10.37 21.82
N ASP A 51 12.41 11.50 21.18
CA ASP A 51 12.34 12.79 21.86
C ASP A 51 11.26 13.68 21.24
N LYS A 52 11.21 13.70 19.91
CA LYS A 52 10.22 14.51 19.21
C LYS A 52 8.81 14.21 19.72
N ASN A 53 8.27 13.07 19.32
CA ASN A 53 6.94 12.67 19.74
C ASN A 53 5.91 13.71 19.35
N ASN A 54 6.03 14.23 18.12
CA ASN A 54 5.11 15.24 17.63
C ASN A 54 5.47 15.65 16.21
N TYR A 55 6.65 16.25 16.06
CA TYR A 55 7.11 16.70 14.74
C TYR A 55 7.58 15.51 13.90
N ALA A 56 8.55 14.76 14.43
CA ALA A 56 9.08 13.60 13.73
C ALA A 56 7.97 12.67 13.27
N ALA A 57 7.09 12.29 14.20
CA ALA A 57 5.97 11.41 13.89
C ALA A 57 5.04 12.05 12.87
N MET A 58 4.79 13.35 13.03
CA MET A 58 3.91 14.07 12.12
C MET A 58 4.37 13.92 10.68
N VAL A 59 5.64 14.24 10.42
CA VAL A 59 6.20 14.13 9.08
C VAL A 59 6.21 12.69 8.61
N PHE A 60 6.77 11.80 9.42
CA PHE A 60 6.84 10.39 9.08
C PHE A 60 5.47 9.85 8.68
N HIS A 61 4.48 10.10 9.53
CA HIS A 61 3.11 9.65 9.27
C HIS A 61 2.58 10.24 7.97
N TYR A 62 2.69 11.55 7.84
CA TYR A 62 2.22 12.24 6.64
C TYR A 62 2.77 11.59 5.38
N MET A 63 4.08 11.35 5.37
CA MET A 63 4.73 10.73 4.22
C MET A 63 4.15 9.34 3.96
N SER A 64 4.08 8.52 4.99
CA SER A 64 3.54 7.16 4.87
C SER A 64 2.16 7.19 4.21
N ILE A 65 1.30 8.06 4.70
CA ILE A 65 -0.05 8.18 4.16
C ILE A 65 -0.02 8.56 2.69
N THR A 66 0.76 9.59 2.36
CA THR A 66 0.87 10.06 0.98
C THR A 66 1.24 8.91 0.04
N ILE A 67 2.23 8.11 0.45
CA ILE A 67 2.67 6.98 -0.35
C ILE A 67 1.57 5.92 -0.47
N LEU A 68 0.92 5.61 0.64
CA LEU A 68 -0.15 4.63 0.65
C LEU A 68 -1.21 4.97 -0.38
N VAL A 69 -1.79 6.16 -0.26
CA VAL A 69 -2.82 6.61 -1.19
C VAL A 69 -2.30 6.62 -2.63
N PHE A 70 -1.13 7.22 -2.82
CA PHE A 70 -0.53 7.31 -4.15
C PHE A 70 -0.45 5.93 -4.79
N PHE A 71 0.19 4.98 -4.10
CA PHE A 71 0.33 3.62 -4.60
C PHE A 71 -1.03 3.01 -4.92
N MET A 72 -1.98 3.22 -4.02
CA MET A 72 -3.33 2.68 -4.21
C MET A 72 -3.90 3.12 -5.56
N MET A 73 -4.00 4.43 -5.77
CA MET A 73 -4.53 4.96 -7.01
C MET A 73 -3.73 4.43 -8.21
N GLU A 74 -2.42 4.37 -8.06
CA GLU A 74 -1.55 3.88 -9.14
C GLU A 74 -1.99 2.49 -9.60
N ILE A 75 -2.17 1.59 -8.65
CA ILE A 75 -2.58 0.23 -8.97
C ILE A 75 -3.98 0.21 -9.58
N ILE A 76 -4.95 0.79 -8.87
CA ILE A 76 -6.32 0.83 -9.35
C ILE A 76 -6.39 1.41 -10.75
N PHE A 77 -5.54 2.39 -11.03
CA PHE A 77 -5.51 3.03 -12.34
C PHE A 77 -4.98 2.07 -13.40
N LYS A 78 -3.76 1.59 -13.21
CA LYS A 78 -3.15 0.65 -14.14
C LYS A 78 -1.81 0.16 -13.61
N LEU A 79 -1.83 -0.45 -12.44
CA LEU A 79 -0.61 -0.97 -11.82
C LEU A 79 0.31 0.16 -11.38
N PHE A 80 0.97 0.79 -12.35
CA PHE A 80 1.87 1.89 -12.07
C PHE A 80 1.56 3.10 -12.95
N VAL A 81 1.85 4.29 -12.43
CA VAL A 81 1.60 5.52 -13.17
C VAL A 81 2.08 6.74 -12.39
N PHE A 82 2.59 7.73 -13.11
CA PHE A 82 3.09 8.95 -12.49
C PHE A 82 2.10 10.09 -12.66
N ARG A 83 1.73 10.73 -11.56
CA ARG A 83 0.79 11.85 -11.59
C ARG A 83 0.66 12.49 -10.21
N LEU A 84 0.30 13.77 -10.19
CA LEU A 84 0.15 14.50 -8.95
C LEU A 84 -1.33 14.67 -8.59
N GLU A 85 -2.13 13.64 -8.90
CA GLU A 85 -3.55 13.68 -8.61
C GLU A 85 -4.20 14.93 -9.21
N PHE A 86 -4.65 14.81 -10.44
CA PHE A 86 -5.30 15.94 -11.13
C PHE A 86 -6.81 15.81 -11.09
N PHE A 87 -7.30 14.59 -11.32
CA PHE A 87 -8.73 14.32 -11.30
C PHE A 87 -9.03 12.94 -10.76
N HIS A 88 -9.70 12.87 -9.61
CA HIS A 88 -10.04 11.61 -8.98
C HIS A 88 -11.52 11.28 -9.18
N HIS A 89 -11.85 10.00 -9.20
CA HIS A 89 -13.23 9.57 -9.37
C HIS A 89 -14.00 9.65 -8.05
N LYS A 90 -15.24 9.19 -8.07
CA LYS A 90 -16.09 9.21 -6.88
C LYS A 90 -15.65 8.15 -5.88
N PHE A 91 -15.60 6.91 -6.34
CA PHE A 91 -15.19 5.79 -5.48
C PHE A 91 -13.85 6.08 -4.82
N GLU A 92 -13.01 6.85 -5.51
CA GLU A 92 -11.69 7.21 -4.99
C GLU A 92 -11.79 7.74 -3.56
N ILE A 93 -12.89 8.44 -3.28
CA ILE A 93 -13.11 9.02 -1.96
C ILE A 93 -12.91 7.98 -0.86
N LEU A 94 -13.24 6.73 -1.19
CA LEU A 94 -13.09 5.63 -0.23
C LEU A 94 -11.68 5.61 0.36
N ASP A 95 -10.69 5.41 -0.50
CA ASP A 95 -9.30 5.36 -0.06
C ASP A 95 -8.95 6.60 0.76
N ALA A 96 -9.34 7.76 0.26
CA ALA A 96 -9.07 9.02 0.95
C ALA A 96 -9.61 8.99 2.38
N VAL A 97 -10.90 8.73 2.52
CA VAL A 97 -11.54 8.67 3.82
C VAL A 97 -10.82 7.68 4.74
N VAL A 98 -10.37 6.57 4.16
CA VAL A 98 -9.67 5.54 4.93
C VAL A 98 -8.40 6.10 5.56
N VAL A 99 -7.49 6.60 4.71
CA VAL A 99 -6.23 7.16 5.19
C VAL A 99 -6.48 8.34 6.12
N VAL A 100 -7.61 9.02 5.93
CA VAL A 100 -7.97 10.17 6.75
C VAL A 100 -8.22 9.75 8.19
N VAL A 101 -9.22 8.88 8.39
CA VAL A 101 -9.56 8.41 9.71
C VAL A 101 -8.39 7.69 10.37
N SER A 102 -7.69 6.88 9.57
CA SER A 102 -6.55 6.13 10.07
C SER A 102 -5.44 7.07 10.55
N PHE A 103 -5.05 8.00 9.69
CA PHE A 103 -4.01 8.96 10.02
C PHE A 103 -4.35 9.72 11.30
N ILE A 104 -5.60 10.16 11.40
CA ILE A 104 -6.05 10.90 12.57
C ILE A 104 -5.90 10.07 13.84
N LEU A 105 -6.33 8.82 13.77
CA LEU A 105 -6.24 7.91 14.91
C LEU A 105 -4.79 7.76 15.37
N ASP A 106 -3.88 7.63 14.41
CA ASP A 106 -2.46 7.47 14.72
C ASP A 106 -1.94 8.68 15.48
N ILE A 107 -2.08 9.87 14.87
CA ILE A 107 -1.62 11.10 15.49
C ILE A 107 -2.32 11.34 16.83
N VAL A 108 -3.62 11.07 16.85
CA VAL A 108 -4.42 11.26 18.06
C VAL A 108 -3.87 10.43 19.22
N LEU A 109 -3.51 9.18 18.92
CA LEU A 109 -2.96 8.29 19.94
C LEU A 109 -1.58 8.76 20.40
N LEU A 110 -0.81 9.30 19.47
CA LEU A 110 0.52 9.80 19.79
C LEU A 110 0.46 10.92 20.82
N PHE A 111 -0.40 11.90 20.57
CA PHE A 111 -0.55 13.03 21.48
C PHE A 111 -1.33 12.62 22.73
N GLN A 112 -2.16 11.60 22.59
CA GLN A 112 -2.96 11.10 23.70
C GLN A 112 -2.12 10.97 24.96
N GLU A 113 -1.21 10.01 24.96
CA GLU A 113 -0.33 9.77 26.10
C GLU A 113 0.63 8.63 25.83
N HIS A 114 0.16 7.63 25.08
CA HIS A 114 0.99 6.48 24.75
C HIS A 114 1.98 6.82 23.64
N GLN A 115 2.82 7.82 23.89
CA GLN A 115 3.82 8.24 22.92
C GLN A 115 4.70 7.07 22.50
N PHE A 116 5.50 7.28 21.47
CA PHE A 116 6.40 6.24 20.98
C PHE A 116 5.62 5.12 20.30
N GLU A 117 4.88 4.35 21.10
CA GLU A 117 4.10 3.24 20.58
C GLU A 117 3.16 3.72 19.47
N ALA A 118 2.82 5.00 19.51
CA ALA A 118 1.93 5.57 18.50
C ALA A 118 2.36 5.19 17.09
N LEU A 119 3.67 5.14 16.88
CA LEU A 119 4.21 4.78 15.57
C LEU A 119 3.56 3.51 15.03
N GLY A 120 3.26 2.58 15.94
CA GLY A 120 2.62 1.34 15.53
C GLY A 120 1.39 1.56 14.68
N LEU A 121 0.55 2.50 15.09
CA LEU A 121 -0.67 2.80 14.36
C LEU A 121 -0.38 3.00 12.88
N LEU A 122 0.61 3.82 12.57
CA LEU A 122 0.99 4.09 11.19
C LEU A 122 1.54 2.83 10.53
N ILE A 123 2.28 2.04 11.30
CA ILE A 123 2.87 0.81 10.79
C ILE A 123 1.79 -0.19 10.38
N LEU A 124 0.93 -0.55 11.32
CA LEU A 124 -0.15 -1.49 11.05
C LEU A 124 -1.01 -1.01 9.88
N LEU A 125 -1.23 0.29 9.81
CA LEU A 125 -2.04 0.87 8.75
C LEU A 125 -1.38 0.63 7.39
N ARG A 126 -0.09 0.93 7.30
CA ARG A 126 0.66 0.75 6.05
C ARG A 126 0.58 -0.70 5.59
N LEU A 127 0.85 -1.63 6.51
CA LEU A 127 0.82 -3.05 6.19
C LEU A 127 -0.60 -3.50 5.83
N TRP A 128 -1.53 -3.29 6.75
CA TRP A 128 -2.92 -3.67 6.52
C TRP A 128 -3.44 -3.11 5.21
N ARG A 129 -3.15 -1.83 4.97
CA ARG A 129 -3.59 -1.16 3.75
C ARG A 129 -3.00 -1.84 2.51
N VAL A 130 -1.66 -1.79 2.40
CA VAL A 130 -0.98 -2.39 1.27
C VAL A 130 -1.43 -3.83 1.06
N ALA A 131 -1.26 -4.66 2.10
CA ALA A 131 -1.65 -6.06 2.02
C ALA A 131 -3.07 -6.21 1.51
N ARG A 132 -3.97 -5.38 2.01
CA ARG A 132 -5.38 -5.43 1.60
C ARG A 132 -5.50 -5.17 0.11
N ILE A 133 -4.87 -4.10 -0.37
CA ILE A 133 -4.91 -3.75 -1.79
C ILE A 133 -4.47 -4.92 -2.66
N ILE A 134 -3.23 -5.35 -2.48
CA ILE A 134 -2.68 -6.46 -3.24
C ILE A 134 -3.54 -7.71 -3.08
N ASN A 135 -3.69 -8.17 -1.84
CA ASN A 135 -4.47 -9.36 -1.55
C ASN A 135 -5.86 -9.26 -2.20
N GLY A 136 -6.33 -8.02 -2.37
CA GLY A 136 -7.64 -7.82 -2.99
C GLY A 136 -7.63 -8.06 -4.48
N ILE A 137 -6.65 -7.46 -5.17
CA ILE A 137 -6.54 -7.62 -6.61
C ILE A 137 -6.15 -9.06 -6.98
N ILE A 138 -5.36 -9.68 -6.13
CA ILE A 138 -4.92 -11.05 -6.36
C ILE A 138 -6.06 -12.05 -6.16
N ILE A 139 -6.74 -11.94 -5.02
CA ILE A 139 -7.86 -12.81 -4.70
C ILE A 139 -9.02 -12.59 -5.68
N SER A 140 -9.16 -11.36 -6.15
CA SER A 140 -10.23 -11.02 -7.08
C SER A 140 -9.89 -11.50 -8.49
N VAL A 141 -8.60 -11.48 -8.83
CA VAL A 141 -8.14 -11.91 -10.14
C VAL A 141 -8.14 -13.43 -10.24
N LYS A 142 -7.64 -14.09 -9.20
CA LYS A 142 -7.57 -15.54 -9.17
C LYS A 142 -8.97 -16.14 -9.09
N THR A 143 -9.85 -15.50 -8.33
CA THR A 143 -11.22 -15.97 -8.17
C THR A 143 -12.04 -15.73 -9.43
N ARG A 144 -11.69 -14.68 -10.16
CA ARG A 144 -12.39 -14.34 -11.40
C ARG A 144 -11.41 -14.11 -12.54
N SER A 145 -10.92 -15.20 -13.13
CA SER A 145 -9.97 -15.12 -14.22
C SER A 145 -10.57 -15.68 -15.50
N GLU A 146 -11.85 -15.39 -15.72
CA GLU A 146 -12.55 -15.87 -16.91
C GLU A 146 -14.00 -15.40 -16.92
N ARG A 147 -14.60 -15.33 -15.74
CA ARG A 147 -15.99 -14.89 -15.60
C ARG A 147 -16.22 -14.24 -14.25
#